data_9NHO
#
_entry.id   9NHO
#
_cell.length_a   1.00
_cell.length_b   1.00
_cell.length_c   1.00
_cell.angle_alpha   90.00
_cell.angle_beta   90.00
_cell.angle_gamma   90.00
#
_symmetry.space_group_name_H-M   'P 1'
#
loop_
_entity.id
_entity.type
_entity.pdbx_description
1 polymer 'V1V2V3-5 pAb Heavy Chain'
2 polymer 'V1V2V3-5 pAb Light Chain'
3 polymer 'BG505-CH505 Envelope glycoprotein gp120'
4 polymer 'BG505-CH505 Transmembrane protein gp41'
5 branched 2-acetamido-2-deoxy-beta-D-glucopyranose-(1-4)-2-acetamido-2-deoxy-beta-D-glucopyranose-(1-4)-2-acetamido-2-deoxy-beta-D-glucopyranose
6 branched beta-D-mannopyranose-(1-4)-2-acetamido-2-deoxy-beta-D-glucopyranose-(1-4)-2-acetamido-2-deoxy-beta-D-glucopyranose
7 branched 2-acetamido-2-deoxy-beta-D-glucopyranose-(1-4)-2-acetamido-2-deoxy-beta-D-glucopyranose
8 non-polymer 2-acetamido-2-deoxy-beta-D-glucopyranose
#
loop_
_entity_poly.entity_id
_entity_poly.type
_entity_poly.pdbx_seq_one_letter_code
_entity_poly.pdbx_strand_id
1 'polypeptide(L)'
;(UNK)(UNK)(UNK)(UNK)(UNK)(UNK)(UNK)(UNK)(UNK)(UNK)(UNK)(UNK)(UNK)(UNK)(UNK)(UNK)
(UNK)(UNK)(UNK)(UNK)(UNK)C(UNK)(UNK)(UNK)(UNK)(UNK)(UNK)(UNK)(UNK)(UNK)(UNK)
(UNK)(UNK)(UNK)W(UNK)(UNK)(UNK)(UNK)(UNK)(UNK)(UNK)(UNK)(UNK)(UNK)(UNK)(UNK)
(UNK)(UNK)(UNK)(UNK)(UNK)(UNK)(UNK)(UNK)(UNK)(UNK)(UNK)(UNK)(UNK)(UNK)(UNK)(UNK)
(UNK)(UNK)(UNK)(UNK)(UNK)(UNK)(UNK)(UNK)(UNK)(UNK)(UNK)(UNK)(UNK)(UNK)(UNK)(UNK)
(UNK)(UNK)(UNK)(UNK)(UNK)(UNK)(UNK)(UNK)(UNK)(UNK)(UNK)(UNK)C(UNK)(UNK)(UNK)
(UNK)(UNK)(UNK)(UNK)(UNK)(UNK)(UNK)(UNK)(UNK)(UNK)(UNK)(UNK)(UNK)(UNK)(UNK)(UNK)
W(UNK)(UNK)(UNK)(UNK)(UNK)(UNK)(UNK)(UNK)
;
H
2 'polypeptide(L)'
;(UNK)(UNK)(UNK)(UNK)(UNK)(UNK)(UNK)(UNK)(UNK)(UNK)(UNK)(UNK)(UNK)(UNK)(UNK)(UNK)
(UNK)(UNK)(UNK)(UNK)(UNK)C(UNK)(UNK)(UNK)(UNK)(UNK)(UNK)(UNK)(UNK)(UNK)(UNK)
(UNK)W(UNK)(UNK)(UNK)(UNK)(UNK)(UNK)(UNK)(UNK)(UNK)(UNK)(UNK)(UNK)(UNK)(UNK)
(UNK)(UNK)(UNK)(UNK)(UNK)(UNK)(UNK)(UNK)(UNK)(UNK)(UNK)(UNK)(UNK)(UNK)(UNK)(UNK)
(UNK)(UNK)(UNK)(UNK)(UNK)(UNK)(UNK)(UNK)(UNK)(UNK)(UNK)(UNK)(UNK)(UNK)(UNK)(UNK)
(UNK)(UNK)(UNK)(UNK)(UNK)C(UNK)(UNK)(UNK)(UNK)(UNK)(UNK)(UNK)(UNK)F(UNK)(UNK)
(UNK)(UNK)(UNK)(UNK)(UNK)(UNK)
;
L
3 'polypeptide(L)'
;MDAMKRGLCCVLLLCGAVFVSPSQEIHARFRRGARAENLWVTVYYGVPVWKDAETTLFCASDAKAYETEKHNVWATHCCV
PTDPNPQEIVLENVTENFNMWKNNMVEQMHEDIISLWDQSLKPCVKLTPLCVTLNCTNATASNSSIIEGMKNCSFNITTE
LRDKREKKNALFYKLDIVQLDGNSSQYRLINCNTSAITQACPKVSFEPIPIHYCAPAGFAILKCNNKTFTGTGPCNNVST
VQCTHGIKPVVSTQLLLNGSLAEGEIIIRSENITDNGKTILVHLNESVKIECTRPNNKTRTSIRIGPGQAFYATGQVIGD
IREAYCNISESTWNETLGKVVKQLRKHFPHKNITFQPSSGGDLEVTTHSFNCGGEFFYCNTSGLFNSTWISNTSVQGSNS
TGSNDSITLPCRIKQIINMWQEVGRAMYAPPIQGNITCVSNITGLILTRDGGKNNTETFRPGGGDMRDNWRSELYKYKVV
KIEPLGVAPTACKRRVVGRRRRRR
;
C,A,E
4 'polypeptide(L)'
;AVGIGAVFLGFLGAAGSTMGAASMTLTVQARNLLSGIVQQQSNLLRAPECQQHLLKDTHWGIKQLQARVLAVEHYLRDQQ
LLGIWGCSGKLICTTNVPWNSTWSNKTLSEIWDNMTWLQWDKEISNYTQIIYGLLEESQNQQEKNETDNLTCD
;
D,B,F
#
# COMPACT_ATOMS: atom_id res chain seq x y z
N UNK A 1 9.64 -34.80 -39.06
CA UNK A 1 10.58 -33.68 -39.17
C UNK A 1 11.93 -33.96 -38.51
N UNK A 2 11.92 -34.63 -37.32
CA UNK A 2 13.07 -34.88 -36.45
C UNK A 2 14.20 -35.60 -37.17
N UNK A 3 15.41 -35.16 -36.88
CA UNK A 3 16.60 -35.67 -37.53
C UNK A 3 17.75 -35.83 -36.55
N UNK A 4 17.56 -36.68 -35.55
CA UNK A 4 18.57 -36.86 -34.52
C UNK A 4 19.90 -37.25 -35.13
N UNK A 5 20.97 -36.63 -34.66
CA UNK A 5 22.31 -36.87 -35.14
C UNK A 5 22.90 -38.11 -34.52
N UNK A 6 23.84 -38.73 -35.21
CA UNK A 6 24.55 -39.83 -34.62
C UNK A 6 25.37 -39.31 -33.46
N UNK A 7 25.50 -40.14 -32.44
CA UNK A 7 26.27 -39.83 -31.26
C UNK A 7 27.72 -39.60 -31.56
N UNK A 8 28.34 -38.74 -30.78
CA UNK A 8 29.76 -38.58 -30.96
C UNK A 8 30.41 -39.97 -30.91
N UNK A 9 31.28 -40.25 -31.88
CA UNK A 9 31.96 -41.53 -31.99
C UNK A 9 33.14 -41.61 -31.04
N UNK A 10 33.55 -42.82 -30.68
CA UNK A 10 34.69 -42.97 -29.80
C UNK A 10 35.44 -44.28 -30.03
N UNK A 11 36.65 -44.33 -29.48
CA UNK A 11 37.53 -45.48 -29.46
C UNK A 11 38.18 -45.50 -28.10
N UNK A 12 37.31 -45.66 -27.11
CA UNK A 12 37.60 -45.54 -25.70
C UNK A 12 38.49 -46.64 -25.17
N UNK A 13 39.17 -46.33 -24.08
CA UNK A 13 39.94 -47.35 -23.40
C UNK A 13 38.96 -48.34 -22.82
N UNK A 14 39.36 -49.59 -22.70
CA UNK A 14 38.43 -50.54 -22.11
C UNK A 14 38.09 -50.09 -20.70
N UNK A 15 36.82 -50.24 -20.34
CA UNK A 15 36.22 -49.90 -19.06
C UNK A 15 36.17 -48.39 -18.80
N UNK A 16 36.38 -47.60 -19.83
CA UNK A 16 36.23 -46.16 -19.77
C UNK A 16 34.77 -45.83 -19.80
N UNK A 17 34.36 -44.68 -19.31
CA UNK A 17 32.95 -44.35 -19.48
C UNK A 17 32.65 -44.13 -20.96
N UNK A 18 31.49 -44.59 -21.41
CA UNK A 18 31.05 -44.43 -22.78
C UNK A 18 30.44 -43.08 -23.01
N UNK A 19 31.26 -42.04 -22.89
CA UNK A 19 30.79 -40.67 -23.00
C UNK A 19 30.59 -40.25 -24.45
N UNK A 20 29.37 -39.83 -24.75
CA UNK A 20 28.97 -39.40 -26.10
C UNK A 20 27.74 -38.50 -26.04
N UNK A 21 27.49 -37.76 -27.11
CA UNK A 21 26.27 -36.96 -27.17
C UNK A 21 25.72 -36.90 -28.60
N CYS A 22 24.37 -36.79 -28.75
CA CYS A 22 23.64 -36.74 -30.02
C CYS A 22 23.01 -35.37 -30.22
N UNK A 23 23.44 -34.67 -31.24
CA UNK A 23 22.83 -33.37 -31.49
C UNK A 23 21.37 -33.57 -31.87
N UNK A 24 20.53 -32.67 -31.40
CA UNK A 24 19.13 -32.66 -31.72
C UNK A 24 18.88 -31.88 -32.98
N UNK A 25 17.84 -32.24 -33.72
CA UNK A 25 17.46 -31.44 -34.86
C UNK A 25 15.98 -31.62 -35.19
N UNK A 26 15.35 -30.54 -35.62
CA UNK A 26 13.95 -30.51 -36.06
C UNK A 26 12.99 -31.11 -35.01
N UNK A 27 13.26 -30.80 -33.76
CA UNK A 27 12.45 -31.28 -32.65
C UNK A 27 12.65 -30.36 -31.47
N UNK A 28 11.71 -30.32 -30.56
CA UNK A 28 11.93 -29.54 -29.36
C UNK A 28 12.77 -30.35 -28.40
N UNK A 29 13.97 -29.85 -28.11
CA UNK A 29 14.88 -30.57 -27.21
C UNK A 29 14.41 -30.38 -25.78
N UNK A 30 13.44 -29.49 -25.61
CA UNK A 30 12.82 -29.13 -24.36
C UNK A 30 11.72 -30.13 -23.97
N UNK A 31 11.41 -31.06 -24.86
CA UNK A 31 10.42 -32.09 -24.62
C UNK A 31 11.13 -33.37 -24.97
N UNK A 32 10.54 -34.19 -25.85
CA UNK A 32 11.33 -35.22 -26.49
C UNK A 32 12.09 -36.10 -25.51
N UNK A 33 11.39 -36.89 -24.72
CA UNK A 33 12.09 -37.73 -23.77
C UNK A 33 13.04 -38.60 -24.56
N UNK A 34 14.33 -38.63 -24.20
CA UNK A 34 15.29 -39.34 -25.03
C UNK A 34 15.83 -40.62 -24.45
N UNK A 35 16.24 -41.49 -25.36
CA UNK A 35 16.88 -42.73 -24.97
C UNK A 35 18.02 -43.10 -25.90
N TRP A 36 19.02 -43.74 -25.30
CA TRP A 36 20.22 -44.24 -25.96
C TRP A 36 20.15 -45.72 -26.17
N UNK A 37 20.11 -46.14 -27.41
CA UNK A 37 19.96 -47.56 -27.64
C UNK A 37 21.08 -48.30 -26.98
N UNK A 38 20.78 -49.36 -26.27
CA UNK A 38 21.83 -50.12 -25.63
C UNK A 38 22.43 -51.07 -26.63
N UNK A 39 23.22 -50.50 -27.51
CA UNK A 39 23.79 -51.15 -28.68
C UNK A 39 24.63 -52.33 -28.34
N UNK A 40 24.57 -53.31 -29.22
CA UNK A 40 25.33 -54.54 -29.12
C UNK A 40 25.53 -55.06 -30.52
N UNK A 41 26.48 -55.95 -30.69
CA UNK A 41 26.75 -56.53 -32.00
C UNK A 41 25.55 -57.26 -32.59
N UNK A 42 24.72 -57.91 -31.76
CA UNK A 42 23.57 -58.64 -32.30
C UNK A 42 22.32 -57.76 -32.40
N UNK A 43 21.95 -57.13 -31.29
CA UNK A 43 20.80 -56.25 -31.25
C UNK A 43 20.89 -55.35 -30.04
N UNK A 44 20.40 -54.14 -30.12
CA UNK A 44 20.37 -53.31 -28.93
C UNK A 44 19.32 -53.82 -27.99
N UNK A 45 19.55 -53.72 -26.69
CA UNK A 45 18.50 -54.13 -25.75
C UNK A 45 18.49 -53.25 -24.52
N UNK A 46 17.33 -52.68 -24.23
CA UNK A 46 17.12 -51.70 -23.15
C UNK A 46 17.85 -50.42 -23.57
N UNK A 47 17.88 -49.41 -22.70
CA UNK A 47 18.49 -48.14 -23.05
C UNK A 47 18.83 -47.30 -21.83
N UNK A 48 19.75 -46.36 -22.02
CA UNK A 48 20.01 -45.32 -21.00
C UNK A 48 19.02 -44.19 -21.30
N UNK A 49 18.53 -43.44 -20.31
CA UNK A 49 17.59 -42.38 -20.71
C UNK A 49 17.56 -41.14 -19.83
N UNK A 50 17.11 -40.04 -20.44
CA UNK A 50 16.89 -38.76 -19.79
C UNK A 50 15.85 -37.97 -20.55
N UNK A 51 15.15 -37.07 -19.88
CA UNK A 51 14.15 -36.31 -20.58
C UNK A 51 13.99 -34.90 -20.11
N UNK A 52 14.06 -33.98 -21.07
CA UNK A 52 13.80 -32.57 -20.78
C UNK A 52 12.35 -32.46 -20.40
N UNK A 53 11.58 -33.33 -21.04
CA UNK A 53 10.14 -33.44 -20.92
C UNK A 53 9.69 -33.64 -19.50
N UNK A 54 10.48 -34.31 -18.66
CA UNK A 54 10.01 -34.55 -17.31
C UNK A 54 11.00 -34.06 -16.30
N UNK A 55 11.95 -33.21 -16.70
CA UNK A 55 12.97 -32.76 -15.77
C UNK A 55 13.55 -33.96 -15.04
N UNK A 56 13.93 -35.00 -15.78
CA UNK A 56 14.34 -36.24 -15.14
C UNK A 56 15.35 -37.05 -15.92
N UNK A 57 15.97 -38.01 -15.23
CA UNK A 57 16.91 -38.95 -15.82
C UNK A 57 16.82 -40.26 -15.08
N UNK A 58 17.25 -41.35 -15.72
CA UNK A 58 17.19 -42.65 -15.08
C UNK A 58 18.39 -43.52 -15.39
N UNK A 59 18.65 -44.44 -14.46
CA UNK A 59 19.71 -45.40 -14.56
C UNK A 59 19.47 -46.37 -15.69
N UNK A 60 20.56 -46.83 -16.27
CA UNK A 60 20.57 -47.79 -17.35
C UNK A 60 20.31 -49.17 -16.78
N UNK A 61 19.86 -50.08 -17.64
CA UNK A 61 19.64 -51.48 -17.27
C UNK A 61 20.95 -52.19 -16.89
N UNK A 62 22.08 -51.65 -17.34
CA UNK A 62 23.40 -52.20 -17.08
C UNK A 62 24.40 -51.06 -17.03
N UNK A 63 25.51 -51.25 -16.34
CA UNK A 63 26.53 -50.19 -16.23
C UNK A 63 25.89 -48.96 -15.60
N UNK A 64 25.83 -47.87 -16.33
CA UNK A 64 25.25 -46.65 -15.79
C UNK A 64 24.68 -45.85 -16.92
N UNK A 65 23.75 -44.96 -16.63
CA UNK A 65 23.28 -44.13 -17.71
C UNK A 65 24.12 -42.88 -17.81
N UNK A 66 24.21 -42.17 -16.68
CA UNK A 66 24.90 -40.88 -16.63
C UNK A 66 24.32 -40.00 -17.72
N UNK A 67 23.00 -40.12 -17.91
CA UNK A 67 22.30 -39.44 -18.97
C UNK A 67 21.82 -38.08 -18.58
N UNK A 68 21.71 -37.24 -19.61
CA UNK A 68 21.19 -35.91 -19.45
C UNK A 68 20.47 -35.45 -20.71
N UNK A 69 19.47 -34.59 -20.51
CA UNK A 69 18.78 -33.99 -21.64
C UNK A 69 19.23 -32.54 -21.72
N UNK A 70 20.25 -32.25 -22.52
CA UNK A 70 20.80 -30.91 -22.54
C UNK A 70 19.99 -30.09 -23.51
N UNK A 71 18.78 -29.73 -23.11
CA UNK A 71 17.90 -29.03 -24.05
C UNK A 71 18.57 -27.76 -24.53
N UNK A 72 19.28 -27.11 -23.63
CA UNK A 72 19.99 -25.86 -23.87
C UNK A 72 21.07 -25.97 -24.94
N UNK A 73 21.65 -27.16 -25.07
CA UNK A 73 22.74 -27.39 -26.01
C UNK A 73 22.22 -28.13 -27.21
N UNK A 74 20.90 -28.34 -27.25
CA UNK A 74 20.28 -29.11 -28.28
C UNK A 74 20.95 -30.46 -28.43
N UNK A 75 21.22 -31.18 -27.33
CA UNK A 75 21.82 -32.51 -27.48
C UNK A 75 21.51 -33.48 -26.35
N UNK A 76 21.45 -34.76 -26.71
CA UNK A 76 21.32 -35.83 -25.71
C UNK A 76 22.70 -36.17 -25.23
N UNK A 77 22.85 -36.56 -23.98
CA UNK A 77 24.18 -37.00 -23.52
C UNK A 77 24.07 -38.20 -22.60
N UNK A 78 25.11 -39.05 -22.61
CA UNK A 78 25.21 -40.21 -21.71
C UNK A 78 26.68 -40.58 -21.53
N UNK A 79 27.00 -41.31 -20.46
CA UNK A 79 28.37 -41.77 -20.23
C UNK A 79 28.41 -43.04 -19.40
N UNK A 80 27.93 -44.15 -19.94
CA UNK A 80 27.83 -45.38 -19.16
C UNK A 80 29.17 -45.84 -18.63
N UNK A 81 29.17 -46.29 -17.40
CA UNK A 81 30.36 -46.76 -16.71
C UNK A 81 30.91 -48.05 -17.27
N UNK A 82 32.21 -48.24 -17.13
CA UNK A 82 32.85 -49.49 -17.48
C UNK A 82 32.53 -50.00 -18.88
N UNK A 83 32.70 -49.18 -19.91
CA UNK A 83 32.35 -49.67 -21.22
C UNK A 83 33.12 -50.95 -21.56
N UNK A 84 32.39 -51.98 -21.92
CA UNK A 84 32.99 -53.25 -22.30
C UNK A 84 33.52 -53.15 -23.70
N UNK A 85 34.54 -53.94 -24.04
CA UNK A 85 35.00 -53.99 -25.44
C UNK A 85 33.84 -54.47 -26.31
N UNK A 86 32.98 -55.28 -25.72
CA UNK A 86 31.81 -55.86 -26.36
C UNK A 86 30.71 -54.83 -26.57
N UNK A 87 30.89 -53.62 -26.02
CA UNK A 87 29.94 -52.54 -26.12
C UNK A 87 30.19 -51.74 -27.39
N UNK A 88 31.22 -52.14 -28.15
CA UNK A 88 31.61 -51.44 -29.35
C UNK A 88 30.65 -51.72 -30.50
N UNK A 89 29.48 -51.11 -30.39
CA UNK A 89 28.39 -51.24 -31.32
C UNK A 89 27.73 -49.90 -31.41
N UNK A 90 27.11 -49.60 -32.53
CA UNK A 90 26.55 -48.27 -32.66
C UNK A 90 25.21 -48.11 -32.00
N UNK A 91 25.09 -47.02 -31.23
CA UNK A 91 23.85 -46.71 -30.53
C UNK A 91 23.18 -45.51 -31.12
N UNK A 92 21.94 -45.70 -31.49
CA UNK A 92 21.13 -44.61 -32.02
C UNK A 92 20.49 -43.89 -30.85
N CYS A 93 20.21 -42.58 -31.01
CA CYS A 93 19.40 -41.78 -30.08
C CYS A 93 18.04 -41.54 -30.72
N UNK A 94 17.01 -41.48 -29.89
CA UNK A 94 15.64 -41.14 -30.32
C UNK A 94 14.89 -40.58 -29.18
N UNK A 95 13.76 -39.98 -29.49
CA UNK A 95 12.95 -39.45 -28.42
C UNK A 95 11.47 -39.64 -28.66
N UNK A 96 10.74 -39.66 -27.56
CA UNK A 96 9.30 -39.78 -27.46
C UNK A 96 8.68 -38.49 -26.95
N UNK A 97 7.41 -38.27 -27.27
CA UNK A 97 6.70 -37.07 -26.79
C UNK A 97 7.39 -35.77 -27.22
N UNK A 98 7.79 -35.72 -28.49
CA UNK A 98 8.38 -34.52 -29.05
C UNK A 98 7.29 -33.56 -29.55
N UNK A 99 6.04 -34.02 -29.46
CA UNK A 99 4.85 -33.32 -29.90
C UNK A 99 4.41 -32.21 -28.95
N UNK A 100 3.67 -31.23 -29.48
CA UNK A 100 3.10 -30.18 -28.66
C UNK A 100 2.09 -30.77 -27.69
N UNK A 101 1.37 -31.76 -28.17
CA UNK A 101 0.36 -32.39 -27.34
C UNK A 101 0.35 -33.87 -27.58
N UNK A 102 0.16 -34.62 -26.52
CA UNK A 102 0.14 -36.06 -26.63
C UNK A 102 -1.25 -36.59 -26.45
N UNK A 103 -1.63 -37.50 -27.32
CA UNK A 103 -2.94 -38.13 -27.31
C UNK A 103 -2.96 -39.35 -26.41
N UNK A 104 -1.83 -39.66 -25.80
CA UNK A 104 -1.68 -40.84 -24.96
C UNK A 104 -0.65 -40.64 -23.88
N UNK A 105 -0.75 -41.48 -22.85
CA UNK A 105 0.20 -41.51 -21.75
C UNK A 105 1.55 -41.96 -22.24
N UNK A 106 2.60 -41.61 -21.49
CA UNK A 106 3.96 -41.94 -21.90
C UNK A 106 4.31 -43.40 -21.67
N UNK A 107 3.75 -44.23 -22.54
CA UNK A 107 3.91 -45.67 -22.54
C UNK A 107 4.04 -46.17 -23.97
N UNK A 108 5.00 -45.60 -24.71
CA UNK A 108 5.20 -45.94 -26.11
C UNK A 108 6.66 -45.77 -26.48
N UNK A 109 7.09 -46.54 -27.46
CA UNK A 109 8.48 -46.50 -27.92
C UNK A 109 8.79 -45.27 -28.77
N UNK A 110 10.02 -44.77 -28.65
CA UNK A 110 10.51 -43.69 -29.51
C UNK A 110 10.78 -44.25 -30.90
N UNK A 111 10.52 -43.45 -31.94
CA UNK A 111 10.77 -43.89 -33.32
C UNK A 111 11.84 -43.10 -34.08
N UNK A 112 12.14 -41.88 -33.67
CA UNK A 112 13.06 -41.05 -34.46
C UNK A 112 14.51 -41.36 -34.18
N TRP A 113 14.96 -42.52 -34.64
CA TRP A 113 16.31 -42.98 -34.34
C TRP A 113 17.38 -42.38 -35.26
N UNK A 114 18.48 -41.98 -34.62
CA UNK A 114 19.68 -41.45 -35.23
C UNK A 114 20.41 -42.51 -36.00
N UNK A 115 21.26 -42.09 -36.92
CA UNK A 115 22.08 -43.01 -37.72
C UNK A 115 22.96 -43.90 -36.84
N UNK A 116 23.28 -43.39 -35.64
CA UNK A 116 24.09 -44.02 -34.60
C UNK A 116 25.59 -44.00 -34.78
N UNK A 117 26.26 -44.20 -33.67
CA UNK A 117 27.72 -44.28 -33.65
C UNK A 117 28.19 -45.20 -32.55
N UNK A 118 29.32 -45.89 -32.79
CA UNK A 118 29.91 -46.81 -31.82
C UNK A 118 31.07 -46.22 -31.05
N UNK A 119 31.27 -46.74 -29.84
CA UNK A 119 32.42 -46.42 -29.03
C UNK A 119 33.31 -47.64 -28.92
N UNK A 120 34.41 -47.67 -29.66
CA UNK A 120 35.24 -48.88 -29.70
C UNK A 120 36.18 -49.03 -28.49
N UNK A 121 35.56 -49.29 -27.31
CA UNK A 121 36.13 -49.47 -25.96
C UNK A 121 37.32 -50.45 -26.01
N UNK B 1 8.76 -58.38 -18.19
CA UNK B 1 8.77 -58.48 -19.65
C UNK B 1 10.17 -58.82 -20.22
N UNK B 2 11.13 -59.28 -19.39
CA UNK B 2 12.50 -59.59 -19.81
C UNK B 2 12.58 -60.97 -20.45
N UNK B 3 11.93 -61.08 -21.60
CA UNK B 3 11.84 -62.32 -22.36
C UNK B 3 11.64 -62.04 -23.85
N UNK B 4 12.06 -62.97 -24.67
CA UNK B 4 11.95 -62.83 -26.12
C UNK B 4 10.63 -63.29 -26.73
N UNK B 5 10.37 -62.71 -27.89
CA UNK B 5 9.28 -63.04 -28.79
C UNK B 5 9.54 -64.42 -29.39
N UNK B 6 8.50 -65.17 -29.74
CA UNK B 6 8.66 -66.51 -30.29
C UNK B 6 8.91 -66.48 -31.77
N UNK B 7 10.03 -65.91 -32.14
CA UNK B 7 10.38 -65.76 -33.54
C UNK B 7 11.37 -66.84 -33.94
N UNK B 8 11.27 -67.33 -35.18
CA UNK B 8 12.23 -68.33 -35.66
C UNK B 8 12.67 -68.03 -37.09
N UNK B 9 12.64 -66.75 -37.44
CA UNK B 9 12.99 -66.27 -38.77
C UNK B 9 12.16 -66.95 -39.83
N UNK B 10 10.90 -67.21 -39.53
CA UNK B 10 10.01 -67.80 -40.49
C UNK B 10 9.76 -66.76 -41.54
N UNK B 11 9.66 -67.14 -42.79
CA UNK B 11 9.42 -66.12 -43.79
C UNK B 11 8.76 -66.71 -45.00
N UNK B 12 8.19 -65.85 -45.82
CA UNK B 12 7.48 -66.28 -47.02
C UNK B 12 7.60 -65.27 -48.12
N UNK B 13 7.33 -65.73 -49.35
CA UNK B 13 7.29 -64.88 -50.54
C UNK B 13 6.23 -63.78 -50.42
N UNK B 14 5.15 -64.08 -49.71
CA UNK B 14 4.06 -63.13 -49.50
C UNK B 14 3.40 -63.50 -48.19
N UNK B 15 2.73 -62.55 -47.55
CA UNK B 15 2.06 -62.85 -46.28
C UNK B 15 3.00 -63.52 -45.30
N UNK B 16 4.17 -62.91 -45.10
CA UNK B 16 5.19 -63.48 -44.21
C UNK B 16 4.83 -63.18 -42.76
N UNK B 17 3.78 -63.84 -42.31
CA UNK B 17 3.16 -63.62 -41.01
C UNK B 17 3.88 -64.35 -39.90
N UNK B 18 5.12 -63.93 -39.64
CA UNK B 18 5.93 -64.54 -38.60
C UNK B 18 5.52 -63.94 -37.27
N UNK B 19 4.31 -64.28 -36.85
CA UNK B 19 3.69 -63.68 -35.69
C UNK B 19 4.19 -64.27 -34.39
N UNK B 20 5.38 -63.81 -34.00
CA UNK B 20 6.15 -64.19 -32.79
C UNK B 20 5.42 -63.77 -31.50
N UNK B 21 4.47 -62.89 -31.74
CA UNK B 21 3.50 -62.32 -30.82
C UNK B 21 4.04 -61.62 -29.56
N CYS B 22 5.30 -61.13 -29.61
CA CYS B 22 5.99 -60.41 -28.53
C CYS B 22 5.79 -61.10 -27.19
N UNK B 23 5.97 -62.43 -27.14
CA UNK B 23 5.74 -63.18 -25.89
C UNK B 23 6.81 -62.95 -24.82
N UNK B 24 6.90 -61.70 -24.40
CA UNK B 24 7.83 -61.17 -23.45
C UNK B 24 7.31 -61.39 -22.05
N UNK B 25 7.25 -62.66 -21.67
CA UNK B 25 6.79 -63.14 -20.38
C UNK B 25 5.35 -62.73 -20.10
N UNK B 26 4.62 -62.43 -21.16
CA UNK B 26 3.23 -62.00 -21.10
C UNK B 26 3.06 -60.83 -20.13
N UNK B 27 4.03 -59.91 -20.08
CA UNK B 27 3.93 -58.78 -19.17
C UNK B 27 4.42 -57.47 -19.77
N UNK B 28 3.95 -57.14 -20.98
CA UNK B 28 4.42 -55.95 -21.68
C UNK B 28 3.69 -54.68 -21.26
N UNK B 29 2.71 -54.81 -20.38
CA UNK B 29 1.88 -53.69 -19.93
C UNK B 29 1.19 -53.00 -21.12
N UNK B 30 0.82 -53.82 -22.11
CA UNK B 30 0.14 -53.47 -23.35
C UNK B 30 0.88 -52.37 -24.09
N UNK B 31 2.21 -52.38 -24.02
CA UNK B 31 3.03 -51.40 -24.67
C UNK B 31 3.97 -52.05 -25.65
N UNK B 32 3.52 -53.16 -26.21
CA UNK B 32 4.29 -53.89 -27.19
C UNK B 32 4.56 -52.96 -28.34
N UNK B 33 5.76 -53.01 -28.87
CA UNK B 33 6.14 -52.15 -29.98
C UNK B 33 6.96 -52.96 -30.94
N TRP B 34 6.92 -52.58 -32.22
CA TRP B 34 7.65 -53.32 -33.24
C TRP B 34 8.52 -52.43 -34.09
N UNK B 35 9.65 -52.94 -34.53
CA UNK B 35 10.51 -52.22 -35.47
C UNK B 35 11.21 -53.19 -36.38
N UNK B 36 11.62 -52.71 -37.57
CA UNK B 36 12.32 -53.59 -38.50
C UNK B 36 13.36 -52.89 -39.36
N UNK B 37 14.33 -53.69 -39.83
CA UNK B 37 15.39 -53.21 -40.72
C UNK B 37 15.90 -54.28 -41.67
N UNK B 38 16.31 -53.84 -42.84
CA UNK B 38 16.93 -54.70 -43.85
C UNK B 38 18.19 -54.02 -44.32
N UNK B 39 18.81 -53.30 -43.41
CA UNK B 39 19.97 -52.52 -43.72
C UNK B 39 20.77 -52.24 -42.48
N UNK B 40 21.99 -51.80 -42.68
CA UNK B 40 22.80 -51.35 -41.55
C UNK B 40 22.35 -49.94 -41.21
N UNK B 41 21.16 -49.88 -40.63
CA UNK B 41 20.45 -48.68 -40.31
C UNK B 41 19.56 -48.91 -39.12
N UNK B 42 19.15 -47.85 -38.46
CA UNK B 42 18.24 -48.00 -37.34
C UNK B 42 16.96 -48.61 -37.85
N UNK B 43 16.37 -49.47 -37.04
CA UNK B 43 15.10 -50.04 -37.40
C UNK B 43 14.03 -48.99 -37.33
N UNK B 44 13.07 -49.06 -38.26
CA UNK B 44 11.95 -48.14 -38.28
C UNK B 44 10.80 -48.74 -37.54
N UNK B 45 9.98 -47.90 -36.92
CA UNK B 45 8.83 -48.48 -36.26
C UNK B 45 7.99 -49.18 -37.30
N UNK B 46 7.61 -50.40 -36.99
CA UNK B 46 6.79 -51.22 -37.85
C UNK B 46 5.36 -51.08 -37.40
N UNK B 47 5.21 -50.89 -36.10
CA UNK B 47 3.92 -50.73 -35.48
C UNK B 47 4.09 -49.90 -34.22
N UNK B 48 3.03 -49.20 -33.88
CA UNK B 48 2.95 -48.32 -32.75
C UNK B 48 2.53 -49.16 -31.58
N UNK B 49 2.37 -48.57 -30.40
CA UNK B 49 2.07 -49.40 -29.26
C UNK B 49 0.83 -50.28 -29.50
N UNK B 50 0.97 -51.54 -29.11
CA UNK B 50 -0.04 -52.57 -29.20
C UNK B 50 -0.58 -52.71 -30.62
N UNK B 51 -1.89 -52.56 -30.80
CA UNK B 51 -2.44 -52.74 -32.13
C UNK B 51 -2.29 -51.52 -33.03
N UNK B 52 -1.82 -50.41 -32.48
CA UNK B 52 -1.74 -49.19 -33.24
C UNK B 52 -0.73 -49.29 -34.39
N UNK B 53 -1.08 -48.69 -35.52
CA UNK B 53 -0.19 -48.67 -36.66
C UNK B 53 0.91 -47.65 -36.48
N UNK B 54 2.05 -47.91 -37.08
CA UNK B 54 3.13 -46.96 -37.10
C UNK B 54 2.72 -45.81 -38.00
N UNK B 55 3.28 -44.63 -37.77
CA UNK B 55 2.95 -43.57 -38.68
C UNK B 55 3.45 -43.96 -40.06
N UNK B 56 2.66 -43.67 -41.09
CA UNK B 56 3.00 -43.96 -42.47
C UNK B 56 3.29 -45.45 -42.69
N UNK B 57 2.51 -46.30 -42.03
CA UNK B 57 2.62 -47.74 -42.16
C UNK B 57 1.90 -48.24 -43.40
N UNK B 58 2.34 -49.38 -43.90
CA UNK B 58 1.68 -50.07 -45.00
C UNK B 58 2.03 -51.53 -44.89
N UNK B 59 1.18 -52.42 -45.42
CA UNK B 59 1.51 -53.85 -45.43
C UNK B 59 1.95 -54.30 -44.04
N UNK B 60 1.11 -54.06 -43.04
CA UNK B 60 1.49 -54.38 -41.69
C UNK B 60 0.29 -54.73 -40.82
N UNK B 61 0.54 -55.40 -39.71
CA UNK B 61 -0.50 -55.75 -38.76
C UNK B 61 0.08 -55.84 -37.36
N UNK B 62 -0.75 -55.62 -36.36
CA UNK B 62 -0.35 -55.70 -34.96
C UNK B 62 -1.56 -55.93 -34.06
N UNK B 63 -1.29 -56.46 -32.88
CA UNK B 63 -2.27 -56.63 -31.83
C UNK B 63 -1.55 -56.77 -30.51
N UNK B 64 -2.19 -56.44 -29.38
CA UNK B 64 -1.60 -56.82 -28.09
C UNK B 64 -2.60 -56.72 -26.97
N UNK B 65 -2.39 -57.52 -25.92
CA UNK B 65 -3.12 -57.39 -24.67
C UNK B 65 -2.11 -57.59 -23.55
N UNK B 66 -0.94 -56.97 -23.75
CA UNK B 66 0.26 -57.08 -22.91
C UNK B 66 0.88 -58.46 -23.03
N UNK B 67 0.32 -59.25 -23.93
CA UNK B 67 0.66 -60.60 -24.21
C UNK B 67 0.05 -60.98 -25.55
N UNK B 68 0.52 -62.08 -26.15
CA UNK B 68 -0.11 -62.62 -27.35
C UNK B 68 -0.29 -61.53 -28.39
N UNK B 69 0.76 -60.77 -28.60
CA UNK B 69 0.70 -59.62 -29.46
C UNK B 69 0.90 -60.00 -30.89
N UNK B 70 -0.04 -60.75 -31.42
CA UNK B 70 0.12 -61.28 -32.75
C UNK B 70 0.36 -60.16 -33.75
N UNK B 71 1.30 -60.39 -34.64
CA UNK B 71 1.63 -59.43 -35.67
C UNK B 71 1.92 -60.18 -36.96
N UNK B 72 0.87 -60.36 -37.74
CA UNK B 72 0.91 -61.15 -38.96
C UNK B 72 1.48 -60.40 -40.16
N UNK B 73 1.79 -59.13 -39.99
CA UNK B 73 2.32 -58.31 -41.06
C UNK B 73 1.40 -58.25 -42.28
N UNK B 74 0.09 -58.17 -42.06
CA UNK B 74 -0.85 -58.08 -43.17
C UNK B 74 -0.58 -59.20 -44.17
N UNK B 75 -0.36 -58.83 -45.42
CA UNK B 75 -0.08 -59.82 -46.45
C UNK B 75 1.28 -59.48 -47.04
N UNK B 76 2.08 -58.80 -46.24
CA UNK B 76 3.36 -58.26 -46.65
C UNK B 76 4.31 -59.25 -47.27
N UNK B 77 4.90 -58.80 -48.39
CA UNK B 77 5.85 -59.54 -49.20
C UNK B 77 7.19 -58.82 -49.19
N UNK B 78 7.46 -57.98 -50.20
CA UNK B 78 8.75 -57.28 -50.21
C UNK B 78 8.89 -56.41 -48.97
N UNK B 79 7.76 -55.87 -48.52
CA UNK B 79 7.66 -55.03 -47.34
C UNK B 79 8.09 -55.76 -46.07
N UNK B 80 7.95 -57.08 -46.07
CA UNK B 80 8.26 -57.90 -44.93
C UNK B 80 9.69 -58.41 -44.97
N UNK B 81 10.45 -58.11 -46.02
CA UNK B 81 11.78 -58.68 -46.11
C UNK B 81 12.78 -57.92 -45.28
N UNK B 82 12.62 -57.99 -43.97
CA UNK B 82 13.44 -57.28 -43.01
C UNK B 82 13.51 -58.01 -41.69
N UNK B 83 14.58 -57.83 -40.97
CA UNK B 83 14.64 -58.43 -39.65
C UNK B 83 13.69 -57.67 -38.79
N UNK B 84 13.05 -58.33 -37.84
CA UNK B 84 12.15 -57.55 -37.00
C UNK B 84 12.16 -58.03 -35.58
N UNK B 85 11.85 -57.08 -34.70
CA UNK B 85 11.84 -57.37 -33.29
C UNK B 85 10.82 -56.56 -32.50
N CYS B 86 10.43 -57.15 -31.35
CA CYS B 86 9.52 -56.64 -30.33
C CYS B 86 10.22 -55.92 -29.19
N UNK B 87 9.48 -55.02 -28.58
CA UNK B 87 9.89 -54.33 -27.37
C UNK B 87 8.68 -54.00 -26.52
N UNK B 88 8.87 -53.82 -25.22
CA UNK B 88 7.75 -53.39 -24.37
C UNK B 88 8.08 -52.02 -23.81
N UNK B 89 7.46 -50.99 -24.37
CA UNK B 89 7.82 -49.63 -24.03
C UNK B 89 7.59 -49.33 -22.56
N UNK B 90 6.60 -49.99 -21.98
CA UNK B 90 6.24 -49.75 -20.60
C UNK B 90 6.62 -50.91 -19.69
N UNK B 91 7.53 -51.79 -20.10
CA UNK B 91 7.83 -52.87 -19.17
C UNK B 91 9.25 -53.41 -19.26
N UNK B 92 9.96 -53.34 -18.12
CA UNK B 92 11.31 -53.86 -17.85
C UNK B 92 12.39 -53.42 -18.84
N UNK B 93 12.14 -52.34 -19.58
CA UNK B 93 13.06 -51.91 -20.64
C UNK B 93 13.31 -53.11 -21.56
N UNK B 94 12.28 -53.94 -21.73
CA UNK B 94 12.36 -55.18 -22.47
C UNK B 94 12.55 -55.02 -23.94
N PHE B 95 13.34 -55.95 -24.47
CA PHE B 95 13.58 -56.08 -25.89
C PHE B 95 13.79 -57.54 -26.27
N UNK B 96 13.15 -57.95 -27.35
CA UNK B 96 13.29 -59.29 -27.87
C UNK B 96 14.21 -59.35 -29.04
N UNK B 97 15.21 -60.21 -29.00
CA UNK B 97 16.08 -60.30 -30.17
C UNK B 97 15.25 -60.70 -31.39
N UNK B 98 14.24 -61.54 -31.14
CA UNK B 98 13.30 -62.02 -32.13
C UNK B 98 14.02 -62.65 -33.31
N UNK B 99 13.75 -62.24 -34.56
CA UNK B 99 14.43 -62.97 -35.63
C UNK B 99 14.50 -62.26 -36.95
N UNK B 100 15.49 -62.68 -37.75
CA UNK B 100 15.68 -62.16 -39.09
C UNK B 100 14.76 -62.83 -40.08
N UNK B 101 13.47 -62.58 -39.91
CA UNK B 101 12.44 -63.13 -40.76
C UNK B 101 12.34 -62.26 -41.99
N UNK B 102 13.40 -62.27 -42.78
CA UNK B 102 13.50 -61.35 -43.90
C UNK B 102 13.37 -61.95 -45.32
N UNK B 103 12.69 -63.11 -45.47
CA UNK B 103 12.42 -63.81 -46.76
C UNK B 103 13.66 -63.93 -47.64
N TRP C 40 -45.52 22.67 24.56
CA TRP C 40 -44.14 22.71 25.02
C TRP C 40 -43.29 21.72 24.22
N VAL C 41 -42.04 22.09 23.90
CA VAL C 41 -41.09 21.24 23.17
C VAL C 41 -40.35 20.30 24.12
N THR C 42 -40.29 19.03 23.75
CA THR C 42 -39.50 18.06 24.51
C THR C 42 -38.47 17.46 23.60
N VAL C 43 -37.25 17.41 24.08
CA VAL C 43 -36.13 16.85 23.37
C VAL C 43 -35.94 15.39 23.74
N TYR C 44 -35.82 14.55 22.72
CA TYR C 44 -35.59 13.14 22.96
C TYR C 44 -34.30 12.69 22.32
N TYR C 45 -33.62 11.79 23.00
CA TYR C 45 -32.41 11.18 22.48
C TYR C 45 -32.49 9.68 22.56
N GLY C 46 -32.16 9.02 21.46
CA GLY C 46 -32.23 7.58 21.38
C GLY C 46 -33.47 7.15 20.64
N VAL C 47 -34.00 8.05 19.83
CA VAL C 47 -35.18 7.81 19.05
C VAL C 47 -34.84 6.85 17.91
N PRO C 48 -35.55 5.72 17.73
CA PRO C 48 -35.29 4.68 16.74
C PRO C 48 -35.73 5.06 15.33
N VAL C 49 -35.07 6.04 14.76
CA VAL C 49 -35.35 6.47 13.40
C VAL C 49 -34.10 6.53 12.54
N TRP C 50 -34.29 6.55 11.23
CA TRP C 50 -33.18 6.54 10.30
C TRP C 50 -33.46 7.20 8.98
N LYS C 51 -32.37 7.45 8.25
CA LYS C 51 -32.42 8.01 6.91
C LYS C 51 -31.62 7.20 5.90
N ASP C 52 -32.00 7.27 4.63
CA ASP C 52 -31.22 6.58 3.61
C ASP C 52 -29.82 7.12 3.66
N ALA C 53 -28.79 6.28 3.58
CA ALA C 53 -27.46 6.85 3.63
C ALA C 53 -26.42 6.02 2.92
N GLU C 54 -25.35 6.68 2.50
CA GLU C 54 -24.28 5.95 1.87
C GLU C 54 -23.00 6.09 2.67
N THR C 55 -22.49 4.98 3.13
CA THR C 55 -21.27 4.97 3.91
C THR C 55 -20.38 3.87 3.47
N THR C 56 -19.25 3.77 4.12
CA THR C 56 -18.31 2.73 3.82
C THR C 56 -18.55 1.56 4.73
N LEU C 57 -18.77 0.39 4.16
CA LEU C 57 -18.99 -0.80 4.99
C LEU C 57 -17.66 -1.47 5.12
N PHE C 58 -17.47 -2.25 6.15
CA PHE C 58 -16.20 -2.94 6.23
C PHE C 58 -16.42 -4.38 5.84
N CYS C 59 -15.34 -5.03 5.35
CA CYS C 59 -15.36 -6.41 4.89
C CYS C 59 -14.91 -7.37 5.99
N ALA C 60 -15.78 -8.30 6.35
CA ALA C 60 -15.46 -9.29 7.35
C ALA C 60 -15.45 -10.68 6.70
N SER C 61 -14.53 -11.56 7.16
CA SER C 61 -14.30 -12.96 6.73
C SER C 61 -15.60 -13.71 6.30
N HIS C 71 -2.19 -16.97 1.96
CA HIS C 71 -2.37 -17.63 0.67
C HIS C 71 -3.65 -17.14 -0.05
N ASN C 72 -4.82 -17.21 0.61
CA ASN C 72 -6.11 -16.77 0.05
C ASN C 72 -6.29 -15.28 0.18
N VAL C 73 -6.43 -14.63 -0.96
CA VAL C 73 -6.48 -13.18 -1.05
C VAL C 73 -7.66 -12.56 -0.31
N TRP C 74 -8.79 -13.25 -0.28
CA TRP C 74 -9.97 -12.70 0.33
C TRP C 74 -9.82 -12.77 1.81
N ALA C 75 -9.31 -13.92 2.27
CA ALA C 75 -9.12 -14.15 3.69
C ALA C 75 -8.06 -13.24 4.27
N THR C 76 -7.04 -12.95 3.47
CA THR C 76 -5.94 -12.11 3.87
C THR C 76 -6.39 -10.67 4.01
N HIS C 77 -7.12 -10.18 3.03
CA HIS C 77 -7.60 -8.81 3.08
C HIS C 77 -8.71 -8.58 4.11
N CYS C 78 -9.75 -9.43 4.11
CA CYS C 78 -10.93 -9.33 4.98
C CYS C 78 -10.58 -10.13 6.23
N CYS C 79 -9.58 -9.59 6.93
CA CYS C 79 -8.97 -10.16 8.10
C CYS C 79 -9.84 -10.01 9.34
N VAL C 80 -10.83 -9.15 9.23
CA VAL C 80 -11.75 -8.87 10.29
C VAL C 80 -12.69 -10.06 10.44
N PRO C 81 -12.82 -10.66 11.62
CA PRO C 81 -13.66 -11.81 11.88
C PRO C 81 -15.11 -11.45 11.81
N THR C 82 -15.93 -12.44 11.51
CA THR C 82 -17.36 -12.30 11.50
C THR C 82 -17.93 -12.57 12.87
N ASP C 83 -19.19 -12.20 13.06
CA ASP C 83 -19.91 -12.48 14.30
C ASP C 83 -20.40 -13.93 14.26
N PRO C 84 -19.94 -14.84 15.14
CA PRO C 84 -20.33 -16.23 15.14
C PRO C 84 -21.80 -16.43 15.54
N ASN C 85 -22.40 -15.40 16.14
CA ASN C 85 -23.79 -15.46 16.55
C ASN C 85 -24.51 -14.18 16.17
N PRO C 86 -24.68 -13.91 14.87
CA PRO C 86 -25.23 -12.67 14.38
C PRO C 86 -26.68 -12.61 14.76
N GLN C 87 -27.16 -11.42 15.01
CA GLN C 87 -28.56 -11.28 15.34
C GLN C 87 -29.34 -10.61 14.24
N GLU C 88 -30.63 -10.90 14.23
CA GLU C 88 -31.56 -10.28 13.32
C GLU C 88 -32.79 -9.88 14.07
N ILE C 89 -33.18 -8.62 13.96
CA ILE C 89 -34.33 -8.15 14.68
C ILE C 89 -35.47 -7.75 13.79
N VAL C 90 -36.59 -8.41 13.95
CA VAL C 90 -37.74 -8.14 13.12
C VAL C 90 -38.35 -6.84 13.54
N LEU C 91 -38.65 -5.97 12.60
CA LEU C 91 -39.24 -4.73 13.00
C LEU C 91 -40.73 -4.80 12.77
N GLU C 92 -41.48 -4.83 13.85
CA GLU C 92 -42.91 -4.93 13.73
C GLU C 92 -43.46 -3.73 12.99
N ASN C 93 -44.32 -3.98 12.02
CA ASN C 93 -45.00 -2.92 11.28
C ASN C 93 -44.10 -1.86 10.65
N VAL C 94 -43.01 -2.26 10.03
CA VAL C 94 -42.18 -1.28 9.37
C VAL C 94 -42.19 -1.47 7.87
N THR C 95 -42.54 -0.43 7.16
CA THR C 95 -42.54 -0.48 5.73
C THR C 95 -41.34 0.28 5.26
N GLU C 96 -40.54 -0.33 4.40
CA GLU C 96 -39.33 0.32 3.91
C GLU C 96 -39.21 0.17 2.41
N ASN C 97 -38.88 1.27 1.73
CA ASN C 97 -38.68 1.27 0.28
C ASN C 97 -37.27 0.90 -0.15
N PHE C 98 -37.20 -0.18 -0.89
CA PHE C 98 -35.95 -0.75 -1.38
C PHE C 98 -35.84 -0.57 -2.89
N ASN C 99 -34.61 -0.46 -3.38
CA ASN C 99 -34.39 -0.42 -4.81
C ASN C 99 -33.04 -1.00 -5.14
N MET C 100 -33.03 -2.24 -5.57
CA MET C 100 -31.80 -2.97 -5.82
C MET C 100 -30.99 -2.40 -6.97
N TRP C 101 -31.61 -1.60 -7.81
CA TRP C 101 -30.93 -1.11 -8.98
C TRP C 101 -30.21 0.20 -8.70
N LYS C 102 -30.43 0.75 -7.51
CA LYS C 102 -29.86 2.03 -7.11
C LYS C 102 -29.08 1.83 -5.82
N ASN C 103 -28.77 0.59 -5.52
CA ASN C 103 -28.13 0.19 -4.28
C ASN C 103 -26.63 0.38 -4.31
N ASN C 104 -26.12 1.29 -3.49
CA ASN C 104 -24.70 1.64 -3.51
C ASN C 104 -23.82 0.57 -2.91
N MET C 105 -24.41 -0.45 -2.32
CA MET C 105 -23.63 -1.54 -1.75
C MET C 105 -23.03 -2.33 -2.90
N VAL C 106 -23.71 -2.28 -4.07
CA VAL C 106 -23.27 -3.02 -5.22
C VAL C 106 -22.05 -2.35 -5.77
N GLU C 107 -22.10 -1.02 -5.87
CA GLU C 107 -20.98 -0.28 -6.38
C GLU C 107 -19.82 -0.41 -5.43
N GLN C 108 -20.08 -0.39 -4.13
CA GLN C 108 -18.99 -0.54 -3.23
C GLN C 108 -18.32 -1.87 -3.41
N MET C 109 -19.10 -2.95 -3.55
CA MET C 109 -18.50 -4.25 -3.70
C MET C 109 -17.67 -4.30 -4.96
N HIS C 110 -18.15 -3.69 -6.04
CA HIS C 110 -17.43 -3.65 -7.29
C HIS C 110 -16.08 -2.98 -7.10
N GLU C 111 -16.07 -1.81 -6.46
CA GLU C 111 -14.84 -1.09 -6.29
C GLU C 111 -13.87 -1.81 -5.35
N ASP C 112 -14.36 -2.40 -4.26
CA ASP C 112 -13.44 -3.06 -3.37
C ASP C 112 -12.85 -4.30 -3.99
N ILE C 113 -13.63 -5.03 -4.78
CA ILE C 113 -13.08 -6.20 -5.40
C ILE C 113 -12.01 -5.83 -6.38
N ILE C 114 -12.22 -4.80 -7.19
CA ILE C 114 -11.19 -4.44 -8.13
C ILE C 114 -9.95 -4.03 -7.37
N SER C 115 -10.10 -3.22 -6.32
CA SER C 115 -8.93 -2.79 -5.60
C SER C 115 -8.17 -3.98 -5.04
N LEU C 116 -8.87 -4.96 -4.48
CA LEU C 116 -8.16 -6.11 -3.95
C LEU C 116 -7.44 -6.89 -5.02
N TRP C 117 -8.10 -7.08 -6.16
CA TRP C 117 -7.54 -7.83 -7.26
C TRP C 117 -6.26 -7.14 -7.71
N ASP C 118 -6.28 -5.80 -7.83
CA ASP C 118 -5.09 -5.08 -8.23
C ASP C 118 -3.99 -5.15 -7.18
N GLN C 119 -4.35 -5.07 -5.90
CA GLN C 119 -3.33 -5.13 -4.87
C GLN C 119 -2.65 -6.47 -4.85
N SER C 120 -3.43 -7.52 -5.08
CA SER C 120 -2.92 -8.87 -5.08
C SER C 120 -1.98 -9.13 -6.24
N LEU C 121 -2.37 -8.66 -7.43
CA LEU C 121 -1.58 -8.85 -8.62
C LEU C 121 -0.32 -7.99 -8.68
N LYS C 122 -0.40 -6.75 -8.23
CA LYS C 122 0.73 -5.84 -8.28
C LYS C 122 2.12 -6.42 -7.87
N PRO C 123 2.34 -6.97 -6.65
CA PRO C 123 3.65 -7.47 -6.21
C PRO C 123 3.98 -8.87 -6.74
N CYS C 124 4.06 -9.00 -8.08
CA CYS C 124 4.28 -10.25 -8.83
C CYS C 124 5.17 -9.97 -10.04
N VAL C 125 5.51 -11.03 -10.76
CA VAL C 125 6.40 -10.94 -11.92
C VAL C 125 5.78 -10.21 -13.10
N LYS C 126 6.50 -9.24 -13.64
CA LYS C 126 6.02 -8.49 -14.79
C LYS C 126 6.41 -9.25 -16.02
N LEU C 127 5.58 -9.23 -17.06
CA LEU C 127 5.96 -9.95 -18.25
C LEU C 127 6.47 -9.08 -19.37
N THR C 128 6.72 -7.81 -19.08
CA THR C 128 7.21 -6.87 -20.07
C THR C 128 8.31 -7.39 -21.00
N PRO C 129 9.43 -7.99 -20.53
CA PRO C 129 10.53 -8.42 -21.39
C PRO C 129 10.15 -9.48 -22.40
N LEU C 130 8.99 -10.11 -22.23
CA LEU C 130 8.50 -11.13 -23.15
C LEU C 130 7.74 -10.57 -24.37
N CYS C 131 7.51 -9.23 -24.44
CA CYS C 131 6.81 -8.55 -25.53
C CYS C 131 7.74 -8.39 -26.74
N VAL C 132 8.05 -9.53 -27.33
CA VAL C 132 8.96 -9.61 -28.46
C VAL C 132 8.30 -10.33 -29.59
N THR C 133 8.84 -10.20 -30.78
CA THR C 133 8.28 -10.94 -31.88
C THR C 133 8.45 -12.42 -31.64
N LEU C 134 7.37 -13.15 -31.85
CA LEU C 134 7.38 -14.59 -31.69
C LEU C 134 7.37 -15.25 -33.06
N ASN C 135 8.10 -16.37 -33.22
CA ASN C 135 8.07 -17.22 -34.41
C ASN C 135 7.16 -18.41 -34.11
N CYS C 136 5.89 -18.37 -34.61
CA CYS C 136 4.87 -19.37 -34.23
C CYS C 136 4.52 -20.30 -35.37
N THR C 137 4.46 -21.58 -35.02
CA THR C 137 4.09 -22.64 -35.93
C THR C 137 2.94 -23.49 -35.37
N ASN C 138 2.53 -24.50 -36.14
CA ASN C 138 1.45 -25.44 -35.84
C ASN C 138 1.82 -26.37 -34.67
N ALA C 139 0.94 -26.45 -33.65
CA ALA C 139 1.13 -27.23 -32.43
C ALA C 139 0.82 -28.70 -32.70
N THR C 140 1.77 -29.33 -33.35
CA THR C 140 1.61 -30.70 -33.79
C THR C 140 1.35 -31.65 -32.62
N ALA C 141 0.35 -32.50 -32.79
CA ALA C 141 -0.04 -33.48 -31.80
C ALA C 141 0.76 -34.76 -32.00
N SER C 142 0.78 -35.66 -31.01
CA SER C 142 1.37 -37.01 -31.21
C SER C 142 0.57 -37.87 -32.25
N ASN C 143 -0.65 -37.43 -32.56
CA ASN C 143 -1.65 -37.86 -33.51
C ASN C 143 -1.21 -37.27 -34.86
N SER C 144 -1.61 -37.84 -36.03
CA SER C 144 -1.25 -37.23 -37.35
C SER C 144 -2.17 -36.04 -37.67
N SER C 145 -2.10 -35.04 -36.81
CA SER C 145 -2.92 -33.84 -36.81
C SER C 145 -2.29 -32.72 -35.99
N ILE C 146 -2.86 -31.55 -36.10
CA ILE C 146 -2.44 -30.41 -35.33
C ILE C 146 -3.48 -30.17 -34.26
N ILE C 147 -3.08 -29.99 -33.01
CA ILE C 147 -4.11 -29.78 -32.03
C ILE C 147 -4.55 -28.36 -32.31
N GLU C 148 -5.84 -28.14 -32.43
CA GLU C 148 -6.29 -26.79 -32.74
C GLU C 148 -6.35 -25.97 -31.49
N GLY C 149 -6.21 -24.67 -31.64
CA GLY C 149 -6.32 -23.75 -30.52
C GLY C 149 -4.99 -23.43 -29.89
N MET C 150 -3.94 -24.10 -30.31
CA MET C 150 -2.61 -23.90 -29.77
C MET C 150 -1.60 -23.55 -30.84
N LYS C 151 -0.60 -22.76 -30.47
CA LYS C 151 0.53 -22.46 -31.32
C LYS C 151 1.83 -22.71 -30.60
N ASN C 152 2.81 -23.20 -31.33
CA ASN C 152 4.14 -23.44 -30.78
C ASN C 152 5.04 -22.27 -31.14
N CYS C 153 5.33 -21.37 -30.16
CA CYS C 153 6.04 -20.11 -30.39
C CYS C 153 7.42 -20.10 -29.79
N SER C 154 8.39 -19.64 -30.58
CA SER C 154 9.75 -19.47 -30.10
C SER C 154 10.17 -18.01 -30.14
N PHE C 155 11.06 -17.64 -29.22
CA PHE C 155 11.52 -16.27 -29.13
C PHE C 155 12.88 -16.08 -28.44
N ASN C 156 13.56 -14.93 -28.69
CA ASN C 156 14.84 -14.55 -28.07
C ASN C 156 14.61 -13.63 -26.86
N ILE C 157 14.71 -14.21 -25.65
CA ILE C 157 14.45 -13.50 -24.38
C ILE C 157 15.71 -13.22 -23.57
N THR C 158 15.87 -11.96 -23.16
CA THR C 158 16.99 -11.53 -22.34
C THR C 158 16.84 -12.20 -20.99
N THR C 159 17.93 -12.75 -20.49
CA THR C 159 17.91 -13.45 -19.20
C THR C 159 18.48 -12.62 -18.07
N GLU C 160 18.87 -13.28 -16.98
CA GLU C 160 19.34 -12.59 -15.78
C GLU C 160 20.51 -11.66 -16.08
N LEU C 161 21.41 -12.08 -16.96
CA LEU C 161 22.50 -11.21 -17.34
C LEU C 161 22.05 -10.48 -18.59
N ARG C 162 22.42 -9.23 -18.69
CA ARG C 162 22.02 -8.41 -19.83
C ARG C 162 22.84 -8.69 -21.08
N ASP C 163 23.88 -9.47 -20.91
CA ASP C 163 24.73 -9.86 -22.01
C ASP C 163 24.20 -11.09 -22.71
N LYS C 164 23.16 -11.71 -22.16
CA LYS C 164 22.72 -12.94 -22.79
C LYS C 164 21.25 -12.98 -23.10
N ARG C 165 20.96 -13.57 -24.24
CA ARG C 165 19.61 -13.81 -24.70
C ARG C 165 19.56 -15.25 -25.10
N GLU C 166 18.46 -15.91 -24.82
CA GLU C 166 18.34 -17.30 -25.21
C GLU C 166 17.07 -17.59 -25.95
N LYS C 167 17.15 -18.58 -26.83
CA LYS C 167 15.96 -18.98 -27.52
C LYS C 167 15.16 -19.91 -26.64
N LYS C 168 13.95 -19.50 -26.35
CA LYS C 168 13.02 -20.22 -25.52
C LYS C 168 11.77 -20.46 -26.30
N ASN C 169 10.97 -21.42 -25.87
CA ASN C 169 9.71 -21.62 -26.53
C ASN C 169 8.67 -22.08 -25.55
N ALA C 170 7.42 -21.94 -25.96
CA ALA C 170 6.29 -22.37 -25.18
C ALA C 170 5.08 -22.54 -26.06
N LEU C 171 4.11 -23.27 -25.56
CA LEU C 171 2.87 -23.35 -26.29
C LEU C 171 1.99 -22.26 -25.76
N PHE C 172 1.25 -21.63 -26.63
CA PHE C 172 0.31 -20.59 -26.26
C PHE C 172 -1.04 -20.86 -26.86
N TYR C 173 -2.07 -20.38 -26.20
CA TYR C 173 -3.37 -20.50 -26.79
C TYR C 173 -3.47 -19.52 -27.90
N LYS C 174 -4.08 -19.95 -28.98
CA LYS C 174 -4.29 -19.17 -30.17
C LYS C 174 -5.00 -17.87 -29.88
N LEU C 175 -5.92 -17.89 -28.93
CA LEU C 175 -6.72 -16.73 -28.60
C LEU C 175 -5.90 -15.55 -28.10
N ASP C 176 -4.73 -15.80 -27.53
CA ASP C 176 -3.92 -14.74 -26.98
C ASP C 176 -2.78 -14.29 -27.89
N ILE C 177 -2.73 -14.83 -29.10
CA ILE C 177 -1.64 -14.51 -30.00
C ILE C 177 -2.15 -13.74 -31.22
N VAL C 178 -1.54 -12.60 -31.50
CA VAL C 178 -1.98 -11.79 -32.63
C VAL C 178 -0.96 -11.70 -33.74
N GLN C 179 -1.44 -11.87 -34.96
CA GLN C 179 -0.56 -11.84 -36.13
C GLN C 179 -0.12 -10.44 -36.46
N LEU C 180 1.18 -10.27 -36.68
CA LEU C 180 1.72 -8.95 -37.00
C LEU C 180 1.58 -8.54 -38.45
N ASP C 181 1.67 -9.51 -39.35
CA ASP C 181 1.60 -9.25 -40.78
C ASP C 181 0.83 -10.35 -41.46
N GLY C 182 0.17 -10.05 -42.56
CA GLY C 182 -0.51 -11.10 -43.29
C GLY C 182 0.54 -11.97 -43.94
N ASN C 183 0.20 -13.23 -44.23
CA ASN C 183 1.11 -14.15 -44.87
C ASN C 183 2.44 -14.25 -44.12
N SER C 184 2.34 -14.30 -42.80
CA SER C 184 3.51 -14.35 -41.95
C SER C 184 3.32 -15.14 -40.68
N SER C 185 4.43 -15.73 -40.24
CA SER C 185 4.56 -16.51 -39.03
C SER C 185 4.93 -15.67 -37.83
N GLN C 186 5.04 -14.36 -38.03
CA GLN C 186 5.43 -13.50 -36.92
C GLN C 186 4.23 -12.99 -36.15
N TYR C 187 4.26 -13.23 -34.84
CA TYR C 187 3.18 -12.91 -33.91
C TYR C 187 3.64 -12.18 -32.67
N ARG C 188 2.69 -11.60 -31.99
CA ARG C 188 2.91 -10.90 -30.74
C ARG C 188 1.88 -11.31 -29.71
N LEU C 189 2.17 -11.12 -28.42
CA LEU C 189 1.14 -11.39 -27.43
C LEU C 189 0.07 -10.33 -27.62
N ILE C 190 -1.18 -10.72 -27.46
CA ILE C 190 -2.32 -9.84 -27.68
C ILE C 190 -2.36 -8.50 -26.97
N ASN C 191 -1.83 -8.40 -25.76
CA ASN C 191 -1.90 -7.10 -25.10
C ASN C 191 -0.62 -6.23 -25.05
N CYS C 192 0.48 -6.61 -25.75
CA CYS C 192 1.76 -5.89 -25.68
C CYS C 192 1.77 -4.56 -26.41
N ASN C 193 0.75 -4.29 -27.20
CA ASN C 193 0.68 -3.00 -27.86
C ASN C 193 -0.26 -2.01 -27.14
N THR C 194 -0.95 -2.44 -26.03
CA THR C 194 -1.94 -1.66 -25.31
C THR C 194 -1.61 -1.42 -23.84
N SER C 195 -1.19 -2.45 -23.12
CA SER C 195 -1.00 -2.28 -21.69
C SER C 195 -0.06 -3.31 -21.05
N ALA C 196 0.29 -3.08 -19.80
CA ALA C 196 1.15 -4.02 -19.08
C ALA C 196 0.44 -5.34 -18.81
N ILE C 197 1.21 -6.42 -18.87
CA ILE C 197 0.70 -7.74 -18.53
C ILE C 197 1.49 -8.21 -17.32
N THR C 198 0.80 -8.62 -16.26
CA THR C 198 1.47 -9.10 -15.05
C THR C 198 1.06 -10.53 -14.77
N GLN C 199 2.02 -11.37 -14.41
CA GLN C 199 1.73 -12.76 -14.10
C GLN C 199 1.22 -12.88 -12.71
N ALA C 200 0.13 -13.58 -12.54
CA ALA C 200 -0.38 -13.77 -11.20
C ALA C 200 0.60 -14.66 -10.46
N CYS C 201 0.81 -14.40 -9.15
CA CYS C 201 1.65 -15.18 -8.26
C CYS C 201 1.02 -16.59 -8.02
N PRO C 202 1.79 -17.69 -8.19
CA PRO C 202 1.35 -19.07 -8.03
C PRO C 202 1.02 -19.41 -6.59
N LYS C 203 1.49 -18.57 -5.69
CA LYS C 203 1.31 -18.72 -4.27
C LYS C 203 0.06 -18.00 -3.78
N VAL C 204 -0.69 -17.36 -4.69
CA VAL C 204 -1.88 -16.64 -4.28
C VAL C 204 -3.16 -17.25 -4.82
N SER C 205 -4.08 -17.54 -3.92
CA SER C 205 -5.36 -18.10 -4.31
C SER C 205 -6.43 -17.03 -4.38
N PHE C 206 -7.23 -17.11 -5.42
CA PHE C 206 -8.35 -16.21 -5.61
C PHE C 206 -9.69 -16.87 -5.34
N GLU C 207 -9.67 -18.08 -4.79
CA GLU C 207 -10.91 -18.79 -4.53
C GLU C 207 -11.78 -18.02 -3.55
N PRO C 208 -13.03 -17.70 -3.88
CA PRO C 208 -13.89 -16.88 -3.05
C PRO C 208 -14.27 -17.57 -1.77
N ILE C 209 -14.47 -16.77 -0.75
CA ILE C 209 -14.92 -17.26 0.52
C ILE C 209 -16.14 -16.38 0.73
N PRO C 210 -17.11 -16.73 1.55
CA PRO C 210 -18.23 -15.88 1.79
C PRO C 210 -17.75 -14.58 2.40
N ILE C 211 -18.25 -13.47 1.91
CA ILE C 211 -17.90 -12.17 2.43
C ILE C 211 -19.07 -11.48 3.06
N HIS C 212 -18.87 -10.98 4.26
CA HIS C 212 -19.93 -10.29 4.96
C HIS C 212 -19.66 -8.79 4.96
N TYR C 213 -20.61 -7.99 4.52
CA TYR C 213 -20.38 -6.55 4.59
C TYR C 213 -21.07 -6.04 5.82
N CYS C 214 -20.34 -5.27 6.66
CA CYS C 214 -20.80 -4.81 7.97
C CYS C 214 -20.84 -3.29 8.06
N ALA C 215 -21.92 -2.79 8.65
CA ALA C 215 -22.04 -1.36 8.83
C ALA C 215 -21.15 -0.91 9.99
N PRO C 216 -20.58 0.30 9.90
CA PRO C 216 -19.81 0.97 10.91
C PRO C 216 -20.73 1.51 11.98
N ALA C 217 -20.17 1.89 13.12
CA ALA C 217 -21.00 2.45 14.16
C ALA C 217 -21.76 3.66 13.63
N GLY C 218 -23.03 3.75 14.04
CA GLY C 218 -23.92 4.83 13.64
C GLY C 218 -24.81 4.43 12.48
N PHE C 219 -24.52 3.27 11.90
CA PHE C 219 -25.24 2.72 10.77
C PHE C 219 -25.76 1.33 11.02
N ALA C 220 -26.78 0.98 10.25
CA ALA C 220 -27.37 -0.35 10.31
C ALA C 220 -27.81 -0.76 8.94
N ILE C 221 -27.96 -2.06 8.72
CA ILE C 221 -28.41 -2.54 7.44
C ILE C 221 -29.80 -3.11 7.57
N LEU C 222 -30.70 -2.64 6.75
CA LEU C 222 -32.03 -3.18 6.82
C LEU C 222 -32.11 -4.27 5.78
N LYS C 223 -32.73 -5.36 6.14
CA LYS C 223 -32.89 -6.47 5.24
C LYS C 223 -34.38 -6.68 4.95
N CYS C 224 -34.72 -7.01 3.68
CA CYS C 224 -36.08 -7.32 3.26
C CYS C 224 -36.31 -8.82 3.37
N ASN C 225 -37.32 -9.21 4.14
CA ASN C 225 -37.66 -10.62 4.29
C ASN C 225 -38.93 -11.11 3.59
N ASN C 226 -39.43 -10.35 2.59
CA ASN C 226 -40.57 -10.71 1.77
C ASN C 226 -40.03 -11.58 0.61
N LYS C 227 -40.39 -12.88 0.63
CA LYS C 227 -39.92 -13.90 -0.31
C LYS C 227 -40.27 -13.61 -1.75
N THR C 228 -41.32 -12.84 -1.98
CA THR C 228 -41.73 -12.56 -3.33
C THR C 228 -41.38 -11.14 -3.76
N PHE C 229 -40.57 -10.46 -2.96
CA PHE C 229 -40.14 -9.11 -3.31
C PHE C 229 -39.32 -9.15 -4.58
N THR C 230 -39.65 -8.24 -5.49
CA THR C 230 -39.08 -8.17 -6.82
C THR C 230 -37.91 -7.23 -7.03
N GLY C 231 -37.42 -6.61 -5.97
CA GLY C 231 -36.27 -5.72 -6.05
C GLY C 231 -36.56 -4.24 -5.92
N THR C 232 -37.79 -3.82 -6.16
CA THR C 232 -38.11 -2.41 -5.98
C THR C 232 -39.41 -2.23 -5.24
N GLY C 233 -39.55 -1.08 -4.60
CA GLY C 233 -40.80 -0.72 -3.96
C GLY C 233 -40.76 -1.10 -2.49
N PRO C 234 -41.86 -0.96 -1.79
CA PRO C 234 -41.95 -1.22 -0.38
C PRO C 234 -41.83 -2.69 -0.11
N CYS C 235 -41.19 -3.03 1.01
CA CYS C 235 -41.07 -4.35 1.57
C CYS C 235 -41.82 -4.23 2.88
N ASN C 236 -42.85 -5.04 3.05
CA ASN C 236 -43.69 -4.94 4.24
C ASN C 236 -43.33 -5.85 5.43
N ASN C 237 -42.21 -6.57 5.34
CA ASN C 237 -41.66 -7.46 6.36
C ASN C 237 -40.15 -7.29 6.33
N VAL C 238 -39.60 -6.48 7.25
CA VAL C 238 -38.18 -6.12 7.28
C VAL C 238 -37.59 -6.40 8.64
N SER C 239 -36.28 -6.48 8.67
CA SER C 239 -35.53 -6.70 9.88
C SER C 239 -34.22 -5.96 9.86
N THR C 240 -33.61 -5.80 11.01
CA THR C 240 -32.34 -5.11 11.09
C THR C 240 -31.20 -6.04 11.45
N VAL C 241 -30.13 -5.91 10.69
CA VAL C 241 -28.92 -6.67 10.90
C VAL C 241 -27.74 -5.72 10.92
N GLN C 242 -26.62 -6.14 11.48
CA GLN C 242 -25.43 -5.30 11.39
C GLN C 242 -24.53 -5.64 10.18
N CYS C 243 -24.52 -6.93 9.77
CA CYS C 243 -23.73 -7.51 8.69
C CYS C 243 -24.66 -8.27 7.76
N THR C 244 -24.29 -8.32 6.48
CA THR C 244 -25.01 -9.10 5.49
C THR C 244 -24.61 -10.53 5.69
N HIS C 245 -25.28 -11.44 5.01
CA HIS C 245 -24.89 -12.82 5.08
C HIS C 245 -23.65 -12.93 4.26
N GLY C 246 -23.05 -14.11 4.24
CA GLY C 246 -21.82 -14.24 3.48
C GLY C 246 -22.08 -14.50 2.02
N ILE C 247 -21.63 -13.59 1.19
CA ILE C 247 -21.80 -13.70 -0.25
C ILE C 247 -20.48 -14.01 -0.87
N LYS C 248 -20.36 -15.12 -1.58
CA LYS C 248 -19.09 -15.38 -2.24
C LYS C 248 -19.02 -14.51 -3.46
N PRO C 249 -17.97 -13.74 -3.68
CA PRO C 249 -17.81 -13.02 -4.92
C PRO C 249 -17.69 -14.08 -5.98
N VAL C 250 -18.38 -13.94 -7.09
CA VAL C 250 -18.24 -14.89 -8.16
C VAL C 250 -18.07 -14.14 -9.46
N VAL C 251 -17.11 -14.52 -10.26
CA VAL C 251 -16.99 -13.84 -11.53
C VAL C 251 -17.54 -14.75 -12.58
N SER C 252 -18.69 -14.39 -13.12
CA SER C 252 -19.35 -15.21 -14.12
C SER C 252 -20.20 -14.39 -15.06
N THR C 253 -20.20 -14.75 -16.34
CA THR C 253 -21.06 -14.06 -17.29
C THR C 253 -22.18 -14.97 -17.72
N GLN C 254 -23.26 -14.41 -18.27
CA GLN C 254 -24.42 -15.15 -18.82
C GLN C 254 -25.20 -15.96 -17.79
N LEU C 255 -24.55 -16.88 -17.11
CA LEU C 255 -25.18 -17.64 -16.07
C LEU C 255 -24.67 -17.15 -14.74
N LEU C 256 -25.53 -17.20 -13.74
CA LEU C 256 -25.17 -16.82 -12.39
C LEU C 256 -24.87 -18.06 -11.60
N LEU C 257 -23.61 -18.20 -11.17
CA LEU C 257 -23.19 -19.38 -10.43
C LEU C 257 -22.96 -19.14 -8.94
N ASN C 258 -23.22 -20.19 -8.12
CA ASN C 258 -22.96 -20.34 -6.68
C ASN C 258 -23.58 -19.22 -5.80
N GLY C 259 -24.79 -18.77 -6.14
CA GLY C 259 -25.55 -17.75 -5.39
C GLY C 259 -26.58 -18.42 -4.51
N SER C 260 -27.46 -17.61 -3.96
CA SER C 260 -28.51 -18.13 -3.13
C SER C 260 -29.70 -18.45 -4.02
N LEU C 261 -30.64 -19.23 -3.53
CA LEU C 261 -31.83 -19.52 -4.32
C LEU C 261 -33.02 -18.72 -3.87
N ALA C 262 -33.92 -18.52 -4.81
CA ALA C 262 -35.19 -17.86 -4.58
C ALA C 262 -36.10 -18.79 -3.83
N GLU C 263 -37.05 -18.23 -3.14
CA GLU C 263 -38.07 -19.01 -2.48
C GLU C 263 -39.36 -18.50 -3.06
N GLY C 264 -40.42 -19.29 -3.09
CA GLY C 264 -41.65 -18.74 -3.62
C GLY C 264 -41.68 -18.67 -5.14
N GLU C 265 -41.00 -19.62 -5.79
CA GLU C 265 -40.88 -19.74 -7.26
C GLU C 265 -39.81 -18.83 -7.86
N ILE C 266 -39.68 -18.89 -9.18
CA ILE C 266 -38.70 -18.14 -9.93
C ILE C 266 -39.11 -16.68 -10.03
N ILE C 267 -38.18 -15.79 -9.72
CA ILE C 267 -38.48 -14.37 -9.75
C ILE C 267 -37.78 -13.68 -10.89
N ILE C 268 -38.56 -12.94 -11.67
CA ILE C 268 -37.99 -12.21 -12.78
C ILE C 268 -37.74 -10.80 -12.28
N ARG C 269 -36.49 -10.38 -12.26
CA ARG C 269 -36.16 -9.08 -11.69
C ARG C 269 -35.64 -8.13 -12.75
N SER C 270 -36.18 -6.94 -12.81
CA SER C 270 -35.67 -6.00 -13.78
C SER C 270 -35.88 -4.60 -13.28
N GLU C 271 -35.07 -3.67 -13.76
CA GLU C 271 -35.27 -2.26 -13.43
C GLU C 271 -36.59 -1.79 -13.99
N ASN C 272 -36.87 -2.27 -15.20
CA ASN C 272 -38.08 -1.96 -15.93
C ASN C 272 -38.32 -3.14 -16.88
N ILE C 273 -39.36 -3.93 -16.64
CA ILE C 273 -39.57 -5.13 -17.44
C ILE C 273 -40.02 -4.82 -18.87
N THR C 274 -40.81 -3.76 -19.01
CA THR C 274 -41.35 -3.30 -20.29
C THR C 274 -40.24 -2.79 -21.21
N ASP C 275 -39.28 -2.10 -20.62
CA ASP C 275 -38.16 -1.50 -21.32
C ASP C 275 -37.13 -2.55 -21.74
N ASN C 276 -36.96 -2.74 -23.04
CA ASN C 276 -36.08 -3.81 -23.50
C ASN C 276 -34.64 -3.35 -23.58
N GLY C 277 -34.36 -2.16 -23.07
CA GLY C 277 -33.00 -1.67 -23.04
C GLY C 277 -32.30 -2.08 -21.74
N LYS C 278 -33.02 -2.77 -20.85
CA LYS C 278 -32.43 -3.16 -19.57
C LYS C 278 -32.35 -4.66 -19.40
N THR C 279 -31.42 -5.08 -18.56
CA THR C 279 -31.17 -6.47 -18.21
C THR C 279 -32.21 -7.09 -17.29
N ILE C 280 -32.57 -8.34 -17.57
CA ILE C 280 -33.45 -9.11 -16.73
C ILE C 280 -32.68 -10.18 -15.97
N LEU C 281 -32.80 -10.17 -14.67
CA LEU C 281 -32.12 -11.20 -13.91
C LEU C 281 -33.14 -12.22 -13.51
N VAL C 282 -32.86 -13.47 -13.83
CA VAL C 282 -33.80 -14.51 -13.47
C VAL C 282 -33.23 -15.23 -12.28
N HIS C 283 -33.95 -15.19 -11.19
CA HIS C 283 -33.46 -15.82 -9.98
C HIS C 283 -34.24 -17.10 -9.76
N LEU C 284 -33.53 -18.23 -9.84
CA LEU C 284 -34.18 -19.53 -9.76
C LEU C 284 -34.38 -19.95 -8.31
N ASN C 285 -35.44 -20.77 -8.04
CA ASN C 285 -35.71 -21.36 -6.72
C ASN C 285 -35.09 -22.77 -6.54
N GLU C 286 -34.56 -23.37 -7.63
CA GLU C 286 -33.92 -24.68 -7.70
C GLU C 286 -32.70 -24.49 -8.55
N SER C 287 -31.60 -25.10 -8.17
CA SER C 287 -30.38 -24.99 -8.92
C SER C 287 -30.27 -26.00 -10.05
N VAL C 288 -29.38 -25.71 -10.98
CA VAL C 288 -29.05 -26.66 -12.03
C VAL C 288 -27.60 -27.05 -11.84
N LYS C 289 -27.33 -28.33 -11.71
CA LYS C 289 -25.96 -28.75 -11.50
C LYS C 289 -25.16 -28.69 -12.76
N ILE C 290 -24.01 -28.04 -12.71
CA ILE C 290 -23.13 -27.99 -13.86
C ILE C 290 -21.76 -28.54 -13.51
N GLU C 291 -21.27 -29.47 -14.30
CA GLU C 291 -19.94 -30.01 -14.06
C GLU C 291 -19.01 -29.69 -15.22
N CYS C 292 -17.95 -28.90 -14.96
CA CYS C 292 -17.00 -28.43 -15.96
C CYS C 292 -15.65 -29.07 -15.78
N THR C 293 -15.04 -29.41 -16.88
CA THR C 293 -13.76 -30.02 -16.79
C THR C 293 -12.81 -29.72 -17.92
N ARG C 294 -11.55 -29.88 -17.58
CA ARG C 294 -10.47 -29.78 -18.51
C ARG C 294 -9.77 -31.14 -18.51
N PRO C 295 -10.09 -32.03 -19.47
CA PRO C 295 -9.64 -33.41 -19.52
C PRO C 295 -8.23 -33.59 -20.02
N ASN C 296 -7.29 -32.92 -19.39
CA ASN C 296 -5.90 -33.08 -19.75
C ASN C 296 -5.01 -32.73 -18.55
N ASN C 297 -3.71 -33.01 -18.66
CA ASN C 297 -2.67 -32.76 -17.67
C ASN C 297 -1.54 -31.95 -18.31
N LYS C 298 -1.44 -30.64 -17.97
CA LYS C 298 -0.43 -29.77 -18.57
C LYS C 298 0.87 -29.82 -17.79
N THR C 299 1.96 -29.67 -18.51
CA THR C 299 3.28 -29.56 -17.90
C THR C 299 3.83 -28.23 -18.28
N ARG C 300 4.51 -27.59 -17.35
CA ARG C 300 4.96 -26.24 -17.59
C ARG C 300 6.46 -26.08 -17.53
N THR C 301 6.91 -25.08 -18.26
CA THR C 301 8.30 -24.71 -18.34
C THR C 301 8.52 -23.36 -17.69
N SER C 302 9.58 -23.26 -16.90
CA SER C 302 9.89 -22.02 -16.20
C SER C 302 11.02 -21.25 -16.84
N ILE C 303 10.73 -20.03 -17.25
CA ILE C 303 11.70 -19.18 -17.92
C ILE C 303 12.09 -18.02 -17.02
N ARG C 304 13.37 -17.89 -16.73
CA ARG C 304 13.79 -16.82 -15.87
C ARG C 304 14.07 -15.60 -16.73
N ILE C 305 13.35 -14.52 -16.45
CA ILE C 305 13.41 -13.30 -17.24
C ILE C 305 13.93 -12.13 -16.43
N GLY C 306 14.59 -12.45 -15.32
CA GLY C 306 15.14 -11.44 -14.44
C GLY C 306 15.51 -12.06 -13.10
N PRO C 307 15.88 -11.25 -12.10
CA PRO C 307 16.38 -11.64 -10.79
C PRO C 307 15.29 -12.22 -9.90
N GLY C 308 14.93 -13.47 -10.19
CA GLY C 308 13.86 -14.17 -9.47
C GLY C 308 12.54 -14.02 -10.20
N GLN C 309 12.61 -13.48 -11.40
CA GLN C 309 11.44 -13.24 -12.18
C GLN C 309 11.05 -14.47 -12.98
N ALA C 310 10.39 -15.40 -12.31
CA ALA C 310 10.04 -16.66 -12.96
C ALA C 310 8.73 -16.60 -13.73
N PHE C 311 8.82 -16.77 -15.05
CA PHE C 311 7.68 -16.80 -15.95
C PHE C 311 7.28 -18.21 -16.25
N TYR C 312 6.00 -18.51 -16.13
CA TYR C 312 5.59 -19.87 -16.42
C TYR C 312 4.77 -19.93 -17.67
N ALA C 313 5.03 -20.95 -18.47
CA ALA C 313 4.30 -21.14 -19.72
C ALA C 313 4.13 -22.61 -20.04
N THR C 314 3.13 -22.91 -20.85
CA THR C 314 2.87 -24.30 -21.16
C THR C 314 4.01 -24.92 -21.93
N GLY C 315 4.49 -26.07 -21.48
CA GLY C 315 5.56 -26.75 -22.17
C GLY C 315 4.98 -27.78 -23.12
N GLN C 316 4.02 -28.52 -22.62
CA GLN C 316 3.40 -29.62 -23.35
C GLN C 316 2.04 -29.95 -22.76
N VAL C 317 1.14 -30.50 -23.58
CA VAL C 317 -0.17 -30.94 -23.07
C VAL C 317 -0.39 -32.44 -23.22
N ILE C 318 -0.65 -33.17 -22.13
CA ILE C 318 -0.88 -34.60 -22.25
C ILE C 318 -2.34 -34.92 -21.94
N GLY C 319 -3.08 -35.57 -22.83
CA GLY C 319 -4.49 -35.80 -22.50
C GLY C 319 -5.41 -35.95 -23.69
N ASP C 320 -6.65 -35.50 -23.54
CA ASP C 320 -7.63 -35.61 -24.60
C ASP C 320 -7.37 -34.50 -25.61
N ILE C 321 -8.15 -34.46 -26.66
CA ILE C 321 -7.96 -33.45 -27.70
C ILE C 321 -9.01 -32.36 -27.60
N ARG C 322 -9.98 -32.57 -26.72
CA ARG C 322 -10.97 -31.57 -26.43
C ARG C 322 -10.30 -30.68 -25.41
N GLU C 323 -10.27 -29.38 -25.63
CA GLU C 323 -9.54 -28.58 -24.67
C GLU C 323 -10.26 -28.52 -23.34
N ALA C 324 -11.56 -28.36 -23.39
CA ALA C 324 -12.39 -28.27 -22.21
C ALA C 324 -13.85 -28.47 -22.60
N TYR C 325 -14.68 -28.85 -21.63
CA TYR C 325 -16.12 -28.93 -21.86
C TYR C 325 -16.91 -28.87 -20.55
N CYS C 326 -18.24 -28.58 -20.62
CA CYS C 326 -19.16 -28.63 -19.45
C CYS C 326 -20.35 -29.55 -19.72
N ASN C 327 -20.68 -30.32 -18.69
CA ASN C 327 -21.75 -31.31 -18.63
C ASN C 327 -22.97 -30.77 -17.83
N ILE C 328 -24.12 -30.53 -18.51
CA ILE C 328 -25.40 -30.05 -17.91
C ILE C 328 -26.49 -31.08 -18.13
N SER C 329 -27.16 -31.54 -17.07
CA SER C 329 -28.18 -32.58 -17.28
C SER C 329 -29.26 -32.05 -18.19
N GLU C 330 -29.72 -32.87 -19.13
CA GLU C 330 -30.69 -32.37 -20.09
C GLU C 330 -32.06 -32.18 -19.50
N SER C 331 -32.50 -33.12 -18.69
CA SER C 331 -33.85 -32.97 -18.16
C SER C 331 -33.90 -31.84 -17.17
N THR C 332 -32.81 -31.61 -16.45
CA THR C 332 -32.83 -30.56 -15.46
C THR C 332 -32.90 -29.22 -16.15
N TRP C 333 -32.07 -29.05 -17.19
CA TRP C 333 -32.10 -27.80 -17.91
C TRP C 333 -33.45 -27.56 -18.58
N ASN C 334 -34.06 -28.61 -19.21
CA ASN C 334 -35.33 -28.52 -19.91
C ASN C 334 -36.48 -28.12 -18.96
N GLU C 335 -36.51 -28.68 -17.71
CA GLU C 335 -37.52 -28.32 -16.69
C GLU C 335 -37.30 -26.89 -16.22
N THR C 336 -36.04 -26.50 -16.09
CA THR C 336 -35.74 -25.17 -15.64
C THR C 336 -36.26 -24.18 -16.63
N LEU C 337 -36.03 -24.40 -17.93
CA LEU C 337 -36.55 -23.45 -18.86
C LEU C 337 -38.05 -23.45 -18.85
N GLY C 338 -38.70 -24.59 -18.77
CA GLY C 338 -40.14 -24.53 -18.82
C GLY C 338 -40.70 -23.64 -17.70
N LYS C 339 -40.09 -23.75 -16.51
CA LYS C 339 -40.52 -22.93 -15.40
C LYS C 339 -40.21 -21.44 -15.62
N VAL C 340 -39.04 -21.13 -16.19
CA VAL C 340 -38.68 -19.75 -16.46
C VAL C 340 -39.64 -19.16 -17.46
N VAL C 341 -39.97 -19.92 -18.47
CA VAL C 341 -40.88 -19.49 -19.51
C VAL C 341 -42.26 -19.22 -18.95
N LYS C 342 -42.74 -20.10 -18.09
CA LYS C 342 -44.04 -19.87 -17.49
C LYS C 342 -44.06 -18.50 -16.81
N GLN C 343 -42.98 -18.14 -16.12
CA GLN C 343 -42.91 -16.83 -15.50
C GLN C 343 -42.70 -15.71 -16.50
N LEU C 344 -41.90 -15.89 -17.53
CA LEU C 344 -41.70 -14.79 -18.46
C LEU C 344 -43.00 -14.43 -19.16
N ARG C 345 -43.82 -15.42 -19.45
CA ARG C 345 -45.06 -15.14 -20.16
C ARG C 345 -46.12 -14.47 -19.29
N LYS C 346 -45.88 -14.29 -17.99
CA LYS C 346 -46.91 -13.61 -17.21
C LYS C 346 -46.66 -12.11 -17.38
N HIS C 347 -45.48 -11.76 -17.93
CA HIS C 347 -45.11 -10.37 -18.14
C HIS C 347 -45.32 -10.06 -19.61
N PHE C 348 -45.23 -11.10 -20.43
CA PHE C 348 -45.42 -10.98 -21.84
C PHE C 348 -46.44 -12.04 -22.30
N PRO C 349 -47.71 -11.94 -21.89
CA PRO C 349 -48.78 -12.89 -22.16
C PRO C 349 -49.22 -12.82 -23.60
N HIS C 350 -49.78 -13.92 -24.09
CA HIS C 350 -50.35 -14.05 -25.43
C HIS C 350 -49.34 -13.77 -26.52
N LYS C 351 -48.09 -14.12 -26.27
CA LYS C 351 -47.00 -13.93 -27.21
C LYS C 351 -46.15 -15.16 -27.11
N ASN C 352 -45.47 -15.53 -28.19
CA ASN C 352 -44.58 -16.68 -28.07
C ASN C 352 -43.20 -16.17 -27.76
N ILE C 353 -42.38 -16.99 -27.11
CA ILE C 353 -41.03 -16.50 -26.88
C ILE C 353 -39.99 -17.48 -27.32
N THR C 354 -38.79 -16.98 -27.50
CA THR C 354 -37.68 -17.84 -27.86
C THR C 354 -36.40 -17.46 -27.19
N PHE C 355 -35.55 -18.45 -27.03
CA PHE C 355 -34.22 -18.26 -26.51
C PHE C 355 -33.23 -18.46 -27.60
N GLN C 356 -32.38 -17.48 -27.77
CA GLN C 356 -31.36 -17.47 -28.79
C GLN C 356 -29.99 -17.25 -28.16
N PRO C 357 -28.87 -17.63 -28.79
CA PRO C 357 -27.50 -17.37 -28.39
C PRO C 357 -27.17 -15.89 -28.36
N SER C 358 -26.14 -15.53 -27.61
CA SER C 358 -25.73 -14.13 -27.56
C SER C 358 -25.41 -13.67 -28.97
N SER C 359 -25.84 -12.47 -29.32
CA SER C 359 -25.70 -11.93 -30.66
C SER C 359 -24.34 -11.44 -31.12
N GLY C 360 -23.43 -11.11 -30.21
CA GLY C 360 -22.15 -10.61 -30.70
C GLY C 360 -21.28 -10.03 -29.61
N GLY C 361 -20.08 -9.61 -30.00
CA GLY C 361 -19.12 -9.06 -29.06
C GLY C 361 -17.99 -10.06 -28.85
N ASP C 362 -17.14 -9.79 -27.86
CA ASP C 362 -15.98 -10.61 -27.58
C ASP C 362 -16.27 -11.83 -26.71
N LEU C 363 -15.24 -12.59 -26.36
CA LEU C 363 -15.51 -13.81 -25.62
C LEU C 363 -16.14 -13.57 -24.27
N GLU C 364 -15.75 -12.51 -23.58
CA GLU C 364 -16.31 -12.32 -22.26
C GLU C 364 -17.82 -12.13 -22.33
N VAL C 365 -18.33 -11.47 -23.36
CA VAL C 365 -19.78 -11.34 -23.43
C VAL C 365 -20.50 -12.48 -24.17
N THR C 366 -19.89 -13.09 -25.21
CA THR C 366 -20.59 -14.10 -25.99
C THR C 366 -20.52 -15.49 -25.41
N THR C 367 -19.55 -15.75 -24.54
CA THR C 367 -19.44 -17.07 -23.93
C THR C 367 -19.68 -16.99 -22.46
N HIS C 368 -19.82 -18.13 -21.82
CA HIS C 368 -19.93 -18.16 -20.38
C HIS C 368 -18.55 -18.21 -19.82
N SER C 369 -18.15 -17.08 -19.27
CA SER C 369 -16.82 -16.90 -18.74
C SER C 369 -16.77 -17.14 -17.26
N PHE C 370 -15.85 -17.99 -16.82
CA PHE C 370 -15.69 -18.25 -15.39
C PHE C 370 -14.33 -18.81 -14.99
N ASN C 371 -14.03 -18.66 -13.70
CA ASN C 371 -12.83 -19.20 -13.06
C ASN C 371 -13.08 -20.61 -12.52
N CYS C 372 -12.37 -21.63 -13.06
CA CYS C 372 -12.51 -23.03 -12.70
C CYS C 372 -11.18 -23.58 -12.19
N GLY C 373 -11.00 -23.56 -10.88
CA GLY C 373 -9.77 -24.06 -10.30
C GLY C 373 -8.57 -23.19 -10.61
N GLY C 374 -8.78 -21.91 -10.90
CA GLY C 374 -7.70 -21.02 -11.28
C GLY C 374 -7.57 -20.92 -12.80
N GLU C 375 -8.25 -21.81 -13.53
CA GLU C 375 -8.17 -21.75 -14.98
C GLU C 375 -9.31 -20.89 -15.52
N PHE C 376 -9.13 -20.30 -16.71
CA PHE C 376 -10.21 -19.48 -17.23
C PHE C 376 -10.89 -20.02 -18.47
N PHE C 377 -12.16 -20.36 -18.26
CA PHE C 377 -13.01 -20.98 -19.24
C PHE C 377 -13.92 -19.99 -19.91
N TYR C 378 -14.10 -20.18 -21.21
CA TYR C 378 -15.02 -19.43 -22.07
C TYR C 378 -15.89 -20.41 -22.86
N CYS C 379 -17.05 -20.82 -22.30
CA CYS C 379 -17.91 -21.90 -22.80
C CYS C 379 -19.02 -21.43 -23.74
N ASN C 380 -19.29 -22.26 -24.75
CA ASN C 380 -20.34 -22.00 -25.72
C ASN C 380 -21.70 -22.49 -25.19
N THR C 381 -22.63 -21.55 -24.94
CA THR C 381 -23.95 -21.74 -24.36
C THR C 381 -25.05 -21.79 -25.40
N SER C 382 -24.69 -21.88 -26.69
CA SER C 382 -25.70 -21.95 -27.74
C SER C 382 -26.46 -23.25 -27.65
N GLY C 383 -25.89 -24.22 -26.95
CA GLY C 383 -26.51 -25.51 -26.77
C GLY C 383 -27.60 -25.45 -25.70
N LEU C 384 -27.67 -24.33 -24.98
CA LEU C 384 -28.67 -24.16 -23.95
C LEU C 384 -29.74 -23.22 -24.42
N PHE C 385 -29.33 -22.07 -24.90
CA PHE C 385 -30.27 -21.05 -25.31
C PHE C 385 -30.67 -21.12 -26.77
N ASN C 386 -31.32 -22.24 -27.15
CA ASN C 386 -31.81 -22.51 -28.50
C ASN C 386 -33.14 -23.27 -28.42
N SER C 387 -34.26 -22.53 -28.21
CA SER C 387 -35.61 -23.11 -28.07
C SER C 387 -36.72 -22.12 -28.40
N THR C 388 -37.88 -22.64 -28.76
CA THR C 388 -39.06 -21.81 -28.97
C THR C 388 -40.17 -22.32 -28.07
N TRP C 389 -41.02 -21.41 -27.56
CA TRP C 389 -42.12 -21.70 -26.65
C TRP C 389 -43.39 -20.98 -27.11
N ASP C 405 -29.28 -38.62 -19.62
CA ASP C 405 -29.28 -37.70 -20.76
C ASP C 405 -28.68 -36.35 -20.32
N SER C 406 -27.68 -35.84 -21.09
CA SER C 406 -26.98 -34.58 -20.80
C SER C 406 -26.52 -33.84 -22.05
N ILE C 407 -26.24 -32.56 -21.82
CA ILE C 407 -25.80 -31.56 -22.78
C ILE C 407 -24.32 -31.22 -22.62
N THR C 408 -23.56 -31.23 -23.71
CA THR C 408 -22.16 -30.84 -23.62
C THR C 408 -21.93 -29.46 -24.19
N LEU C 409 -21.30 -28.61 -23.42
CA LEU C 409 -20.94 -27.31 -23.91
C LEU C 409 -19.45 -27.35 -24.21
N PRO C 410 -18.99 -27.12 -25.44
CA PRO C 410 -17.58 -27.11 -25.73
C PRO C 410 -17.06 -25.85 -25.07
N CYS C 411 -15.80 -25.85 -24.56
CA CYS C 411 -15.20 -24.68 -23.90
C CYS C 411 -13.79 -24.37 -24.39
N ARG C 412 -13.47 -23.08 -24.41
CA ARG C 412 -12.14 -22.62 -24.74
C ARG C 412 -11.41 -22.13 -23.51
N ILE C 413 -10.08 -22.15 -23.58
CA ILE C 413 -9.23 -21.68 -22.50
C ILE C 413 -8.39 -20.49 -22.94
N LYS C 414 -8.31 -19.48 -22.08
CA LYS C 414 -7.54 -18.27 -22.37
C LYS C 414 -6.60 -17.97 -21.20
N GLN C 415 -5.39 -17.42 -21.45
CA GLN C 415 -4.48 -17.11 -20.35
C GLN C 415 -4.29 -15.64 -20.05
N ILE C 416 -4.37 -14.80 -21.05
CA ILE C 416 -4.20 -13.38 -20.76
C ILE C 416 -5.58 -12.77 -20.71
N ILE C 417 -6.01 -12.38 -19.53
CA ILE C 417 -7.37 -11.93 -19.35
C ILE C 417 -7.53 -10.58 -18.70
N ASN C 418 -8.71 -10.01 -18.90
CA ASN C 418 -9.06 -8.76 -18.25
C ASN C 418 -10.14 -8.99 -17.20
N MET C 419 -11.36 -9.33 -17.65
CA MET C 419 -12.57 -9.56 -16.84
C MET C 419 -13.01 -8.34 -16.04
N TRP C 420 -12.52 -7.21 -16.46
CA TRP C 420 -12.86 -5.91 -15.92
C TRP C 420 -12.98 -4.97 -17.09
N GLN C 421 -13.73 -3.89 -16.90
CA GLN C 421 -13.88 -2.88 -17.94
C GLN C 421 -12.59 -2.11 -18.21
N GLU C 422 -11.67 -2.19 -17.27
CA GLU C 422 -10.38 -1.54 -17.36
C GLU C 422 -9.42 -2.45 -18.10
N VAL C 423 -8.70 -1.88 -19.07
CA VAL C 423 -7.74 -2.65 -19.85
C VAL C 423 -6.32 -2.16 -19.63
N GLY C 424 -6.15 -1.31 -18.62
CA GLY C 424 -4.87 -0.67 -18.27
C GLY C 424 -3.83 -1.66 -17.77
N ARG C 425 -4.31 -2.83 -17.42
CA ARG C 425 -3.49 -3.94 -16.99
C ARG C 425 -4.24 -5.23 -17.24
N ALA C 426 -3.50 -6.24 -17.66
CA ALA C 426 -4.06 -7.57 -17.86
C ALA C 426 -3.36 -8.56 -16.95
N MET C 427 -4.08 -9.60 -16.59
CA MET C 427 -3.50 -10.66 -15.79
C MET C 427 -3.13 -11.83 -16.64
N TYR C 428 -1.98 -12.40 -16.38
CA TYR C 428 -1.61 -13.62 -17.04
C TYR C 428 -1.74 -14.77 -16.08
N ALA C 429 -2.49 -15.76 -16.50
CA ALA C 429 -2.71 -16.92 -15.72
C ALA C 429 -1.70 -17.99 -16.11
N PRO C 430 -0.79 -18.39 -15.23
CA PRO C 430 0.25 -19.35 -15.50
C PRO C 430 -0.45 -20.66 -15.64
N PRO C 431 0.12 -21.64 -16.30
CA PRO C 431 -0.42 -22.96 -16.47
C PRO C 431 -0.53 -23.71 -15.18
N ILE C 432 -1.58 -24.51 -15.10
CA ILE C 432 -1.90 -25.34 -13.97
C ILE C 432 -1.73 -26.81 -14.30
N GLN C 433 -0.91 -27.47 -13.53
CA GLN C 433 -0.61 -28.88 -13.69
C GLN C 433 -1.75 -29.70 -13.12
N GLY C 434 -1.95 -30.93 -13.61
CA GLY C 434 -3.03 -31.76 -13.10
C GLY C 434 -4.26 -31.51 -13.96
N ASN C 435 -5.29 -32.37 -13.82
CA ASN C 435 -6.56 -32.21 -14.53
C ASN C 435 -7.51 -31.42 -13.62
N ILE C 436 -8.48 -30.71 -14.23
CA ILE C 436 -9.44 -29.89 -13.45
C ILE C 436 -10.88 -30.30 -13.62
N THR C 437 -11.53 -30.48 -12.49
CA THR C 437 -12.96 -30.74 -12.45
C THR C 437 -13.58 -29.74 -11.45
N CYS C 438 -14.64 -29.03 -11.88
CA CYS C 438 -15.39 -28.06 -11.08
C CYS C 438 -16.85 -28.42 -11.11
N VAL C 439 -17.47 -28.39 -9.96
CA VAL C 439 -18.89 -28.60 -9.90
C VAL C 439 -19.49 -27.39 -9.26
N SER C 440 -20.44 -26.80 -9.92
CA SER C 440 -21.03 -25.60 -9.39
C SER C 440 -22.54 -25.60 -9.61
N ASN C 441 -23.23 -24.69 -8.92
CA ASN C 441 -24.68 -24.53 -8.94
C ASN C 441 -25.10 -23.31 -9.76
N ILE C 442 -25.93 -23.50 -10.81
CA ILE C 442 -26.48 -22.38 -11.59
C ILE C 442 -27.70 -21.95 -10.82
N THR C 443 -27.68 -20.72 -10.33
CA THR C 443 -28.74 -20.21 -9.49
C THR C 443 -29.56 -19.16 -10.21
N GLY C 444 -29.09 -18.75 -11.37
CA GLY C 444 -29.82 -17.77 -12.13
C GLY C 444 -29.29 -17.53 -13.52
N LEU C 445 -30.02 -16.72 -14.25
CA LEU C 445 -29.68 -16.40 -15.63
C LEU C 445 -29.59 -14.90 -15.84
N ILE C 446 -28.75 -14.44 -16.75
CA ILE C 446 -28.80 -13.05 -17.12
C ILE C 446 -29.36 -12.96 -18.51
N LEU C 447 -30.54 -12.36 -18.66
CA LEU C 447 -31.12 -12.32 -19.99
C LEU C 447 -31.35 -10.92 -20.49
N THR C 448 -31.20 -10.76 -21.78
CA THR C 448 -31.54 -9.51 -22.42
C THR C 448 -32.67 -9.79 -23.37
N ARG C 449 -33.72 -9.01 -23.26
CA ARG C 449 -34.86 -9.17 -24.14
C ARG C 449 -34.66 -8.27 -25.36
N ASP C 450 -35.00 -8.76 -26.56
CA ASP C 450 -34.94 -8.03 -27.83
C ASP C 450 -36.20 -8.29 -28.65
N ASN C 455 -47.00 -11.80 -32.28
CA ASN C 455 -45.58 -11.51 -32.35
C ASN C 455 -44.86 -12.41 -31.33
N THR C 456 -43.51 -12.29 -31.30
CA THR C 456 -42.62 -13.02 -30.39
C THR C 456 -41.62 -12.12 -29.71
N GLU C 457 -41.07 -12.61 -28.61
CA GLU C 457 -39.97 -11.92 -27.92
C GLU C 457 -38.75 -12.80 -27.93
N THR C 458 -37.57 -12.20 -28.04
CA THR C 458 -36.35 -12.97 -28.02
C THR C 458 -35.52 -12.69 -26.79
N PHE C 459 -35.11 -13.75 -26.11
CA PHE C 459 -34.26 -13.60 -24.96
C PHE C 459 -32.91 -14.17 -25.28
N ARG C 460 -31.86 -13.43 -24.94
CA ARG C 460 -30.52 -13.91 -25.18
C ARG C 460 -29.69 -13.86 -23.91
N PRO C 461 -28.76 -14.78 -23.71
CA PRO C 461 -27.87 -14.87 -22.58
C PRO C 461 -26.80 -13.85 -22.74
N GLY C 462 -27.17 -12.61 -22.54
CA GLY C 462 -26.24 -11.52 -22.76
C GLY C 462 -25.33 -11.36 -21.56
N GLY C 463 -24.46 -10.36 -21.65
CA GLY C 463 -23.48 -10.09 -20.62
C GLY C 463 -23.95 -8.98 -19.71
N GLY C 464 -23.00 -8.28 -19.09
CA GLY C 464 -23.31 -7.23 -18.15
C GLY C 464 -22.01 -6.59 -17.68
N ASP C 465 -22.09 -5.77 -16.64
CA ASP C 465 -20.95 -5.02 -16.11
C ASP C 465 -20.35 -5.70 -14.90
N MET C 466 -20.76 -6.94 -14.73
CA MET C 466 -20.36 -7.84 -13.67
C MET C 466 -20.88 -7.36 -12.34
N ARG C 467 -21.78 -6.36 -12.33
CA ARG C 467 -22.34 -5.91 -11.08
C ARG C 467 -23.53 -6.77 -10.77
N ASP C 468 -24.01 -7.46 -11.79
CA ASP C 468 -25.18 -8.33 -11.73
C ASP C 468 -24.95 -9.46 -10.78
N ASN C 469 -23.69 -9.81 -10.61
CA ASN C 469 -23.31 -10.91 -9.76
C ASN C 469 -23.36 -10.52 -8.30
N TRP C 470 -23.61 -9.24 -8.04
CA TRP C 470 -23.72 -8.72 -6.71
C TRP C 470 -25.15 -8.20 -6.54
N ARG C 471 -25.72 -7.63 -7.60
CA ARG C 471 -27.09 -7.11 -7.50
C ARG C 471 -28.03 -8.23 -7.13
N SER C 472 -27.77 -9.42 -7.65
CA SER C 472 -28.60 -10.58 -7.40
C SER C 472 -28.54 -11.10 -5.96
N GLU C 473 -27.54 -10.69 -5.17
CA GLU C 473 -27.44 -11.13 -3.79
C GLU C 473 -27.72 -10.00 -2.80
N LEU C 474 -27.39 -8.78 -3.20
CA LEU C 474 -27.52 -7.62 -2.35
C LEU C 474 -28.86 -6.93 -2.48
N TYR C 475 -29.77 -7.49 -3.25
CA TYR C 475 -31.08 -6.90 -3.49
C TYR C 475 -31.90 -6.81 -2.22
N LYS C 476 -31.57 -7.61 -1.22
CA LYS C 476 -32.31 -7.60 0.01
C LYS C 476 -31.79 -6.58 0.99
N TYR C 477 -30.68 -5.91 0.71
CA TYR C 477 -30.13 -5.04 1.74
C TYR C 477 -30.10 -3.56 1.42
N LYS C 478 -30.34 -2.76 2.46
CA LYS C 478 -30.27 -1.31 2.37
C LYS C 478 -29.47 -0.71 3.53
N VAL C 479 -28.67 0.30 3.27
CA VAL C 479 -27.92 0.92 4.38
C VAL C 479 -28.56 2.20 4.87
N VAL C 480 -28.78 2.29 6.18
CA VAL C 480 -29.38 3.49 6.72
C VAL C 480 -28.59 4.08 7.86
N LYS C 481 -28.66 5.39 7.99
CA LYS C 481 -28.00 6.13 9.05
C LYS C 481 -28.95 6.29 10.20
N ILE C 482 -28.49 6.04 11.40
CA ILE C 482 -29.33 6.19 12.55
C ILE C 482 -29.27 7.62 13.03
N GLU C 483 -30.43 8.20 13.30
CA GLU C 483 -30.55 9.58 13.76
C GLU C 483 -31.24 9.71 15.12
N PRO C 484 -30.53 9.53 16.25
CA PRO C 484 -31.04 9.48 17.60
C PRO C 484 -31.74 10.72 18.15
N LEU C 485 -31.54 11.91 17.57
CA LEU C 485 -32.22 13.08 18.12
C LEU C 485 -33.48 13.47 17.41
N GLY C 486 -34.41 13.98 18.19
CA GLY C 486 -35.63 14.51 17.65
C GLY C 486 -36.44 15.19 18.72
N VAL C 487 -37.52 15.83 18.32
CA VAL C 487 -38.36 16.56 19.24
C VAL C 487 -39.81 16.22 19.02
N ALA C 488 -40.64 16.48 20.01
CA ALA C 488 -42.09 16.30 19.93
C ALA C 488 -42.75 17.23 20.94
N PRO C 489 -44.02 17.63 20.76
CA PRO C 489 -44.81 18.42 21.67
C PRO C 489 -45.24 17.69 22.90
N THR C 490 -45.42 18.45 23.95
CA THR C 490 -46.01 17.99 25.17
C THR C 490 -46.73 19.14 25.85
N ALA C 491 -47.09 18.93 27.10
CA ALA C 491 -47.76 19.95 27.89
C ALA C 491 -47.15 19.96 29.30
N CYS C 492 -45.81 20.18 29.37
CA CYS C 492 -45.01 20.06 30.59
C CYS C 492 -43.77 20.95 30.41
N LYS C 493 -43.81 22.19 30.92
CA LYS C 493 -42.74 23.18 30.80
C LYS C 493 -41.56 22.84 31.69
N ARG C 494 -40.35 23.00 31.20
CA ARG C 494 -39.18 22.69 32.02
C ARG C 494 -39.21 23.38 33.35
N ARG C 495 -38.97 22.61 34.40
CA ARG C 495 -38.91 23.19 35.73
C ARG C 495 -37.55 23.80 35.90
N VAL C 496 -37.52 25.03 36.35
CA VAL C 496 -36.25 25.71 36.57
C VAL C 496 -36.04 25.95 38.05
N VAL C 497 -34.93 25.40 38.62
CA VAL C 497 -34.52 25.48 40.03
C VAL C 497 -35.68 25.03 40.95
N PHE D 11 -32.23 -3.59 19.20
CA PHE D 11 -31.53 -2.40 18.73
C PHE D 11 -32.57 -1.30 18.46
N LEU D 12 -33.31 -1.36 17.32
CA LEU D 12 -34.38 -0.38 16.99
C LEU D 12 -35.68 -0.67 17.71
N GLY D 13 -35.92 -1.91 18.04
CA GLY D 13 -37.16 -2.26 18.72
C GLY D 13 -38.36 -1.95 17.85
N ALA D 14 -39.40 -1.35 18.46
CA ALA D 14 -40.63 -1.06 17.74
C ALA D 14 -40.52 0.20 16.94
N ALA D 15 -39.69 0.15 15.92
CA ALA D 15 -39.52 1.32 15.09
C ALA D 15 -40.85 1.65 14.43
N GLY D 16 -41.62 0.62 14.09
CA GLY D 16 -42.93 0.75 13.46
C GLY D 16 -44.02 1.00 14.50
N SER D 17 -43.83 2.02 15.31
CA SER D 17 -44.83 2.31 16.32
C SER D 17 -44.91 3.79 16.52
N THR D 18 -46.01 4.19 17.12
CA THR D 18 -46.26 5.57 17.35
C THR D 18 -45.49 6.06 18.52
N MET D 19 -45.41 7.38 18.62
CA MET D 19 -44.64 8.00 19.70
C MET D 19 -45.23 7.65 21.05
N GLY D 20 -46.51 7.29 21.06
CA GLY D 20 -47.22 6.94 22.28
C GLY D 20 -46.66 5.68 22.91
N ALA D 21 -45.90 4.91 22.13
CA ALA D 21 -45.27 3.67 22.55
C ALA D 21 -43.79 3.87 22.78
N ALA D 22 -43.32 5.11 22.71
CA ALA D 22 -41.90 5.35 22.83
C ALA D 22 -41.36 4.97 24.19
N SER D 23 -40.19 4.34 24.17
CA SER D 23 -39.45 3.94 25.34
C SER D 23 -38.01 3.65 24.90
N MET D 24 -37.05 3.52 25.86
CA MET D 24 -35.66 3.11 25.59
C MET D 24 -35.57 1.58 25.63
N TRP D 60 -6.42 1.17 1.99
CA TRP D 60 -7.34 0.55 2.94
C TRP D 60 -7.33 1.30 4.29
N GLY D 61 -6.12 1.64 4.82
CA GLY D 61 -5.91 2.33 6.09
C GLY D 61 -6.61 3.69 6.13
N ILE D 62 -6.64 4.39 5.01
CA ILE D 62 -7.30 5.68 4.98
C ILE D 62 -8.79 5.48 5.17
N LYS D 63 -9.38 4.52 4.46
CA LYS D 63 -10.80 4.31 4.58
C LYS D 63 -11.19 3.91 6.00
N GLN D 64 -10.36 3.09 6.64
CA GLN D 64 -10.70 2.68 7.99
C GLN D 64 -10.58 3.84 8.96
N LEU D 65 -9.56 4.68 8.80
CA LEU D 65 -9.44 5.82 9.67
C LEU D 65 -10.57 6.79 9.43
N GLN D 66 -11.00 6.97 8.18
CA GLN D 66 -12.09 7.88 7.96
C GLN D 66 -13.35 7.38 8.63
N ALA D 67 -13.61 6.07 8.56
CA ALA D 67 -14.80 5.55 9.19
C ALA D 67 -14.79 5.76 10.70
N ARG D 68 -13.63 5.55 11.32
CA ARG D 68 -13.53 5.72 12.76
C ARG D 68 -13.69 7.18 13.15
N VAL D 69 -13.07 8.06 12.38
CA VAL D 69 -13.14 9.46 12.70
C VAL D 69 -14.54 9.96 12.56
N LEU D 70 -15.25 9.57 11.51
CA LEU D 70 -16.60 10.04 11.38
C LEU D 70 -17.47 9.52 12.49
N ALA D 71 -17.29 8.27 12.93
CA ALA D 71 -18.14 7.81 14.00
C ALA D 71 -17.95 8.71 15.22
N VAL D 72 -16.71 9.11 15.47
CA VAL D 72 -16.44 10.01 16.58
C VAL D 72 -17.04 11.37 16.36
N GLU D 73 -16.91 11.92 15.15
CA GLU D 73 -17.47 13.24 14.90
C GLU D 73 -18.98 13.25 15.07
N HIS D 74 -19.66 12.19 14.65
CA HIS D 74 -21.11 12.19 14.79
C HIS D 74 -21.49 12.09 16.24
N TYR D 75 -20.79 11.25 17.00
CA TYR D 75 -21.08 11.14 18.41
C TYR D 75 -20.91 12.47 19.10
N LEU D 76 -19.78 13.11 18.87
CA LEU D 76 -19.53 14.35 19.55
C LEU D 76 -20.44 15.45 19.11
N ARG D 77 -20.85 15.48 17.85
CA ARG D 77 -21.71 16.55 17.43
C ARG D 77 -23.04 16.44 18.15
N ASP D 78 -23.57 15.24 18.31
CA ASP D 78 -24.84 15.13 19.01
C ASP D 78 -24.68 15.46 20.49
N GLN D 79 -23.56 15.07 21.09
CA GLN D 79 -23.41 15.38 22.50
C GLN D 79 -23.22 16.86 22.70
N GLN D 80 -22.53 17.53 21.78
CA GLN D 80 -22.33 18.96 21.94
C GLN D 80 -23.65 19.67 21.84
N LEU D 81 -24.50 19.22 20.93
CA LEU D 81 -25.77 19.87 20.74
C LEU D 81 -26.64 19.72 21.98
N LEU D 82 -26.66 18.52 22.58
CA LEU D 82 -27.44 18.36 23.80
C LEU D 82 -26.87 19.23 24.89
N GLY D 83 -25.56 19.36 24.95
CA GLY D 83 -24.96 20.22 25.95
C GLY D 83 -25.41 21.67 25.75
N ILE D 84 -25.44 22.13 24.51
CA ILE D 84 -25.84 23.50 24.22
C ILE D 84 -27.25 23.78 24.66
N TRP D 85 -28.15 22.84 24.45
CA TRP D 85 -29.55 22.99 24.83
C TRP D 85 -29.77 22.81 26.34
N GLY D 86 -28.72 22.44 27.08
CA GLY D 86 -28.84 22.16 28.50
C GLY D 86 -29.45 20.79 28.84
N CYS D 87 -29.31 19.79 27.93
CA CYS D 87 -29.87 18.44 28.03
C CYS D 87 -28.77 17.40 28.12
N SER D 88 -27.60 17.82 28.58
CA SER D 88 -26.52 16.85 28.69
C SER D 88 -26.88 15.78 29.69
N GLY D 89 -26.66 14.54 29.33
CA GLY D 89 -26.90 13.43 30.23
C GLY D 89 -28.36 12.97 30.29
N LYS D 90 -29.23 13.57 29.50
CA LYS D 90 -30.63 13.19 29.59
C LYS D 90 -31.10 12.47 28.35
N LEU D 91 -32.05 11.56 28.52
CA LEU D 91 -32.65 10.92 27.37
C LEU D 91 -33.92 11.66 27.01
N ILE D 92 -34.56 12.19 28.04
CA ILE D 92 -35.77 12.98 27.88
C ILE D 92 -35.47 14.29 28.59
N CYS D 93 -35.62 15.43 27.89
CA CYS D 93 -35.35 16.76 28.42
C CYS D 93 -36.41 17.74 27.96
N THR D 94 -37.10 18.37 28.91
CA THR D 94 -38.10 19.33 28.49
C THR D 94 -37.42 20.67 28.40
N THR D 95 -38.03 21.59 27.68
CA THR D 95 -37.47 22.92 27.58
C THR D 95 -38.44 24.06 27.82
N ASN D 96 -37.94 25.28 27.63
CA ASN D 96 -38.71 26.50 27.81
C ASN D 96 -39.24 27.08 26.51
N VAL D 97 -39.14 26.32 25.45
CA VAL D 97 -39.65 26.69 24.15
C VAL D 97 -41.05 26.09 24.06
N PRO D 98 -42.10 26.87 23.80
CA PRO D 98 -43.48 26.43 23.68
C PRO D 98 -43.63 25.69 22.38
N TRP D 99 -44.59 24.78 22.28
CA TRP D 99 -44.79 24.17 20.99
C TRP D 99 -45.60 25.13 20.12
N ASN D 100 -45.15 25.37 18.86
CA ASN D 100 -45.80 26.24 17.88
C ASN D 100 -46.78 25.45 16.99
N SER D 101 -48.00 26.01 16.79
CA SER D 101 -49.05 25.46 15.92
C SER D 101 -48.63 25.54 14.46
N THR D 102 -47.62 26.38 14.18
CA THR D 102 -47.08 26.52 12.85
C THR D 102 -46.24 25.29 12.48
N TRP D 103 -45.67 24.61 13.51
CA TRP D 103 -44.87 23.41 13.29
C TRP D 103 -45.85 22.29 13.07
N SER D 104 -46.84 22.26 13.95
CA SER D 104 -47.95 21.32 13.88
C SER D 104 -49.11 21.85 14.68
N ASN D 105 -50.31 21.96 14.05
CA ASN D 105 -51.55 22.47 14.66
C ASN D 105 -52.47 21.33 15.18
N LYS D 106 -51.98 20.07 15.22
CA LYS D 106 -52.68 18.88 15.70
C LYS D 106 -52.51 18.81 17.20
N THR D 107 -53.44 18.19 17.90
CA THR D 107 -53.29 18.10 19.35
C THR D 107 -52.54 16.88 19.82
N LEU D 108 -52.35 16.77 21.11
CA LEU D 108 -51.54 15.67 21.60
C LEU D 108 -52.17 14.33 21.30
N SER D 109 -53.49 14.23 21.32
CA SER D 109 -54.16 12.97 21.03
C SER D 109 -54.08 12.59 19.53
N GLU D 110 -53.67 13.55 18.69
CA GLU D 110 -53.54 13.40 17.25
C GLU D 110 -52.07 13.19 16.84
N ILE D 111 -51.15 13.71 17.65
CA ILE D 111 -49.71 13.61 17.40
C ILE D 111 -49.09 12.42 18.11
N TRP D 112 -49.42 12.24 19.36
CA TRP D 112 -48.93 11.13 20.14
C TRP D 112 -49.96 10.07 19.96
N ASP D 113 -49.59 8.82 20.17
CA ASP D 113 -50.49 7.67 20.03
C ASP D 113 -50.80 7.31 18.57
N ASN D 114 -51.18 8.29 17.76
CA ASN D 114 -51.54 8.09 16.36
C ASN D 114 -50.49 8.40 15.28
N MET D 115 -49.25 8.74 15.64
CA MET D 115 -48.22 8.95 14.61
C MET D 115 -46.94 8.21 14.90
N THR D 116 -46.40 7.58 13.86
CA THR D 116 -45.17 6.78 13.88
C THR D 116 -44.02 7.73 14.07
N TRP D 117 -42.99 7.35 14.84
CA TRP D 117 -41.86 8.28 14.96
C TRP D 117 -41.33 8.73 13.62
N LEU D 118 -41.26 7.80 12.67
CA LEU D 118 -40.76 8.09 11.34
C LEU D 118 -41.67 9.07 10.61
N GLN D 119 -42.99 8.96 10.81
CA GLN D 119 -43.96 9.85 10.17
C GLN D 119 -43.86 11.22 10.77
N TRP D 120 -43.65 11.26 12.07
CA TRP D 120 -43.51 12.50 12.79
C TRP D 120 -42.30 13.26 12.30
N ASP D 121 -41.17 12.57 12.18
CA ASP D 121 -40.00 13.26 11.70
C ASP D 121 -40.23 13.81 10.32
N LYS D 122 -40.97 13.09 9.48
CA LYS D 122 -41.23 13.64 8.17
C LYS D 122 -42.17 14.85 8.27
N GLU D 123 -43.21 14.77 9.10
CA GLU D 123 -44.19 15.84 9.20
C GLU D 123 -43.57 17.16 9.60
N ILE D 124 -42.59 17.12 10.49
CA ILE D 124 -41.96 18.36 10.93
C ILE D 124 -40.51 18.48 10.49
N SER D 125 -40.13 17.81 9.41
CA SER D 125 -38.73 17.83 9.00
C SER D 125 -38.25 19.22 8.65
N ASN D 126 -39.13 20.08 8.16
CA ASN D 126 -38.74 21.39 7.74
C ASN D 126 -38.74 22.42 8.85
N TYR D 127 -38.92 21.96 10.07
CA TYR D 127 -38.86 22.86 11.18
C TYR D 127 -37.74 22.49 12.12
N THR D 128 -36.98 21.44 11.80
CA THR D 128 -35.99 20.98 12.75
C THR D 128 -34.97 22.03 13.10
N GLN D 129 -34.53 22.77 12.11
CA GLN D 129 -33.53 23.80 12.27
C GLN D 129 -34.08 25.03 13.01
N ILE D 130 -35.41 25.15 13.07
CA ILE D 130 -36.04 26.26 13.72
C ILE D 130 -36.12 25.94 15.17
N ILE D 131 -36.56 24.72 15.45
CA ILE D 131 -36.70 24.32 16.81
C ILE D 131 -35.33 24.30 17.42
N TYR D 132 -34.34 23.76 16.73
CA TYR D 132 -33.01 23.72 17.29
C TYR D 132 -32.49 25.11 17.57
N GLY D 133 -32.72 26.07 16.67
CA GLY D 133 -32.25 27.41 16.94
C GLY D 133 -32.92 27.99 18.20
N LEU D 134 -34.22 27.74 18.35
CA LEU D 134 -34.92 28.22 19.52
C LEU D 134 -34.43 27.57 20.77
N LEU D 135 -34.10 26.29 20.70
CA LEU D 135 -33.62 25.61 21.87
C LEU D 135 -32.31 26.22 22.32
N GLU D 136 -31.43 26.56 21.37
CA GLU D 136 -30.15 27.14 21.78
C GLU D 136 -30.39 28.49 22.42
N GLU D 137 -31.31 29.27 21.87
CA GLU D 137 -31.51 30.58 22.44
C GLU D 137 -32.16 30.50 23.80
N SER D 138 -33.09 29.58 24.01
CA SER D 138 -33.67 29.52 25.32
C SER D 138 -32.61 29.18 26.34
N GLN D 139 -31.67 28.29 25.99
CA GLN D 139 -30.63 28.03 26.97
C GLN D 139 -29.76 29.27 27.16
N ASN D 140 -29.52 30.05 26.09
CA ASN D 140 -28.71 31.24 26.24
C ASN D 140 -29.38 32.23 27.18
N GLN D 141 -30.71 32.33 27.11
CA GLN D 141 -31.44 33.23 27.98
C GLN D 141 -31.42 32.70 29.40
N GLN D 142 -31.45 31.39 29.55
CA GLN D 142 -31.40 30.83 30.88
C GLN D 142 -30.05 31.14 31.50
N GLU D 143 -28.99 31.06 30.71
CA GLU D 143 -27.68 31.38 31.24
C GLU D 143 -27.61 32.86 31.56
N LYS D 144 -28.20 33.70 30.70
CA LYS D 144 -28.17 35.13 30.92
C LYS D 144 -28.72 35.46 32.29
N ASN D 145 -29.83 34.83 32.66
CA ASN D 145 -30.39 35.10 33.97
C ASN D 145 -29.55 34.47 35.09
N GLU D 146 -29.01 33.28 34.88
CA GLU D 146 -28.23 32.63 35.93
C GLU D 146 -26.96 33.40 36.23
N THR D 147 -26.40 34.01 35.21
CA THR D 147 -25.17 34.74 35.30
C THR D 147 -25.35 36.22 35.57
N ASP D 148 -26.57 36.64 35.92
CA ASP D 148 -26.79 38.04 36.23
C ASP D 148 -26.02 38.34 37.51
N ASN D 149 -25.74 39.60 37.76
CA ASN D 149 -24.93 39.93 38.92
C ASN D 149 -25.77 40.02 40.18
N LEU D 150 -25.09 40.26 41.30
CA LEU D 150 -25.73 40.44 42.60
C LEU D 150 -26.72 39.31 42.89
N THR D 151 -26.40 38.10 42.41
CA THR D 151 -27.31 36.96 42.53
C THR D 151 -26.66 35.67 43.10
N CYS D 152 -25.61 35.14 42.41
CA CYS D 152 -24.90 33.88 42.70
C CYS D 152 -25.88 32.72 42.88
N LEU E 39 -22.47 -3.41 51.05
CA LEU E 39 -23.89 -3.72 50.80
C LEU E 39 -24.39 -3.10 49.48
N TRP E 40 -23.82 -1.94 49.09
CA TRP E 40 -24.10 -1.13 47.90
C TRP E 40 -22.82 -0.74 47.16
N VAL E 41 -22.98 -0.67 45.83
CA VAL E 41 -21.97 -0.37 44.81
C VAL E 41 -21.57 1.09 44.59
N THR E 42 -20.24 1.34 44.59
CA THR E 42 -19.68 2.65 44.30
C THR E 42 -18.72 2.57 43.11
N VAL E 43 -18.87 3.48 42.17
CA VAL E 43 -18.03 3.51 40.99
C VAL E 43 -16.94 4.56 41.13
N TYR E 44 -15.69 4.18 40.89
CA TYR E 44 -14.57 5.11 41.01
C TYR E 44 -13.87 5.34 39.69
N TYR E 45 -13.48 6.58 39.41
CA TYR E 45 -12.75 6.81 38.17
C TYR E 45 -11.46 7.56 38.39
N GLY E 46 -10.38 7.06 37.82
CA GLY E 46 -9.04 7.64 37.96
C GLY E 46 -8.25 6.73 38.90
N VAL E 47 -8.66 5.48 38.92
CA VAL E 47 -8.08 4.45 39.75
C VAL E 47 -6.73 4.03 39.16
N PRO E 48 -5.62 4.06 39.91
CA PRO E 48 -4.28 3.74 39.46
C PRO E 48 -4.03 2.23 39.36
N VAL E 49 -4.73 1.58 38.46
CA VAL E 49 -4.57 0.15 38.23
C VAL E 49 -4.33 -0.13 36.76
N TRP E 50 -3.90 -1.35 36.46
CA TRP E 50 -3.59 -1.67 35.09
C TRP E 50 -3.68 -3.13 34.69
N LYS E 51 -3.66 -3.34 33.37
CA LYS E 51 -3.65 -4.66 32.77
C LYS E 51 -2.57 -4.74 31.70
N ASP E 52 -1.98 -5.92 31.53
CA ASP E 52 -0.92 -6.10 30.53
C ASP E 52 -1.45 -5.78 29.16
N ALA E 53 -0.64 -5.13 28.31
CA ALA E 53 -1.18 -4.79 27.01
C ALA E 53 -0.12 -4.64 25.95
N GLU E 54 -0.55 -4.69 24.70
CA GLU E 54 0.35 -4.43 23.60
C GLU E 54 -0.21 -3.28 22.80
N THR E 55 0.66 -2.37 22.39
CA THR E 55 0.28 -1.26 21.55
C THR E 55 1.45 -0.81 20.73
N THR E 56 1.25 0.30 20.04
CA THR E 56 2.30 0.87 19.23
C THR E 56 2.96 1.97 20.02
N LEU E 57 4.25 1.87 20.21
CA LEU E 57 4.99 2.87 20.94
C LEU E 57 5.54 3.82 19.93
N PHE E 58 5.83 5.03 20.32
CA PHE E 58 6.40 5.90 19.32
C PHE E 58 7.88 6.04 19.61
N CYS E 59 8.66 6.35 18.57
CA CYS E 59 10.10 6.53 18.63
C CYS E 59 10.42 8.00 18.82
N ALA E 60 11.24 8.29 19.82
CA ALA E 60 11.64 9.65 20.11
C ALA E 60 13.15 9.72 20.41
N SER E 61 13.76 10.89 20.13
CA SER E 61 15.18 11.23 20.33
C SER E 61 15.66 10.92 21.77
N ASN E 72 21.42 11.48 8.55
CA ASN E 72 21.15 10.24 9.25
C ASN E 72 19.67 9.85 8.98
N VAL E 73 19.25 8.70 9.54
CA VAL E 73 17.90 8.14 9.46
C VAL E 73 17.27 8.17 10.81
N TRP E 74 18.08 7.92 11.83
CA TRP E 74 17.50 7.72 13.13
C TRP E 74 16.89 8.98 13.69
N ALA E 75 17.63 10.08 13.60
CA ALA E 75 17.14 11.36 14.12
C ALA E 75 16.12 11.98 13.18
N THR E 76 16.23 11.64 11.90
CA THR E 76 15.37 12.14 10.87
C THR E 76 13.97 11.58 11.07
N HIS E 77 13.91 10.27 11.29
CA HIS E 77 12.65 9.57 11.53
C HIS E 77 12.07 9.83 12.92
N CYS E 78 12.90 9.66 13.99
CA CYS E 78 12.51 9.79 15.40
C CYS E 78 12.75 11.26 15.75
N CYS E 79 11.97 12.10 15.07
CA CYS E 79 12.05 13.54 15.12
C CYS E 79 11.44 14.14 16.38
N VAL E 80 10.69 13.30 17.07
CA VAL E 80 9.99 13.65 18.27
C VAL E 80 11.00 13.75 19.44
N PRO E 81 11.01 14.86 20.20
CA PRO E 81 11.88 15.08 21.34
C PRO E 81 11.45 14.26 22.53
N THR E 82 12.38 14.04 23.44
CA THR E 82 12.15 13.36 24.70
C THR E 82 12.17 14.29 25.89
N ASP E 83 11.73 13.76 27.02
CA ASP E 83 11.73 14.45 28.31
C ASP E 83 13.15 14.45 28.89
N PRO E 84 13.82 15.61 29.06
CA PRO E 84 15.18 15.70 29.55
C PRO E 84 15.32 15.23 31.00
N ASN E 85 14.20 15.17 31.73
CA ASN E 85 14.22 14.74 33.12
C ASN E 85 13.07 13.78 33.39
N PRO E 86 13.09 12.55 32.87
CA PRO E 86 11.97 11.63 32.94
C PRO E 86 11.57 11.44 34.38
N GLN E 87 10.30 11.54 34.62
CA GLN E 87 9.81 11.42 35.97
C GLN E 87 9.54 9.99 36.36
N GLU E 88 10.61 9.29 36.67
CA GLU E 88 10.47 7.90 37.08
C GLU E 88 9.74 7.87 38.41
N ILE E 89 8.74 7.01 38.53
CA ILE E 89 7.97 6.91 39.76
C ILE E 89 8.16 5.58 40.43
N VAL E 90 8.59 5.61 41.66
CA VAL E 90 8.80 4.39 42.41
C VAL E 90 7.47 3.87 42.91
N LEU E 91 7.17 2.60 42.70
CA LEU E 91 5.90 2.12 43.19
C LEU E 91 6.06 1.33 44.47
N GLU E 92 5.59 1.92 45.54
CA GLU E 92 5.70 1.29 46.83
C GLU E 92 4.83 0.03 46.87
N ASN E 93 5.40 -1.11 47.38
CA ASN E 93 4.70 -2.39 47.61
C ASN E 93 3.97 -2.94 46.35
N VAL E 94 4.61 -2.88 45.16
CA VAL E 94 4.09 -3.40 43.88
C VAL E 94 5.02 -4.46 43.32
N THR E 95 4.48 -5.63 43.00
CA THR E 95 5.27 -6.71 42.38
C THR E 95 4.67 -7.03 41.02
N GLU E 96 5.51 -7.03 40.00
CA GLU E 96 5.04 -7.28 38.64
C GLU E 96 5.76 -8.43 37.98
N ASN E 97 5.08 -9.10 37.05
CA ASN E 97 5.69 -10.17 36.28
C ASN E 97 6.22 -9.71 34.93
N PHE E 98 7.51 -9.84 34.76
CA PHE E 98 8.17 -9.42 33.53
C PHE E 98 8.58 -10.66 32.75
N ASN E 99 8.66 -10.55 31.42
CA ASN E 99 9.14 -11.65 30.61
C ASN E 99 9.80 -11.17 29.35
N MET E 100 11.12 -11.17 29.34
CA MET E 100 11.90 -10.64 28.22
C MET E 100 11.83 -11.48 26.97
N TRP E 101 11.42 -12.73 27.09
CA TRP E 101 11.40 -13.61 25.96
C TRP E 101 10.10 -13.44 25.18
N LYS E 102 9.07 -13.05 25.90
CA LYS E 102 7.73 -12.87 25.33
C LYS E 102 7.34 -11.40 25.19
N ASN E 103 8.30 -10.52 25.41
CA ASN E 103 8.07 -9.08 25.38
C ASN E 103 7.99 -8.58 23.95
N ASN E 104 6.81 -8.09 23.55
CA ASN E 104 6.59 -7.71 22.16
C ASN E 104 7.30 -6.43 21.77
N MET E 105 7.93 -5.73 22.71
CA MET E 105 8.66 -4.54 22.33
C MET E 105 9.88 -4.93 21.55
N VAL E 106 10.36 -6.15 21.77
CA VAL E 106 11.54 -6.55 21.06
C VAL E 106 11.16 -6.68 19.61
N GLU E 107 10.03 -7.30 19.38
CA GLU E 107 9.52 -7.51 18.04
C GLU E 107 9.16 -6.19 17.40
N GLN E 108 8.57 -5.28 18.16
CA GLN E 108 8.20 -4.02 17.57
C GLN E 108 9.42 -3.20 17.20
N MET E 109 10.44 -3.17 18.06
CA MET E 109 11.62 -2.40 17.74
C MET E 109 12.26 -2.97 16.49
N HIS E 110 12.31 -4.30 16.41
CA HIS E 110 12.87 -4.98 15.27
C HIS E 110 12.16 -4.57 13.98
N GLU E 111 10.83 -4.63 13.99
CA GLU E 111 10.12 -4.31 12.77
C GLU E 111 10.25 -2.84 12.39
N ASP E 112 10.30 -1.93 13.36
CA ASP E 112 10.46 -0.53 13.00
C ASP E 112 11.84 -0.26 12.43
N ILE E 113 12.85 -0.97 12.93
CA ILE E 113 14.18 -0.80 12.40
C ILE E 113 14.22 -1.25 10.96
N ILE E 114 13.60 -2.38 10.66
CA ILE E 114 13.59 -2.84 9.29
C ILE E 114 12.90 -1.84 8.41
N SER E 115 11.76 -1.32 8.83
CA SER E 115 11.05 -0.38 7.99
C SER E 115 11.90 0.84 7.72
N LEU E 116 12.58 1.37 8.74
CA LEU E 116 13.39 2.55 8.51
C LEU E 116 14.54 2.25 7.58
N TRP E 117 15.17 1.09 7.74
CA TRP E 117 16.28 0.70 6.92
C TRP E 117 15.86 0.73 5.46
N ASP E 118 14.70 0.13 5.16
CA ASP E 118 14.21 0.10 3.80
C ASP E 118 13.75 1.44 3.30
N GLN E 119 13.16 2.27 4.16
CA GLN E 119 12.74 3.58 3.68
C GLN E 119 13.94 4.39 3.24
N SER E 120 15.03 4.28 3.99
CA SER E 120 16.25 4.99 3.69
C SER E 120 16.90 4.51 2.40
N LEU E 121 16.99 3.19 2.21
CA LEU E 121 17.62 2.64 1.01
C LEU E 121 16.78 2.83 -0.25
N LYS E 122 15.46 2.67 -0.15
CA LYS E 122 14.61 2.78 -1.32
C LYS E 122 14.92 3.94 -2.32
N PRO E 123 14.91 5.24 -1.95
CA PRO E 123 15.14 6.35 -2.87
C PRO E 123 16.62 6.59 -3.20
N CYS E 124 17.28 5.58 -3.79
CA CYS E 124 18.71 5.55 -4.12
C CYS E 124 18.93 4.80 -5.43
N VAL E 125 20.18 4.80 -5.86
CA VAL E 125 20.63 4.19 -7.12
C VAL E 125 20.49 2.70 -7.20
N LYS E 126 19.93 2.22 -8.31
CA LYS E 126 19.76 0.79 -8.50
C LYS E 126 21.00 0.27 -9.19
N LEU E 127 21.42 -0.94 -8.87
CA LEU E 127 22.58 -1.48 -9.56
C LEU E 127 22.23 -2.52 -10.60
N THR E 128 20.97 -2.56 -10.97
CA THR E 128 20.44 -3.46 -11.96
C THR E 128 21.34 -3.61 -13.21
N PRO E 129 21.82 -2.53 -13.88
CA PRO E 129 22.64 -2.58 -15.08
C PRO E 129 23.99 -3.25 -14.87
N LEU E 130 24.38 -3.53 -13.63
CA LEU E 130 25.68 -4.18 -13.47
C LEU E 130 25.63 -5.71 -13.63
N CYS E 131 24.43 -6.33 -13.89
CA CYS E 131 24.26 -7.75 -14.15
C CYS E 131 24.75 -8.10 -15.55
N VAL E 132 26.04 -8.00 -15.71
CA VAL E 132 26.71 -8.30 -16.94
C VAL E 132 27.79 -9.28 -16.60
N THR E 133 28.33 -9.95 -17.59
CA THR E 133 29.41 -10.83 -17.30
C THR E 133 30.63 -10.01 -16.95
N LEU E 134 31.30 -10.38 -15.89
CA LEU E 134 32.49 -9.67 -15.52
C LEU E 134 33.69 -10.52 -15.95
N ASN E 135 34.72 -9.88 -16.56
CA ASN E 135 35.98 -10.51 -16.93
C ASN E 135 37.03 -10.10 -15.88
N CYS E 136 37.28 -10.99 -14.89
CA CYS E 136 38.06 -10.70 -13.69
C CYS E 136 39.43 -11.38 -13.69
N THR E 137 40.37 -10.70 -13.06
CA THR E 137 41.73 -11.15 -12.77
C THR E 137 42.12 -10.91 -11.33
N ASN E 138 43.37 -11.21 -11.01
CA ASN E 138 43.87 -11.06 -9.63
C ASN E 138 44.30 -9.62 -9.36
N ALA E 139 43.59 -8.93 -8.46
CA ALA E 139 43.89 -7.51 -8.23
C ALA E 139 45.25 -7.30 -7.57
N THR E 140 45.91 -6.21 -7.98
CA THR E 140 47.16 -5.80 -7.36
C THR E 140 46.90 -4.60 -6.45
N ALA E 141 47.98 -4.00 -5.96
CA ALA E 141 47.96 -2.93 -4.97
C ALA E 141 49.16 -2.04 -5.13
N SER E 142 49.29 -1.01 -4.28
CA SER E 142 50.51 -0.18 -4.34
C SER E 142 51.74 -1.05 -4.04
N ASN E 143 51.50 -2.15 -3.34
CA ASN E 143 52.51 -3.15 -3.06
C ASN E 143 52.44 -4.08 -4.26
N SER E 144 53.53 -4.26 -4.99
CA SER E 144 53.50 -5.04 -6.23
C SER E 144 53.40 -6.56 -6.05
N SER E 145 52.24 -6.96 -5.56
CA SER E 145 51.85 -8.33 -5.28
C SER E 145 50.36 -8.51 -5.54
N ILE E 146 49.81 -9.59 -5.02
CA ILE E 146 48.41 -9.92 -5.21
C ILE E 146 47.60 -9.87 -3.94
N ILE E 147 46.45 -9.23 -4.01
CA ILE E 147 45.58 -9.17 -2.87
C ILE E 147 44.71 -10.41 -2.96
N GLU E 148 44.83 -11.30 -2.02
CA GLU E 148 44.11 -12.57 -2.13
C GLU E 148 42.60 -12.42 -2.16
N GLY E 149 42.09 -11.44 -1.43
CA GLY E 149 40.67 -11.25 -1.33
C GLY E 149 40.07 -10.32 -2.38
N MET E 150 40.86 -9.82 -3.34
CA MET E 150 40.27 -8.90 -4.31
C MET E 150 40.43 -9.29 -5.75
N LYS E 151 39.36 -9.06 -6.49
CA LYS E 151 39.38 -9.31 -7.92
C LYS E 151 39.24 -7.99 -8.67
N ASN E 152 39.99 -7.87 -9.78
CA ASN E 152 39.97 -6.72 -10.69
C ASN E 152 39.13 -7.08 -11.92
N CYS E 153 37.89 -6.55 -11.98
CA CYS E 153 36.90 -6.93 -12.97
C CYS E 153 36.63 -5.84 -13.99
N SER E 154 36.57 -6.26 -15.24
CA SER E 154 36.20 -5.35 -16.31
C SER E 154 34.82 -5.73 -16.82
N PHE E 155 34.05 -4.74 -17.21
CA PHE E 155 32.69 -5.01 -17.66
C PHE E 155 32.12 -3.93 -18.60
N ASN E 156 31.11 -4.28 -19.44
CA ASN E 156 30.44 -3.40 -20.40
C ASN E 156 29.06 -2.94 -19.89
N ILE E 157 28.88 -1.62 -19.65
CA ILE E 157 27.61 -1.04 -19.14
C ILE E 157 27.04 0.08 -19.99
N THR E 158 25.77 0.34 -19.74
CA THR E 158 25.04 1.44 -20.33
C THR E 158 25.60 2.73 -19.75
N THR E 159 25.86 3.69 -20.60
CA THR E 159 26.35 5.01 -20.21
C THR E 159 25.22 6.02 -20.22
N GLU E 160 25.55 7.30 -20.26
CA GLU E 160 24.49 8.30 -20.17
C GLU E 160 23.45 8.13 -21.26
N LEU E 161 23.88 7.77 -22.47
CA LEU E 161 22.95 7.55 -23.56
C LEU E 161 22.67 6.07 -23.66
N ARG E 162 21.41 5.76 -23.96
CA ARG E 162 20.92 4.38 -24.05
C ARG E 162 21.46 3.57 -25.20
N ASP E 163 21.98 4.23 -26.20
CA ASP E 163 22.52 3.59 -27.36
C ASP E 163 24.03 3.47 -27.33
N LYS E 164 24.65 3.79 -26.18
CA LYS E 164 26.10 3.72 -26.06
C LYS E 164 26.51 2.80 -24.94
N ARG E 165 27.68 2.19 -25.10
CA ARG E 165 28.22 1.31 -24.08
C ARG E 165 29.66 1.64 -23.83
N GLU E 166 30.06 1.48 -22.59
CA GLU E 166 31.44 1.74 -22.19
C GLU E 166 32.02 0.60 -21.37
N LYS E 167 33.31 0.37 -21.53
CA LYS E 167 34.01 -0.61 -20.72
C LYS E 167 34.58 0.05 -19.48
N LYS E 168 34.23 -0.48 -18.32
CA LYS E 168 34.65 0.04 -17.03
C LYS E 168 35.39 -0.99 -16.22
N ASN E 169 36.19 -0.52 -15.26
CA ASN E 169 36.87 -1.42 -14.34
C ASN E 169 36.47 -1.11 -12.92
N ALA E 170 36.41 -2.14 -12.07
CA ALA E 170 36.16 -1.96 -10.65
C ALA E 170 36.76 -3.07 -9.82
N LEU E 171 37.06 -2.76 -8.57
CA LEU E 171 37.54 -3.81 -7.69
C LEU E 171 36.43 -4.30 -6.78
N PHE E 172 36.37 -5.61 -6.63
CA PHE E 172 35.38 -6.28 -5.81
C PHE E 172 36.02 -7.28 -4.86
N TYR E 173 35.35 -7.60 -3.77
CA TYR E 173 35.90 -8.59 -2.88
C TYR E 173 35.53 -9.95 -3.40
N LYS E 174 36.35 -10.92 -3.08
CA LYS E 174 36.07 -12.27 -3.47
C LYS E 174 34.68 -12.69 -2.97
N LEU E 175 34.27 -12.21 -1.79
CA LEU E 175 32.98 -12.56 -1.20
C LEU E 175 31.78 -11.88 -1.85
N ASP E 176 32.01 -11.00 -2.81
CA ASP E 176 30.95 -10.30 -3.54
C ASP E 176 30.66 -10.99 -4.88
N ILE E 177 31.60 -11.86 -5.34
CA ILE E 177 31.56 -12.45 -6.67
C ILE E 177 31.55 -13.98 -6.79
N VAL E 178 30.70 -14.47 -7.68
CA VAL E 178 30.58 -15.90 -7.97
C VAL E 178 30.82 -16.20 -9.45
N GLN E 179 31.58 -17.24 -9.72
CA GLN E 179 31.90 -17.65 -11.10
C GLN E 179 30.72 -18.26 -11.84
N LEU E 180 30.66 -17.97 -13.13
CA LEU E 180 29.66 -18.48 -14.07
C LEU E 180 30.09 -19.73 -14.80
N ASP E 181 31.32 -20.13 -14.57
CA ASP E 181 31.98 -21.22 -15.25
C ASP E 181 32.98 -21.89 -14.32
N GLY E 182 33.68 -22.89 -14.83
CA GLY E 182 34.70 -23.58 -14.06
C GLY E 182 36.03 -22.87 -14.28
N ASN E 183 36.90 -23.45 -15.09
CA ASN E 183 38.20 -22.81 -15.28
C ASN E 183 38.16 -21.72 -16.35
N SER E 184 37.44 -20.65 -16.05
CA SER E 184 37.27 -19.52 -16.95
C SER E 184 36.94 -18.23 -16.21
N SER E 185 37.54 -17.13 -16.65
CA SER E 185 37.35 -15.84 -16.00
C SER E 185 36.06 -15.15 -16.41
N GLN E 186 34.95 -15.74 -16.03
CA GLN E 186 33.61 -15.20 -16.31
C GLN E 186 32.82 -15.26 -15.03
N TYR E 187 32.46 -14.09 -14.53
CA TYR E 187 31.81 -13.93 -13.23
C TYR E 187 30.57 -13.06 -13.18
N ARG E 188 29.77 -13.24 -12.14
CA ARG E 188 28.64 -12.36 -11.89
C ARG E 188 28.62 -11.96 -10.42
N LEU E 189 27.89 -10.91 -10.10
CA LEU E 189 27.75 -10.53 -8.70
C LEU E 189 26.87 -11.57 -8.02
N ILE E 190 27.15 -11.86 -6.75
CA ILE E 190 26.44 -12.93 -6.05
C ILE E 190 24.94 -12.83 -5.95
N ASN E 191 24.40 -11.66 -5.72
CA ASN E 191 22.94 -11.63 -5.62
C ASN E 191 22.16 -11.35 -6.91
N CYS E 192 22.83 -11.28 -8.09
CA CYS E 192 22.18 -10.96 -9.38
C CYS E 192 21.04 -11.94 -9.73
N ASN E 193 21.21 -13.22 -9.43
CA ASN E 193 20.20 -14.18 -9.81
C ASN E 193 19.15 -14.38 -8.72
N THR E 194 19.19 -13.57 -7.67
CA THR E 194 18.23 -13.72 -6.60
C THR E 194 17.36 -12.49 -6.46
N SER E 195 17.98 -11.32 -6.42
CA SER E 195 17.23 -10.11 -6.18
C SER E 195 17.93 -8.85 -6.65
N ALA E 196 17.18 -7.76 -6.70
CA ALA E 196 17.79 -6.48 -7.03
C ALA E 196 18.72 -6.04 -5.91
N ILE E 197 19.79 -5.37 -6.30
CA ILE E 197 20.75 -4.80 -5.36
C ILE E 197 20.61 -3.29 -5.49
N THR E 198 20.43 -2.60 -4.38
CA THR E 198 20.29 -1.14 -4.38
C THR E 198 21.48 -0.55 -3.65
N GLN E 199 22.07 0.48 -4.22
CA GLN E 199 23.21 1.14 -3.62
C GLN E 199 22.78 2.12 -2.59
N ALA E 200 23.39 2.06 -1.43
CA ALA E 200 23.03 3.01 -0.40
C ALA E 200 23.50 4.38 -0.82
N CYS E 201 22.71 5.43 -0.49
CA CYS E 201 23.08 6.83 -0.73
C CYS E 201 24.21 7.19 0.26
N PRO E 202 25.39 7.67 -0.20
CA PRO E 202 26.57 8.02 0.59
C PRO E 202 26.32 9.03 1.70
N LYS E 203 25.24 9.78 1.57
CA LYS E 203 24.87 10.80 2.53
C LYS E 203 24.37 10.20 3.86
N VAL E 204 24.00 8.92 3.87
CA VAL E 204 23.47 8.32 5.09
C VAL E 204 24.39 7.30 5.73
N SER E 205 24.82 7.59 6.96
CA SER E 205 25.71 6.69 7.68
C SER E 205 24.98 5.61 8.47
N PHE E 206 23.73 5.87 8.85
CA PHE E 206 22.94 4.98 9.71
C PHE E 206 23.55 4.80 11.09
N GLU E 207 24.44 5.71 11.51
CA GLU E 207 25.08 5.55 12.80
C GLU E 207 24.06 5.52 13.93
N PRO E 208 24.02 4.48 14.76
CA PRO E 208 23.11 4.32 15.86
C PRO E 208 23.16 5.49 16.83
N ILE E 209 22.01 5.96 17.27
CA ILE E 209 21.94 7.01 18.24
C ILE E 209 21.04 6.38 19.27
N PRO E 210 21.00 6.80 20.52
CA PRO E 210 20.11 6.22 21.50
C PRO E 210 18.69 6.45 21.03
N ILE E 211 17.87 5.42 21.11
CA ILE E 211 16.46 5.51 20.77
C ILE E 211 15.58 5.27 21.97
N HIS E 212 14.62 6.15 22.20
CA HIS E 212 13.72 5.97 23.33
C HIS E 212 12.34 5.58 22.84
N TYR E 213 11.77 4.52 23.40
CA TYR E 213 10.40 4.20 23.02
C TYR E 213 9.45 4.71 24.08
N CYS E 214 8.43 5.48 23.64
CA CYS E 214 7.49 6.20 24.50
C CYS E 214 6.07 5.68 24.36
N ALA E 215 5.38 5.62 25.50
CA ALA E 215 4.01 5.17 25.50
C ALA E 215 3.06 6.22 24.93
N PRO E 216 2.01 5.83 24.20
CA PRO E 216 0.91 6.65 23.75
C PRO E 216 0.01 6.95 24.93
N ALA E 217 -0.84 7.94 24.82
CA ALA E 217 -1.75 8.22 25.91
C ALA E 217 -2.60 7.00 26.23
N GLY E 218 -2.78 6.77 27.53
CA GLY E 218 -3.56 5.65 28.04
C GLY E 218 -2.68 4.48 28.44
N PHE E 219 -1.41 4.55 28.06
CA PHE E 219 -0.41 3.53 28.32
C PHE E 219 0.76 4.05 29.12
N ALA E 220 1.45 3.12 29.73
CA ALA E 220 2.64 3.42 30.50
C ALA E 220 3.63 2.31 30.35
N ILE E 221 4.90 2.58 30.64
CA ILE E 221 5.87 1.52 30.58
C ILE E 221 6.36 1.24 31.98
N LEU E 222 6.33 -0.03 32.36
CA LEU E 222 6.79 -0.39 33.68
C LEU E 222 8.23 -0.78 33.55
N LYS E 223 9.02 -0.45 34.54
CA LYS E 223 10.43 -0.82 34.53
C LYS E 223 10.79 -1.66 35.77
N CYS E 224 11.63 -2.71 35.58
CA CYS E 224 12.13 -3.57 36.66
C CYS E 224 13.50 -3.08 37.12
N ASN E 225 13.60 -2.77 38.41
CA ASN E 225 14.87 -2.30 38.96
C ASN E 225 15.64 -3.28 39.85
N ASN E 226 15.36 -4.59 39.73
CA ASN E 226 16.05 -5.65 40.45
C ASN E 226 17.37 -5.97 39.71
N LYS E 227 18.51 -5.66 40.36
CA LYS E 227 19.88 -5.76 39.84
C LYS E 227 20.31 -7.20 39.52
N THR E 228 19.54 -8.18 40.02
CA THR E 228 19.80 -9.58 39.77
C THR E 228 18.67 -10.22 38.98
N PHE E 229 17.81 -9.41 38.36
CA PHE E 229 16.70 -9.94 37.58
C PHE E 229 17.19 -10.77 36.41
N THR E 230 16.62 -11.96 36.27
CA THR E 230 17.00 -12.96 35.28
C THR E 230 16.20 -12.98 34.00
N GLY E 231 15.32 -12.02 33.83
CA GLY E 231 14.52 -11.90 32.61
C GLY E 231 13.09 -12.36 32.70
N THR E 232 12.75 -13.19 33.68
CA THR E 232 11.37 -13.61 33.81
C THR E 232 10.87 -13.61 35.22
N GLY E 233 9.56 -13.54 35.35
CA GLY E 233 8.91 -13.73 36.63
C GLY E 233 8.78 -12.44 37.40
N PRO E 234 8.35 -12.55 38.66
CA PRO E 234 8.10 -11.46 39.54
C PRO E 234 9.34 -10.61 39.72
N CYS E 235 9.15 -9.29 39.78
CA CYS E 235 10.14 -8.27 40.04
C CYS E 235 9.58 -7.53 41.24
N ASN E 236 10.31 -7.54 42.33
CA ASN E 236 9.81 -6.96 43.58
C ASN E 236 10.18 -5.50 43.87
N ASN E 237 10.82 -4.81 42.90
CA ASN E 237 11.20 -3.41 42.96
C ASN E 237 10.96 -2.83 41.57
N VAL E 238 9.81 -2.15 41.37
CA VAL E 238 9.37 -1.64 40.08
C VAL E 238 9.05 -0.18 40.15
N SER E 239 9.03 0.43 39.00
CA SER E 239 8.74 1.83 38.84
C SER E 239 8.09 2.07 37.50
N THR E 240 7.54 3.26 37.29
CA THR E 240 6.97 3.52 35.98
C THR E 240 7.79 4.55 35.28
N VAL E 241 7.78 4.48 33.96
CA VAL E 241 8.43 5.48 33.16
C VAL E 241 7.53 5.95 32.03
N GLN E 242 7.85 7.10 31.50
CA GLN E 242 7.16 7.63 30.34
C GLN E 242 7.67 7.02 29.01
N CYS E 243 9.00 6.77 28.95
CA CYS E 243 9.75 6.26 27.82
C CYS E 243 10.84 5.34 28.37
N THR E 244 11.38 4.50 27.52
CA THR E 244 12.51 3.66 27.88
C THR E 244 13.72 4.54 27.84
N HIS E 245 14.85 4.05 28.33
CA HIS E 245 16.07 4.82 28.22
C HIS E 245 16.48 4.73 26.78
N GLY E 246 17.54 5.43 26.41
CA GLY E 246 17.94 5.41 25.02
C GLY E 246 18.78 4.20 24.69
N ILE E 247 18.28 3.37 23.81
CA ILE E 247 18.96 2.17 23.38
C ILE E 247 19.50 2.35 22.00
N LYS E 248 20.81 2.21 21.82
CA LYS E 248 21.33 2.35 20.47
C LYS E 248 21.04 1.07 19.70
N PRO E 249 20.53 1.14 18.48
CA PRO E 249 20.25 0.02 17.60
C PRO E 249 21.50 -0.51 16.94
N VAL E 250 22.39 -1.06 17.75
CA VAL E 250 23.65 -1.61 17.30
C VAL E 250 23.43 -3.04 16.85
N VAL E 251 23.92 -3.37 15.67
CA VAL E 251 23.77 -4.70 15.12
C VAL E 251 25.07 -5.50 15.15
N SER E 252 24.98 -6.68 15.73
CA SER E 252 26.09 -7.62 15.83
C SER E 252 25.54 -9.04 15.99
N THR E 253 26.43 -10.03 16.05
CA THR E 253 26.06 -11.42 16.17
C THR E 253 26.62 -12.06 17.44
N GLN E 254 27.81 -12.62 17.36
CA GLN E 254 28.36 -13.38 18.48
C GLN E 254 28.69 -12.56 19.73
N LEU E 255 29.13 -11.34 19.55
CA LEU E 255 29.47 -10.48 20.67
C LEU E 255 28.57 -9.28 20.55
N LEU E 256 27.92 -8.93 21.64
CA LEU E 256 27.06 -7.77 21.70
C LEU E 256 27.92 -6.62 22.03
N LEU E 257 27.88 -5.63 21.15
CA LEU E 257 28.68 -4.46 21.36
C LEU E 257 27.81 -3.32 21.82
N ASN E 258 28.38 -2.45 22.68
CA ASN E 258 27.83 -1.23 23.24
C ASN E 258 26.56 -1.50 24.09
N GLY E 259 25.99 -0.44 24.71
CA GLY E 259 24.83 -0.55 25.62
C GLY E 259 25.32 -0.60 27.07
N SER E 260 24.39 -0.74 28.00
CA SER E 260 24.74 -0.72 29.41
C SER E 260 25.20 -2.07 29.93
N LEU E 261 26.05 -2.02 30.94
CA LEU E 261 26.54 -3.17 31.65
C LEU E 261 25.63 -3.50 32.80
N ALA E 262 25.66 -4.73 33.24
CA ALA E 262 24.84 -5.14 34.38
C ALA E 262 25.27 -4.38 35.64
N GLU E 263 24.30 -3.96 36.46
CA GLU E 263 24.61 -3.33 37.75
C GLU E 263 25.15 -4.37 38.75
N GLY E 264 24.63 -5.58 38.67
CA GLY E 264 25.02 -6.66 39.55
C GLY E 264 26.14 -7.43 38.89
N GLU E 265 26.37 -8.66 39.31
CA GLU E 265 27.44 -9.51 38.78
C GLU E 265 27.01 -10.04 37.44
N ILE E 266 27.83 -10.85 36.77
CA ILE E 266 27.42 -11.29 35.44
C ILE E 266 26.14 -12.12 35.54
N ILE E 267 25.16 -11.76 34.71
CA ILE E 267 23.89 -12.44 34.73
C ILE E 267 23.69 -13.22 33.46
N ILE E 268 23.40 -14.49 33.62
CA ILE E 268 23.17 -15.30 32.47
C ILE E 268 21.69 -15.51 32.33
N ARG E 269 21.13 -15.03 31.23
CA ARG E 269 19.70 -15.09 31.03
C ARG E 269 19.32 -16.04 29.91
N SER E 270 18.39 -16.90 30.21
CA SER E 270 17.90 -17.84 29.22
C SER E 270 16.47 -18.16 29.47
N GLU E 271 15.74 -18.37 28.40
CA GLU E 271 14.35 -18.75 28.48
C GLU E 271 14.19 -20.08 29.18
N ASN E 272 15.19 -20.96 29.04
CA ASN E 272 15.06 -22.29 29.62
C ASN E 272 16.29 -22.81 30.39
N ILE E 273 17.51 -22.49 29.94
CA ILE E 273 18.80 -23.00 30.47
C ILE E 273 19.04 -24.48 30.13
N THR E 274 18.09 -25.33 30.49
CA THR E 274 18.08 -26.78 30.24
C THR E 274 18.01 -27.12 28.76
N ASP E 275 17.20 -26.38 28.00
CA ASP E 275 17.03 -26.59 26.57
C ASP E 275 18.22 -26.03 25.78
N ASN E 276 18.95 -26.90 25.09
CA ASN E 276 20.16 -26.47 24.39
C ASN E 276 19.84 -25.69 23.13
N GLY E 277 18.56 -25.69 22.75
CA GLY E 277 18.09 -25.00 21.57
C GLY E 277 17.78 -23.52 21.85
N LYS E 278 17.90 -23.08 23.10
CA LYS E 278 17.60 -21.69 23.40
C LYS E 278 18.84 -20.84 23.42
N THR E 279 18.66 -19.56 23.15
CA THR E 279 19.73 -18.59 23.19
C THR E 279 20.09 -18.24 24.63
N ILE E 280 21.37 -18.19 24.94
CA ILE E 280 21.80 -17.75 26.25
C ILE E 280 22.43 -16.38 26.12
N LEU E 281 21.88 -15.40 26.82
CA LEU E 281 22.40 -14.07 26.73
C LEU E 281 23.21 -13.79 27.98
N VAL E 282 24.49 -13.57 27.80
CA VAL E 282 25.34 -13.33 28.94
C VAL E 282 25.58 -11.85 29.04
N HIS E 283 25.14 -11.25 30.13
CA HIS E 283 25.25 -9.82 30.29
C HIS E 283 26.36 -9.53 31.29
N LEU E 284 27.41 -8.90 30.78
CA LEU E 284 28.59 -8.67 31.58
C LEU E 284 28.37 -7.43 32.46
N ASN E 285 29.04 -7.39 33.62
CA ASN E 285 29.05 -6.22 34.54
C ASN E 285 30.30 -5.32 34.35
N GLU E 286 31.22 -5.70 33.43
CA GLU E 286 32.47 -5.03 33.08
C GLU E 286 32.60 -5.20 31.59
N SER E 287 32.99 -4.16 30.89
CA SER E 287 33.15 -4.23 29.47
C SER E 287 34.51 -4.74 29.05
N VAL E 288 34.61 -5.20 27.81
CA VAL E 288 35.90 -5.57 27.25
C VAL E 288 36.16 -4.67 26.05
N LYS E 289 37.29 -3.98 26.05
CA LYS E 289 37.57 -3.09 24.95
C LYS E 289 37.95 -3.84 23.69
N ILE E 290 37.33 -3.50 22.58
CA ILE E 290 37.71 -4.09 21.30
C ILE E 290 38.06 -3.02 20.28
N GLU E 291 39.24 -3.12 19.70
CA GLU E 291 39.67 -2.15 18.69
C GLU E 291 39.80 -2.82 17.32
N CYS E 292 38.97 -2.40 16.34
CA CYS E 292 38.88 -2.99 15.00
C CYS E 292 39.33 -2.00 13.93
N THR E 293 39.99 -2.54 12.92
CA THR E 293 40.46 -1.69 11.86
C THR E 293 40.71 -2.31 10.51
N ARG E 294 40.67 -1.43 9.53
CA ARG E 294 41.07 -1.65 8.16
C ARG E 294 42.21 -0.67 7.87
N PRO E 295 43.47 -1.10 8.02
CA PRO E 295 44.66 -0.27 7.93
C PRO E 295 44.95 0.23 6.53
N ASN E 296 44.35 -0.41 5.54
CA ASN E 296 44.58 -0.07 4.15
C ASN E 296 43.94 1.27 3.82
N ASN E 297 44.55 2.04 2.88
CA ASN E 297 44.00 3.32 2.40
C ASN E 297 43.30 3.08 1.06
N LYS E 298 41.96 3.16 1.03
CA LYS E 298 41.16 2.85 -0.16
C LYS E 298 40.84 4.13 -0.93
N THR E 299 40.68 4.01 -2.24
CA THR E 299 40.20 5.13 -3.02
C THR E 299 39.12 4.64 -3.94
N ARG E 300 38.19 5.53 -4.26
CA ARG E 300 37.05 5.17 -5.07
C ARG E 300 36.82 6.05 -6.26
N THR E 301 36.01 5.54 -7.17
CA THR E 301 35.63 6.26 -8.37
C THR E 301 34.12 6.32 -8.47
N SER E 302 33.62 6.87 -9.57
CA SER E 302 32.18 6.95 -9.77
C SER E 302 31.82 6.68 -11.21
N ILE E 303 31.05 5.63 -11.40
CA ILE E 303 30.66 5.20 -12.72
C ILE E 303 29.22 5.52 -13.06
N ARG E 304 29.00 6.32 -14.08
CA ARG E 304 27.62 6.62 -14.42
C ARG E 304 27.05 5.31 -14.95
N ILE E 305 25.85 4.92 -14.52
CA ILE E 305 25.27 3.65 -15.00
C ILE E 305 23.95 3.85 -15.72
N GLY E 306 23.73 5.07 -16.13
CA GLY E 306 22.54 5.50 -16.85
C GLY E 306 22.30 6.92 -16.42
N PRO E 307 21.28 7.59 -16.92
CA PRO E 307 20.97 8.97 -16.58
C PRO E 307 20.78 9.14 -15.08
N GLY E 308 21.36 10.19 -14.50
CA GLY E 308 21.18 10.46 -13.06
C GLY E 308 22.04 9.61 -12.11
N GLN E 309 21.85 8.30 -12.22
CA GLN E 309 22.45 7.26 -11.38
C GLN E 309 23.93 6.95 -11.63
N ALA E 310 24.67 6.71 -10.53
CA ALA E 310 26.07 6.30 -10.64
C ALA E 310 26.44 5.32 -9.55
N PHE E 311 27.36 4.44 -9.90
CA PHE E 311 27.92 3.38 -9.09
C PHE E 311 29.26 3.69 -8.43
N TYR E 312 29.30 3.55 -7.13
CA TYR E 312 30.52 3.84 -6.41
C TYR E 312 31.43 2.65 -6.32
N ALA E 313 32.12 2.42 -7.40
CA ALA E 313 33.08 1.35 -7.55
C ALA E 313 34.34 1.61 -6.75
N THR E 314 34.99 0.54 -6.31
CA THR E 314 36.30 0.67 -5.66
C THR E 314 37.33 0.84 -6.75
N GLY E 315 38.21 1.82 -6.55
CA GLY E 315 39.23 2.17 -7.50
C GLY E 315 40.55 1.45 -7.28
N GLN E 316 41.18 1.75 -6.17
CA GLN E 316 42.50 1.21 -5.86
C GLN E 316 42.76 1.04 -4.36
N VAL E 317 43.66 0.12 -4.04
CA VAL E 317 44.09 -0.09 -2.68
C VAL E 317 45.57 0.21 -2.52
N ILE E 318 45.88 1.12 -1.61
CA ILE E 318 47.27 1.44 -1.42
C ILE E 318 47.64 1.21 0.05
N GLY E 319 48.91 0.93 0.30
CA GLY E 319 49.32 0.72 1.67
C GLY E 319 48.77 -0.60 2.20
N ASP E 320 48.63 -1.59 1.32
CA ASP E 320 48.06 -2.88 1.70
C ASP E 320 48.87 -3.65 2.72
N ILE E 321 48.23 -3.99 3.84
CA ILE E 321 48.88 -4.76 4.89
C ILE E 321 48.05 -6.00 5.18
N ARG E 322 46.83 -5.78 5.68
CA ARG E 322 45.85 -6.81 5.99
C ARG E 322 44.51 -6.26 5.61
N GLU E 323 43.62 -7.11 5.11
CA GLU E 323 42.29 -6.64 4.75
C GLU E 323 41.58 -6.01 5.94
N ALA E 324 41.60 -6.69 7.09
CA ALA E 324 41.04 -6.18 8.33
C ALA E 324 41.49 -7.06 9.49
N TYR E 325 41.42 -6.50 10.69
CA TYR E 325 41.63 -7.28 11.92
C TYR E 325 41.05 -6.57 13.17
N CYS E 326 40.86 -7.31 14.30
CA CYS E 326 40.44 -6.76 15.61
C CYS E 326 41.37 -7.19 16.76
N ASN E 327 41.64 -6.26 17.68
CA ASN E 327 42.47 -6.48 18.86
C ASN E 327 41.67 -6.43 20.18
N ILE E 328 41.74 -7.53 20.96
CA ILE E 328 41.12 -7.69 22.30
C ILE E 328 42.22 -7.97 23.33
N SER E 329 42.28 -7.23 24.43
CA SER E 329 43.34 -7.48 25.40
C SER E 329 43.25 -8.90 25.94
N GLU E 330 44.39 -9.57 26.10
CA GLU E 330 44.41 -10.96 26.53
C GLU E 330 44.02 -11.15 27.97
N SER E 331 44.50 -10.30 28.86
CA SER E 331 44.19 -10.52 30.27
C SER E 331 42.72 -10.29 30.52
N THR E 332 42.18 -9.27 29.86
CA THR E 332 40.80 -8.91 30.07
C THR E 332 39.91 -10.02 29.59
N TRP E 333 40.20 -10.55 28.39
CA TRP E 333 39.37 -11.60 27.87
C TRP E 333 39.39 -12.82 28.74
N ASN E 334 40.57 -13.23 29.20
CA ASN E 334 40.63 -14.45 29.96
C ASN E 334 39.89 -14.34 31.28
N GLU E 335 40.01 -13.20 31.97
CA GLU E 335 39.29 -13.12 33.22
C GLU E 335 37.81 -13.04 32.99
N THR E 336 37.42 -12.32 31.95
CA THR E 336 36.01 -12.14 31.67
C THR E 336 35.37 -13.46 31.36
N LEU E 337 36.02 -14.26 30.54
CA LEU E 337 35.41 -15.51 30.18
C LEU E 337 35.39 -16.42 31.40
N GLY E 338 36.44 -16.37 32.22
CA GLY E 338 36.49 -17.23 33.38
C GLY E 338 35.33 -16.95 34.32
N LYS E 339 34.96 -15.68 34.47
CA LYS E 339 33.84 -15.28 35.30
C LYS E 339 32.52 -15.78 34.72
N VAL E 340 32.41 -15.79 33.39
CA VAL E 340 31.19 -16.29 32.79
C VAL E 340 31.06 -17.77 33.10
N VAL E 341 32.15 -18.51 33.02
CA VAL E 341 32.13 -19.92 33.33
C VAL E 341 31.79 -20.13 34.79
N LYS E 342 32.36 -19.32 35.66
CA LYS E 342 32.07 -19.43 37.08
C LYS E 342 30.55 -19.40 37.30
N GLN E 343 29.86 -18.52 36.56
CA GLN E 343 28.41 -18.44 36.65
C GLN E 343 27.71 -19.59 35.91
N LEU E 344 28.26 -20.08 34.79
CA LEU E 344 27.64 -21.19 34.08
C LEU E 344 27.63 -22.43 34.96
N ARG E 345 28.67 -22.59 35.76
CA ARG E 345 28.81 -23.72 36.66
C ARG E 345 27.79 -23.71 37.80
N LYS E 346 27.01 -22.63 37.94
CA LYS E 346 25.99 -22.65 38.97
C LYS E 346 24.74 -23.31 38.42
N HIS E 347 24.71 -23.52 37.10
CA HIS E 347 23.59 -24.16 36.45
C HIS E 347 24.05 -25.54 36.03
N PHE E 348 25.36 -25.64 35.82
CA PHE E 348 25.97 -26.88 35.42
C PHE E 348 27.18 -27.19 36.32
N PRO E 349 26.95 -27.47 37.62
CA PRO E 349 27.97 -27.69 38.63
C PRO E 349 28.66 -29.02 38.45
N HIS E 350 29.90 -29.09 38.95
CA HIS E 350 30.74 -30.29 38.92
C HIS E 350 31.03 -30.78 37.51
N LYS E 351 31.20 -29.82 36.60
CA LYS E 351 31.54 -30.12 35.23
C LYS E 351 32.64 -29.15 34.78
N ASN E 352 33.64 -29.64 33.99
CA ASN E 352 34.72 -28.82 33.41
C ASN E 352 34.33 -28.37 32.00
N ILE E 353 33.83 -27.11 31.89
CA ILE E 353 33.30 -26.47 30.68
C ILE E 353 34.34 -26.11 29.65
N THR E 354 34.02 -26.40 28.40
CA THR E 354 34.89 -26.05 27.29
C THR E 354 34.10 -25.30 26.25
N PHE E 355 34.81 -24.64 25.36
CA PHE E 355 34.14 -23.96 24.27
C PHE E 355 34.49 -24.55 22.91
N GLN E 356 33.54 -24.45 21.98
CA GLN E 356 33.73 -24.90 20.61
C GLN E 356 33.73 -23.72 19.64
N PRO E 357 34.91 -23.26 19.24
CA PRO E 357 35.10 -22.03 18.55
C PRO E 357 34.40 -22.01 17.23
N SER E 358 33.79 -20.88 16.93
CA SER E 358 33.09 -20.56 15.70
C SER E 358 31.90 -21.45 15.35
N SER E 359 31.45 -22.34 16.23
CA SER E 359 30.26 -23.11 15.90
C SER E 359 30.31 -23.76 14.52
N GLY E 360 29.31 -23.43 13.70
CA GLY E 360 29.16 -23.93 12.35
C GLY E 360 28.04 -23.14 11.69
N GLY E 361 27.82 -23.33 10.40
CA GLY E 361 26.80 -22.54 9.70
C GLY E 361 27.47 -21.57 8.72
N ASP E 362 26.70 -20.60 8.23
CA ASP E 362 27.18 -19.68 7.18
C ASP E 362 28.00 -18.51 7.73
N LEU E 363 28.49 -17.63 6.84
CA LEU E 363 29.37 -16.53 7.26
C LEU E 363 28.70 -15.65 8.30
N GLU E 364 27.45 -15.35 8.09
CA GLU E 364 26.66 -14.50 8.97
C GLU E 364 26.36 -15.14 10.34
N VAL E 365 26.64 -16.43 10.48
CA VAL E 365 26.40 -17.16 11.70
C VAL E 365 27.69 -17.41 12.48
N THR E 366 28.73 -17.85 11.76
CA THR E 366 29.97 -18.25 12.38
C THR E 366 30.97 -17.16 12.55
N THR E 367 30.80 -16.08 11.81
CA THR E 367 31.74 -15.01 11.86
C THR E 367 31.10 -13.81 12.56
N HIS E 368 31.86 -13.13 13.40
CA HIS E 368 31.36 -11.95 14.08
C HIS E 368 31.18 -10.84 13.09
N SER E 369 30.16 -10.02 13.22
CA SER E 369 30.04 -8.97 12.26
C SER E 369 29.53 -7.67 12.82
N PHE E 370 29.93 -6.59 12.15
CA PHE E 370 29.52 -5.26 12.53
C PHE E 370 29.76 -4.21 11.46
N ASN E 371 29.08 -3.09 11.60
CA ASN E 371 29.28 -1.91 10.77
C ASN E 371 30.29 -0.97 11.44
N CYS E 372 31.48 -0.80 10.83
CA CYS E 372 32.57 0.03 11.33
C CYS E 372 32.93 1.10 10.31
N GLY E 373 32.45 2.29 10.61
CA GLY E 373 32.72 3.43 9.77
C GLY E 373 31.95 3.40 8.47
N GLY E 374 30.91 2.57 8.38
CA GLY E 374 30.15 2.40 7.16
C GLY E 374 30.51 1.11 6.41
N GLU E 375 31.64 0.46 6.74
CA GLU E 375 31.96 -0.79 6.05
C GLU E 375 31.61 -1.98 6.91
N PHE E 376 31.32 -3.10 6.26
CA PHE E 376 30.93 -4.29 7.00
C PHE E 376 32.00 -5.33 7.16
N PHE E 377 32.32 -5.54 8.42
CA PHE E 377 33.34 -6.45 8.89
C PHE E 377 32.78 -7.79 9.29
N TYR E 378 33.50 -8.84 8.91
CA TYR E 378 33.23 -10.24 9.22
C TYR E 378 34.49 -10.87 9.84
N CYS E 379 34.56 -10.88 11.20
CA CYS E 379 35.76 -11.20 11.99
C CYS E 379 35.73 -12.62 12.58
N ASN E 380 36.89 -13.28 12.53
CA ASN E 380 37.08 -14.64 13.03
C ASN E 380 37.37 -14.66 14.54
N THR E 381 36.44 -15.22 15.34
CA THR E 381 36.46 -15.28 16.80
C THR E 381 36.93 -16.63 17.30
N SER E 382 37.47 -17.46 16.42
CA SER E 382 37.86 -18.80 16.86
C SER E 382 38.92 -18.80 17.94
N GLY E 383 39.72 -17.77 18.05
CA GLY E 383 40.73 -17.74 19.08
C GLY E 383 40.20 -17.25 20.43
N LEU E 384 38.93 -16.88 20.49
CA LEU E 384 38.35 -16.39 21.73
C LEU E 384 37.60 -17.47 22.49
N PHE E 385 37.06 -18.43 21.76
CA PHE E 385 36.20 -19.44 22.33
C PHE E 385 36.67 -20.85 22.15
N ASN E 386 37.96 -21.10 22.31
CA ASN E 386 38.51 -22.43 22.18
C ASN E 386 39.19 -22.89 23.45
N SER E 387 38.88 -22.25 24.57
CA SER E 387 39.50 -22.59 25.83
C SER E 387 38.84 -23.75 26.57
N THR E 388 39.56 -24.23 27.57
CA THR E 388 39.13 -25.29 28.50
C THR E 388 39.10 -24.74 29.92
N TRP E 389 37.96 -24.96 30.64
CA TRP E 389 37.71 -24.51 32.00
C TRP E 389 37.13 -25.69 32.79
N ASP E 405 50.28 -9.70 24.85
CA ASP E 405 49.32 -8.97 25.67
C ASP E 405 47.90 -8.82 25.05
N SER E 406 47.72 -9.18 23.74
CA SER E 406 46.43 -9.10 23.02
C SER E 406 46.27 -10.19 21.99
N ILE E 407 45.02 -10.44 21.64
CA ILE E 407 44.69 -11.39 20.62
C ILE E 407 44.21 -10.67 19.39
N THR E 408 44.73 -11.07 18.24
CA THR E 408 44.32 -10.48 16.99
C THR E 408 43.39 -11.42 16.27
N LEU E 409 42.25 -10.91 15.87
CA LEU E 409 41.26 -11.66 15.15
C LEU E 409 41.35 -11.26 13.67
N PRO E 410 41.68 -12.16 12.73
CA PRO E 410 41.71 -11.88 11.31
C PRO E 410 40.30 -11.48 10.97
N CYS E 411 40.09 -10.55 10.01
CA CYS E 411 38.75 -10.10 9.64
C CYS E 411 38.64 -9.77 8.15
N ARG E 412 37.50 -10.09 7.54
CA ARG E 412 37.22 -9.80 6.13
C ARG E 412 36.14 -8.74 5.92
N ILE E 413 36.12 -8.16 4.72
CA ILE E 413 35.18 -7.11 4.35
C ILE E 413 34.27 -7.45 3.16
N LYS E 414 32.99 -7.05 3.22
CA LYS E 414 32.07 -7.27 2.08
C LYS E 414 31.47 -5.97 1.56
N GLN E 415 31.07 -5.95 0.27
CA GLN E 415 30.38 -4.81 -0.32
C GLN E 415 28.89 -5.10 -0.51
N ILE E 416 28.54 -6.37 -0.74
CA ILE E 416 27.11 -6.66 -0.92
C ILE E 416 26.58 -7.26 0.36
N ILE E 417 25.66 -6.54 0.97
CA ILE E 417 25.17 -6.85 2.29
C ILE E 417 23.73 -7.31 2.34
N ASN E 418 23.51 -8.42 3.04
CA ASN E 418 22.17 -8.96 3.19
C ASN E 418 21.83 -9.23 4.64
N MET E 419 21.54 -8.17 5.38
CA MET E 419 21.16 -8.32 6.78
C MET E 419 19.69 -8.64 6.81
N TRP E 420 19.29 -9.35 7.84
CA TRP E 420 17.90 -9.76 8.05
C TRP E 420 17.64 -10.96 7.17
N GLN E 421 16.55 -11.67 7.44
CA GLN E 421 16.25 -12.92 6.73
C GLN E 421 15.80 -12.74 5.29
N GLU E 422 15.39 -11.53 4.94
CA GLU E 422 14.92 -11.24 3.60
C GLU E 422 16.12 -10.84 2.77
N VAL E 423 16.25 -11.41 1.58
CA VAL E 423 17.41 -11.11 0.75
C VAL E 423 17.06 -10.20 -0.41
N GLY E 424 15.87 -9.67 -0.39
CA GLY E 424 15.44 -8.73 -1.39
C GLY E 424 16.07 -7.41 -1.02
N ARG E 425 16.14 -6.47 -1.95
CA ARG E 425 16.70 -5.16 -1.63
C ARG E 425 18.07 -5.32 -0.99
N ALA E 426 18.94 -6.08 -1.64
CA ALA E 426 20.26 -6.29 -1.08
C ALA E 426 20.91 -4.94 -1.10
N MET E 427 21.74 -4.64 -0.13
CA MET E 427 22.37 -3.34 -0.12
C MET E 427 23.77 -3.38 -0.65
N TYR E 428 24.12 -2.40 -1.44
CA TYR E 428 25.50 -2.28 -1.83
C TYR E 428 26.09 -1.18 -1.00
N ALA E 429 27.19 -1.49 -0.35
CA ALA E 429 27.87 -0.54 0.49
C ALA E 429 28.97 0.14 -0.32
N PRO E 430 28.88 1.45 -0.60
CA PRO E 430 29.88 2.17 -1.34
C PRO E 430 31.14 1.99 -0.54
N PRO E 431 32.31 1.94 -1.16
CA PRO E 431 33.58 1.83 -0.50
C PRO E 431 33.86 3.10 0.21
N ILE E 432 34.59 3.01 1.31
CA ILE E 432 34.99 4.24 1.98
C ILE E 432 36.46 4.52 1.86
N GLN E 433 36.75 5.68 1.30
CA GLN E 433 38.11 6.08 1.05
C GLN E 433 38.88 6.31 2.34
N GLY E 434 40.18 6.05 2.28
CA GLY E 434 41.07 6.22 3.41
C GLY E 434 41.07 4.95 4.26
N ASN E 435 41.59 5.05 5.50
CA ASN E 435 41.72 3.95 6.47
C ASN E 435 40.66 4.14 7.57
N ILE E 436 40.17 3.03 8.18
CA ILE E 436 39.11 3.02 9.23
C ILE E 436 39.45 2.34 10.54
N THR E 437 39.18 3.03 11.65
CA THR E 437 39.34 2.46 12.99
C THR E 437 38.06 2.68 13.82
N CYS E 438 37.69 1.67 14.66
CA CYS E 438 36.56 1.73 15.59
C CYS E 438 36.93 1.14 16.95
N VAL E 439 36.46 1.78 18.00
CA VAL E 439 36.60 1.22 19.32
C VAL E 439 35.23 1.00 19.88
N SER E 440 34.94 -0.23 20.22
CA SER E 440 33.65 -0.59 20.73
C SER E 440 33.81 -1.28 22.08
N ASN E 441 32.71 -1.34 22.86
CA ASN E 441 32.65 -2.00 24.16
C ASN E 441 31.93 -3.35 24.03
N ILE E 442 32.57 -4.49 24.41
CA ILE E 442 31.88 -5.79 24.41
C ILE E 442 31.12 -5.81 25.72
N THR E 443 29.80 -5.87 25.62
CA THR E 443 28.94 -5.77 26.78
C THR E 443 28.25 -7.08 27.10
N GLY E 444 28.25 -7.98 26.13
CA GLY E 444 27.62 -9.26 26.37
C GLY E 444 27.94 -10.25 25.30
N LEU E 445 27.66 -11.50 25.58
CA LEU E 445 27.95 -12.58 24.66
C LEU E 445 26.69 -13.31 24.26
N ILE E 446 26.64 -13.86 23.06
CA ILE E 446 25.54 -14.76 22.78
C ILE E 446 26.10 -16.15 22.65
N LEU E 447 25.66 -17.02 23.54
CA LEU E 447 26.13 -18.39 23.57
C LEU E 447 25.01 -19.38 23.36
N THR E 448 25.33 -20.54 22.83
CA THR E 448 24.36 -21.63 22.79
C THR E 448 25.05 -22.86 23.37
N ARG E 449 24.28 -23.87 23.75
CA ARG E 449 24.88 -25.09 24.26
C ARG E 449 25.11 -26.10 23.15
N ASP E 450 26.13 -26.97 23.33
CA ASP E 450 26.54 -28.09 22.46
C ASP E 450 27.32 -27.51 21.31
N ASN E 455 31.94 -36.38 30.40
CA ASN E 455 30.97 -35.63 29.62
C ASN E 455 30.59 -34.34 30.41
N THR E 456 31.12 -33.19 29.93
CA THR E 456 30.93 -31.83 30.50
C THR E 456 30.29 -30.95 29.46
N GLU E 457 29.84 -29.78 29.87
CA GLU E 457 29.13 -28.94 28.95
C GLU E 457 30.07 -28.23 28.00
N THR E 458 29.62 -28.13 26.76
CA THR E 458 30.31 -27.43 25.72
C THR E 458 29.48 -26.27 25.27
N PHE E 459 30.09 -25.11 25.18
CA PHE E 459 29.38 -23.93 24.72
C PHE E 459 29.93 -23.42 23.42
N ARG E 460 29.06 -22.82 22.63
CA ARG E 460 29.46 -22.25 21.37
C ARG E 460 29.09 -20.79 21.31
N PRO E 461 29.92 -19.92 20.77
CA PRO E 461 29.56 -18.57 20.51
C PRO E 461 28.68 -18.72 19.33
N GLY E 462 27.75 -17.85 19.14
CA GLY E 462 27.00 -17.98 17.91
C GLY E 462 26.07 -16.84 17.70
N GLY E 463 25.36 -16.87 16.61
CA GLY E 463 24.44 -15.80 16.30
C GLY E 463 23.10 -16.22 16.84
N GLY E 464 22.06 -15.62 16.31
CA GLY E 464 20.72 -15.89 16.76
C GLY E 464 19.85 -14.97 15.97
N ASP E 465 18.59 -14.91 16.29
CA ASP E 465 17.72 -14.02 15.56
C ASP E 465 18.20 -12.62 15.88
N MET E 466 17.99 -11.67 14.98
CA MET E 466 18.42 -10.32 15.29
C MET E 466 17.64 -9.77 16.47
N ARG E 467 16.45 -10.30 16.72
CA ARG E 467 15.65 -9.87 17.84
C ARG E 467 16.36 -10.05 19.17
N ASP E 468 17.26 -11.04 19.26
CA ASP E 468 17.97 -11.32 20.50
C ASP E 468 18.87 -10.16 20.89
N ASN E 469 19.20 -9.27 19.95
CA ASN E 469 20.02 -8.14 20.27
C ASN E 469 19.26 -7.11 21.09
N TRP E 470 17.94 -7.01 20.92
CA TRP E 470 17.26 -5.99 21.68
C TRP E 470 16.68 -6.58 22.92
N ARG E 471 16.60 -7.90 22.99
CA ARG E 471 16.09 -8.53 24.19
C ARG E 471 16.99 -8.16 25.35
N SER E 472 18.28 -8.00 25.09
CA SER E 472 19.25 -7.68 26.12
C SER E 472 19.14 -6.24 26.62
N GLU E 473 18.41 -5.39 25.91
CA GLU E 473 18.28 -4.00 26.29
C GLU E 473 16.90 -3.71 26.88
N LEU E 474 15.90 -4.39 26.34
CA LEU E 474 14.50 -4.21 26.69
C LEU E 474 13.98 -5.15 27.77
N TYR E 475 14.84 -5.96 28.35
CA TYR E 475 14.38 -6.94 29.35
C TYR E 475 13.84 -6.27 30.61
N LYS E 476 14.23 -5.04 30.87
CA LYS E 476 13.74 -4.37 32.05
C LYS E 476 12.43 -3.66 31.83
N TYR E 477 11.90 -3.63 30.61
CA TYR E 477 10.69 -2.84 30.41
C TYR E 477 9.48 -3.65 29.95
N LYS E 478 8.29 -3.23 30.38
CA LYS E 478 7.04 -3.85 29.95
C LYS E 478 5.96 -2.81 29.58
N VAL E 479 5.15 -3.10 28.56
CA VAL E 479 4.05 -2.20 28.20
C VAL E 479 2.76 -2.56 28.90
N VAL E 480 2.14 -1.57 29.53
CA VAL E 480 0.91 -1.82 30.23
C VAL E 480 -0.17 -0.78 29.88
N LYS E 481 -1.43 -1.21 29.84
CA LYS E 481 -2.55 -0.30 29.60
C LYS E 481 -3.13 0.12 30.94
N ILE E 482 -3.40 1.40 31.08
CA ILE E 482 -3.98 1.87 32.32
C ILE E 482 -5.48 1.78 32.25
N GLU E 483 -6.08 1.24 33.30
CA GLU E 483 -7.52 1.05 33.35
C GLU E 483 -8.15 1.82 34.51
N PRO E 484 -8.48 3.11 34.33
CA PRO E 484 -8.90 4.05 35.34
C PRO E 484 -10.27 3.80 35.93
N LEU E 485 -11.09 2.95 35.31
CA LEU E 485 -12.42 2.74 35.82
C LEU E 485 -12.53 1.47 36.65
N GLY E 486 -13.19 1.56 37.78
CA GLY E 486 -13.41 0.35 38.57
C GLY E 486 -14.51 0.53 39.58
N VAL E 487 -14.91 -0.57 40.19
CA VAL E 487 -16.00 -0.56 41.15
C VAL E 487 -15.62 -1.26 42.44
N ALA E 488 -16.05 -0.69 43.57
CA ALA E 488 -15.79 -1.29 44.88
C ALA E 488 -16.95 -0.95 45.84
N PRO E 489 -17.25 -1.79 46.87
CA PRO E 489 -18.25 -1.57 47.90
C PRO E 489 -18.06 -0.41 48.86
N THR E 490 -19.18 0.25 49.17
CA THR E 490 -19.26 1.31 50.19
C THR E 490 -20.34 1.02 51.25
N ALA E 491 -21.37 0.25 50.87
CA ALA E 491 -22.59 0.08 51.70
C ALA E 491 -23.34 1.41 51.95
N CYS E 492 -23.48 2.20 50.87
CA CYS E 492 -24.17 3.48 50.74
C CYS E 492 -25.03 3.46 49.48
N LYS E 493 -26.28 3.84 49.62
CA LYS E 493 -27.23 3.89 48.51
C LYS E 493 -27.39 5.33 48.02
N ARG E 494 -27.62 5.50 46.72
CA ARG E 494 -27.80 6.82 46.15
C ARG E 494 -28.96 7.54 46.81
N ARG E 495 -28.75 8.81 47.14
CA ARG E 495 -29.77 9.62 47.78
C ARG E 495 -30.76 10.19 46.81
N VAL E 496 -31.92 10.55 47.32
CA VAL E 496 -33.02 11.10 46.52
C VAL E 496 -33.32 10.24 45.28
N VAL E 497 -33.50 8.91 45.50
CA VAL E 497 -33.82 7.86 44.50
C VAL E 497 -32.90 8.02 43.28
N LEU F 9 2.02 13.85 43.60
CA LEU F 9 2.80 12.64 43.89
C LEU F 9 3.40 12.05 42.60
N GLY F 10 2.55 11.75 41.58
CA GLY F 10 2.96 11.17 40.29
C GLY F 10 1.76 10.67 39.51
N PHE F 11 2.00 10.20 38.28
CA PHE F 11 0.93 9.69 37.41
C PHE F 11 0.17 8.52 38.01
N LEU F 12 0.86 7.46 38.42
CA LEU F 12 0.11 6.41 39.11
C LEU F 12 0.29 6.59 40.59
N GLY F 13 1.41 7.17 40.96
CA GLY F 13 1.73 7.41 42.35
C GLY F 13 1.73 6.13 43.13
N ALA F 14 1.03 6.11 44.25
CA ALA F 14 0.98 4.93 45.09
C ALA F 14 0.00 3.93 44.55
N ALA F 15 0.35 3.31 43.44
CA ALA F 15 -0.52 2.34 42.83
C ALA F 15 -0.74 1.19 43.80
N GLY F 16 0.30 0.86 44.57
CA GLY F 16 0.26 -0.21 45.55
C GLY F 16 -0.38 0.26 46.86
N SER F 17 -1.56 0.86 46.76
CA SER F 17 -2.28 1.33 47.94
C SER F 17 -3.41 0.42 48.33
N THR F 18 -3.46 0.18 49.63
CA THR F 18 -4.46 -0.60 50.34
C THR F 18 -5.81 0.07 50.12
N MET F 19 -6.86 -0.70 49.84
CA MET F 19 -8.19 -0.14 49.60
C MET F 19 -8.67 0.69 50.78
N GLY F 20 -8.31 0.26 51.99
CA GLY F 20 -8.70 0.98 53.20
C GLY F 20 -7.94 2.30 53.33
N ALA F 21 -6.95 2.48 52.45
CA ALA F 21 -6.11 3.65 52.34
C ALA F 21 -6.14 4.09 50.89
N ALA F 22 -7.25 3.80 50.19
CA ALA F 22 -7.40 4.16 48.80
C ALA F 22 -7.28 5.63 48.60
N SER F 23 -7.73 6.40 49.60
CA SER F 23 -7.75 7.84 49.53
C SER F 23 -8.72 8.28 48.46
N MET F 24 -8.23 8.88 47.40
CA MET F 24 -9.11 9.33 46.35
C MET F 24 -8.47 9.08 45.01
N THR F 25 -9.28 8.91 43.99
CA THR F 25 -8.73 8.77 42.67
C THR F 25 -8.30 10.14 42.18
N LEU F 26 -7.45 10.18 41.17
CA LEU F 26 -6.95 11.48 40.74
C LEU F 26 -6.67 11.69 39.27
N ASP F 57 7.03 8.63 4.68
CA ASP F 57 6.37 9.05 5.91
C ASP F 57 4.91 8.57 6.06
N THR F 58 4.27 8.06 4.97
CA THR F 58 2.86 7.61 4.94
C THR F 58 2.58 6.47 5.90
N HIS F 59 3.47 5.49 5.97
CA HIS F 59 3.23 4.35 6.84
C HIS F 59 3.23 4.82 8.28
N TRP F 60 4.20 5.67 8.62
CA TRP F 60 4.31 6.23 9.95
C TRP F 60 3.07 7.06 10.23
N GLY F 61 2.64 7.87 9.25
CA GLY F 61 1.46 8.70 9.42
C GLY F 61 0.23 7.85 9.76
N ILE F 62 0.07 6.69 9.13
CA ILE F 62 -1.04 5.84 9.49
C ILE F 62 -0.90 5.35 10.92
N LYS F 63 0.30 4.91 11.33
CA LYS F 63 0.41 4.44 12.70
C LYS F 63 0.09 5.54 13.70
N GLN F 64 0.52 6.76 13.41
CA GLN F 64 0.26 7.83 14.36
C GLN F 64 -1.19 8.19 14.39
N LEU F 65 -1.87 8.18 13.25
CA LEU F 65 -3.28 8.48 13.27
C LEU F 65 -4.02 7.40 13.99
N GLN F 66 -3.62 6.14 13.84
CA GLN F 66 -4.33 5.10 14.55
C GLN F 66 -4.16 5.26 16.03
N ALA F 67 -2.95 5.62 16.48
CA ALA F 67 -2.72 5.79 17.90
C ALA F 67 -3.55 6.92 18.46
N ARG F 68 -3.68 8.02 17.71
CA ARG F 68 -4.44 9.16 18.19
C ARG F 68 -5.92 8.82 18.24
N VAL F 69 -6.40 8.12 17.23
CA VAL F 69 -7.80 7.78 17.18
C VAL F 69 -8.15 6.86 18.31
N LEU F 70 -7.32 5.86 18.57
CA LEU F 70 -7.65 4.96 19.65
C LEU F 70 -7.62 5.68 20.97
N ALA F 71 -6.67 6.59 21.19
CA ALA F 71 -6.69 7.27 22.49
C ALA F 71 -8.00 8.01 22.67
N VAL F 72 -8.52 8.61 21.59
CA VAL F 72 -9.79 9.29 21.66
C VAL F 72 -10.91 8.32 21.91
N GLU F 73 -10.92 7.19 21.21
CA GLU F 73 -11.99 6.25 21.42
C GLU F 73 -12.01 5.73 22.84
N HIS F 74 -10.85 5.46 23.43
CA HIS F 74 -10.85 4.92 24.78
C HIS F 74 -11.41 5.96 25.74
N TYR F 75 -11.02 7.21 25.56
CA TYR F 75 -11.52 8.26 26.42
C TYR F 75 -13.02 8.34 26.33
N LEU F 76 -13.53 8.38 25.10
CA LEU F 76 -14.94 8.53 24.93
C LEU F 76 -15.71 7.32 25.43
N ARG F 77 -15.19 6.11 25.28
CA ARG F 77 -15.93 4.98 25.78
C ARG F 77 -16.05 5.05 27.29
N ASP F 78 -15.01 5.50 28.01
CA ASP F 78 -15.19 5.60 29.46
C ASP F 78 -16.23 6.63 29.79
N GLN F 79 -16.26 7.73 29.06
CA GLN F 79 -17.23 8.75 29.39
C GLN F 79 -18.64 8.32 29.04
N GLN F 80 -18.80 7.60 27.94
CA GLN F 80 -20.12 7.15 27.57
C GLN F 80 -20.62 6.15 28.58
N LEU F 81 -19.72 5.27 29.05
CA LEU F 81 -20.08 4.23 29.97
C LEU F 81 -20.50 4.83 31.30
N LEU F 82 -19.79 5.84 31.78
CA LEU F 82 -20.22 6.46 33.01
C LEU F 82 -21.54 7.20 32.82
N GLY F 83 -21.72 7.88 31.68
CA GLY F 83 -22.96 8.62 31.49
C GLY F 83 -24.19 7.73 31.55
N ILE F 84 -24.09 6.52 31.00
CA ILE F 84 -25.22 5.61 31.01
C ILE F 84 -25.46 4.95 32.35
N TRP F 85 -24.58 5.17 33.32
CA TRP F 85 -24.73 4.63 34.65
C TRP F 85 -25.28 5.70 35.57
N GLY F 86 -25.62 6.83 34.98
CA GLY F 86 -26.19 7.91 35.76
C GLY F 86 -25.28 9.03 36.24
N CYS F 87 -24.00 9.12 35.78
CA CYS F 87 -23.11 10.20 36.23
C CYS F 87 -22.02 10.52 35.24
N SER F 88 -21.56 11.74 35.33
CA SER F 88 -20.41 12.24 34.63
C SER F 88 -20.00 13.40 35.48
N GLY F 89 -18.75 13.82 35.39
CA GLY F 89 -18.34 15.00 36.15
C GLY F 89 -18.06 14.66 37.61
N LYS F 90 -18.08 13.38 37.93
CA LYS F 90 -17.87 12.92 39.27
C LYS F 90 -16.65 12.05 39.33
N LEU F 91 -16.02 12.06 40.48
CA LEU F 91 -14.85 11.25 40.71
C LEU F 91 -15.32 9.91 41.24
N ILE F 92 -16.30 9.99 42.11
CA ILE F 92 -16.88 8.86 42.79
C ILE F 92 -18.40 8.92 42.60
N CYS F 93 -19.05 7.82 42.15
CA CYS F 93 -20.50 7.76 41.95
C CYS F 93 -21.12 6.69 42.84
N THR F 94 -22.21 7.06 43.48
CA THR F 94 -22.97 6.16 44.33
C THR F 94 -24.18 5.74 43.52
N THR F 95 -24.49 4.45 43.50
CA THR F 95 -25.68 4.06 42.76
C THR F 95 -26.63 3.11 43.47
N ASN F 96 -27.75 2.85 42.82
CA ASN F 96 -28.75 1.96 43.40
C ASN F 96 -28.55 0.53 43.00
N VAL F 97 -27.40 -0.01 43.34
CA VAL F 97 -27.11 -1.41 43.07
C VAL F 97 -26.56 -2.07 44.31
N PRO F 98 -27.21 -3.11 44.84
CA PRO F 98 -26.78 -3.86 45.99
C PRO F 98 -25.65 -4.80 45.60
N TRP F 99 -24.85 -5.21 46.56
CA TRP F 99 -23.90 -6.27 46.31
C TRP F 99 -24.54 -7.63 46.52
N ASN F 100 -24.07 -8.64 45.76
CA ASN F 100 -24.52 -10.04 45.86
C ASN F 100 -24.29 -10.67 47.24
N SER F 101 -23.14 -10.35 47.90
CA SER F 101 -22.66 -10.89 49.20
C SER F 101 -22.32 -12.38 49.11
N THR F 102 -22.30 -12.91 47.89
CA THR F 102 -21.92 -14.27 47.58
C THR F 102 -20.74 -14.11 46.69
N TRP F 103 -20.71 -12.92 46.11
CA TRP F 103 -19.66 -12.52 45.20
C TRP F 103 -18.32 -12.43 45.89
N SER F 104 -18.26 -11.63 46.95
CA SER F 104 -17.03 -11.57 47.70
C SER F 104 -17.06 -12.64 48.76
N ASN F 105 -18.27 -12.85 49.27
CA ASN F 105 -18.59 -13.75 50.37
C ASN F 105 -17.78 -13.32 51.60
N LYS F 106 -17.52 -12.02 51.69
CA LYS F 106 -16.76 -11.41 52.76
C LYS F 106 -17.33 -10.09 53.19
N THR F 107 -17.06 -9.76 54.44
CA THR F 107 -17.43 -8.49 55.03
C THR F 107 -16.71 -7.32 54.44
N LEU F 108 -17.42 -6.18 54.44
CA LEU F 108 -16.95 -4.89 53.98
C LEU F 108 -15.70 -4.50 54.74
N SER F 109 -15.64 -4.86 56.02
CA SER F 109 -14.52 -4.50 56.87
C SER F 109 -13.21 -5.15 56.43
N GLU F 110 -13.25 -6.12 55.53
CA GLU F 110 -12.02 -6.70 55.03
C GLU F 110 -11.84 -6.34 53.56
N ILE F 111 -12.91 -6.46 52.76
CA ILE F 111 -12.78 -6.23 51.31
C ILE F 111 -12.61 -4.76 50.91
N TRP F 112 -13.06 -3.83 51.73
CA TRP F 112 -12.84 -2.42 51.45
C TRP F 112 -11.77 -1.94 52.42
N ASP F 113 -10.92 -2.88 52.86
CA ASP F 113 -9.84 -2.53 53.73
C ASP F 113 -8.53 -3.22 53.36
N ASN F 114 -8.35 -4.48 53.77
CA ASN F 114 -7.05 -5.11 53.66
C ASN F 114 -6.82 -5.80 52.32
N MET F 115 -6.79 -4.99 51.28
CA MET F 115 -6.57 -5.46 49.91
C MET F 115 -6.18 -4.26 49.06
N THR F 116 -5.13 -4.37 48.27
CA THR F 116 -4.65 -3.30 47.40
C THR F 116 -5.57 -3.12 46.19
N TRP F 117 -5.76 -1.88 45.69
CA TRP F 117 -6.59 -1.68 44.47
C TRP F 117 -6.18 -2.58 43.30
N LEU F 118 -4.88 -2.82 43.17
CA LEU F 118 -4.36 -3.68 42.12
C LEU F 118 -4.86 -5.11 42.34
N GLN F 119 -4.97 -5.51 43.60
CA GLN F 119 -5.44 -6.84 43.96
C GLN F 119 -6.93 -6.85 43.79
N TRP F 120 -7.56 -5.72 44.09
CA TRP F 120 -8.98 -5.60 43.99
C TRP F 120 -9.39 -6.00 42.61
N ASP F 121 -8.69 -5.45 41.61
CA ASP F 121 -9.01 -5.80 40.25
C ASP F 121 -8.82 -7.29 40.02
N LYS F 122 -7.71 -7.85 40.50
CA LYS F 122 -7.44 -9.27 40.31
C LYS F 122 -8.50 -10.17 40.97
N GLU F 123 -9.05 -9.70 42.09
CA GLU F 123 -10.03 -10.44 42.88
C GLU F 123 -11.48 -10.28 42.43
N ILE F 124 -11.77 -9.49 41.39
CA ILE F 124 -13.17 -9.31 40.99
C ILE F 124 -13.75 -10.66 40.61
N SER F 125 -12.90 -11.50 40.02
CA SER F 125 -13.25 -12.85 39.66
C SER F 125 -14.32 -12.96 38.61
N ASN F 126 -14.11 -12.24 37.51
CA ASN F 126 -14.95 -12.26 36.33
C ASN F 126 -16.39 -11.92 36.63
N TYR F 127 -16.60 -10.95 37.50
CA TYR F 127 -17.91 -10.48 37.88
C TYR F 127 -18.09 -9.05 37.36
N THR F 128 -17.11 -8.54 36.64
CA THR F 128 -17.11 -7.16 36.18
C THR F 128 -18.28 -6.85 35.28
N GLN F 129 -18.58 -7.76 34.38
CA GLN F 129 -19.65 -7.61 33.42
C GLN F 129 -21.00 -7.74 34.09
N ILE F 130 -21.00 -8.30 35.29
CA ILE F 130 -22.23 -8.48 36.03
C ILE F 130 -22.47 -7.18 36.71
N ILE F 131 -21.42 -6.60 37.28
CA ILE F 131 -21.57 -5.33 37.92
C ILE F 131 -22.01 -4.32 36.91
N TYR F 132 -21.36 -4.31 35.74
CA TYR F 132 -21.72 -3.32 34.75
C TYR F 132 -23.13 -3.53 34.28
N GLY F 133 -23.56 -4.78 34.09
CA GLY F 133 -24.94 -5.00 33.68
C GLY F 133 -25.89 -4.50 34.74
N LEU F 134 -25.58 -4.74 36.01
CA LEU F 134 -26.42 -4.31 37.11
C LEU F 134 -26.46 -2.79 37.19
N LEU F 135 -25.33 -2.12 36.92
CA LEU F 135 -25.31 -0.68 36.97
C LEU F 135 -26.23 -0.15 35.89
N GLU F 136 -26.22 -0.79 34.72
CA GLU F 136 -27.11 -0.34 33.67
C GLU F 136 -28.55 -0.62 34.06
N GLU F 137 -28.83 -1.77 34.70
CA GLU F 137 -30.20 -2.07 35.05
C GLU F 137 -30.76 -1.09 36.06
N SER F 138 -29.96 -0.70 37.04
CA SER F 138 -30.49 0.24 38.01
C SER F 138 -30.65 1.61 37.40
N GLN F 139 -29.74 2.03 36.51
CA GLN F 139 -29.97 3.31 35.91
C GLN F 139 -31.19 3.22 35.02
N ASN F 140 -31.40 2.08 34.36
CA ASN F 140 -32.54 1.96 33.50
C ASN F 140 -33.81 2.05 34.33
N GLN F 141 -33.80 1.49 35.54
CA GLN F 141 -34.97 1.59 36.39
C GLN F 141 -35.22 3.04 36.76
N GLN F 142 -34.14 3.78 37.00
CA GLN F 142 -34.27 5.18 37.33
C GLN F 142 -34.81 5.94 36.14
N GLU F 143 -34.36 5.58 34.94
CA GLU F 143 -34.85 6.25 33.76
C GLU F 143 -36.32 5.96 33.61
N LYS F 144 -36.73 4.73 33.93
CA LYS F 144 -38.15 4.40 33.87
C LYS F 144 -38.96 5.21 34.89
N ASN F 145 -38.46 5.38 36.14
CA ASN F 145 -39.15 6.13 37.20
C ASN F 145 -39.24 7.64 36.89
N GLU F 146 -38.24 8.19 36.15
CA GLU F 146 -38.16 9.57 35.70
C GLU F 146 -38.83 9.80 34.36
N THR F 147 -39.37 8.74 33.73
CA THR F 147 -40.01 8.87 32.44
C THR F 147 -41.29 9.68 32.52
N ASP F 148 -42.09 9.52 33.59
CA ASP F 148 -43.34 10.26 33.64
C ASP F 148 -43.02 11.75 33.55
N ASN F 149 -41.93 12.12 34.21
CA ASN F 149 -41.40 13.46 34.15
C ASN F 149 -42.42 14.53 34.38
N LEU F 150 -43.17 14.47 35.47
CA LEU F 150 -44.21 15.45 35.68
C LEU F 150 -43.73 16.66 36.47
N THR F 151 -42.44 16.68 36.77
CA THR F 151 -41.91 17.81 37.50
C THR F 151 -41.69 18.97 36.52
N CYS F 152 -42.77 19.78 36.35
CA CYS F 152 -42.89 20.90 35.43
C CYS F 152 -43.73 21.99 36.06
N ASP F 153 -43.67 23.16 35.45
CA ASP F 153 -44.43 24.34 35.88
C ASP F 153 -45.77 23.93 36.51
N LEU G 39 -13.31 38.78 45.89
CA LEU G 39 -14.14 38.46 44.75
C LEU G 39 -13.42 37.31 44.04
N TRP G 40 -14.15 36.26 43.58
CA TRP G 40 -13.60 35.03 42.99
C TRP G 40 -13.78 34.97 41.48
N VAL G 41 -12.97 34.10 40.89
CA VAL G 41 -12.89 33.85 39.46
C VAL G 41 -14.05 33.16 38.79
N THR G 42 -14.40 33.70 37.64
CA THR G 42 -15.42 33.14 36.78
C THR G 42 -14.72 32.64 35.53
N VAL G 43 -15.02 31.44 35.14
CA VAL G 43 -14.44 30.82 33.98
C VAL G 43 -15.43 30.85 32.82
N TYR G 44 -14.97 31.31 31.67
CA TYR G 44 -15.81 31.40 30.48
C TYR G 44 -15.31 30.59 29.32
N TYR G 45 -16.23 29.95 28.61
CA TYR G 45 -15.88 29.20 27.42
C TYR G 45 -16.70 29.66 26.23
N GLY G 46 -16.03 29.93 25.10
CA GLY G 46 -16.65 30.44 23.87
C GLY G 46 -16.20 31.88 23.69
N VAL G 47 -15.06 32.17 24.29
CA VAL G 47 -14.41 33.46 24.29
C VAL G 47 -13.76 33.87 22.96
N PRO G 48 -14.03 35.07 22.41
CA PRO G 48 -13.50 35.57 21.15
C PRO G 48 -12.04 36.03 21.21
N VAL G 49 -11.17 35.07 21.42
CA VAL G 49 -9.72 35.24 21.52
C VAL G 49 -8.99 34.31 20.58
N TRP G 50 -7.88 34.80 20.03
CA TRP G 50 -7.07 34.03 19.10
C TRP G 50 -5.60 34.34 19.18
N LYS G 51 -4.80 33.41 18.65
CA LYS G 51 -3.35 33.55 18.57
C LYS G 51 -2.78 33.17 17.21
N ASP G 52 -1.61 33.71 16.85
CA ASP G 52 -0.98 33.37 15.58
C ASP G 52 -0.75 31.87 15.49
N ALA G 53 -1.00 31.29 14.32
CA ALA G 53 -0.79 29.85 14.19
C ALA G 53 -0.49 29.42 12.76
N GLU G 54 0.09 28.22 12.65
CA GLU G 54 0.28 27.64 11.33
C GLU G 54 -0.44 26.32 11.27
N THR G 55 -1.37 26.20 10.35
CA THR G 55 -2.09 24.95 10.23
C THR G 55 -2.29 24.58 8.80
N THR G 56 -2.92 23.45 8.62
CA THR G 56 -3.21 22.97 7.29
C THR G 56 -4.47 23.61 6.78
N LEU G 57 -4.39 24.22 5.62
CA LEU G 57 -5.54 24.83 5.01
C LEU G 57 -6.00 23.95 3.90
N PHE G 58 -7.27 24.03 3.57
CA PHE G 58 -7.76 23.23 2.47
C PHE G 58 -8.28 24.14 1.36
N CYS G 59 -8.37 23.61 0.13
CA CYS G 59 -8.87 24.31 -1.04
C CYS G 59 -10.38 24.37 -1.05
N ALA G 60 -10.89 25.39 -1.71
CA ALA G 60 -12.28 25.41 -2.12
C ALA G 60 -12.33 26.01 -3.54
N SER G 61 -13.17 25.43 -4.43
CA SER G 61 -13.40 25.84 -5.85
C SER G 61 -13.31 27.36 -6.10
N HIS G 71 -11.64 17.10 -16.28
CA HIS G 71 -10.28 16.66 -16.63
C HIS G 71 -9.14 17.59 -16.08
N ASN G 72 -9.50 18.75 -15.50
CA ASN G 72 -8.58 19.73 -14.90
C ASN G 72 -7.97 19.25 -13.60
N VAL G 73 -6.67 19.50 -13.45
CA VAL G 73 -5.91 19.05 -12.31
C VAL G 73 -6.32 19.71 -11.00
N TRP G 74 -6.67 20.99 -11.05
CA TRP G 74 -7.02 21.71 -9.86
C TRP G 74 -8.41 21.36 -9.48
N ALA G 75 -9.26 21.22 -10.48
CA ALA G 75 -10.64 20.91 -10.21
C ALA G 75 -10.75 19.54 -9.54
N THR G 76 -9.88 18.62 -9.98
CA THR G 76 -9.86 17.28 -9.45
C THR G 76 -9.35 17.25 -8.02
N HIS G 77 -8.24 17.93 -7.76
CA HIS G 77 -7.66 17.95 -6.41
C HIS G 77 -8.43 18.83 -5.41
N CYS G 78 -8.71 20.10 -5.79
CA CYS G 78 -9.38 21.12 -5.00
C CYS G 78 -10.88 20.98 -5.32
N CYS G 79 -11.38 19.79 -5.00
CA CYS G 79 -12.72 19.31 -5.29
C CYS G 79 -13.82 19.85 -4.37
N VAL G 80 -13.39 20.43 -3.28
CA VAL G 80 -14.27 20.97 -2.26
C VAL G 80 -14.89 22.27 -2.77
N PRO G 81 -16.22 22.47 -2.68
CA PRO G 81 -16.95 23.65 -3.10
C PRO G 81 -16.72 24.83 -2.19
N THR G 82 -16.97 26.02 -2.72
CA THR G 82 -16.89 27.26 -1.98
C THR G 82 -18.20 27.57 -1.30
N ASP G 83 -18.15 28.54 -0.39
CA ASP G 83 -19.32 29.07 0.29
C ASP G 83 -20.00 30.08 -0.65
N PRO G 84 -21.22 29.84 -1.15
CA PRO G 84 -21.93 30.72 -2.06
C PRO G 84 -22.33 32.03 -1.39
N ASN G 85 -22.31 32.06 -0.05
CA ASN G 85 -22.69 33.25 0.69
C ASN G 85 -21.68 33.50 1.80
N PRO G 86 -20.42 33.84 1.47
CA PRO G 86 -19.34 33.95 2.39
C PRO G 86 -19.60 35.10 3.32
N GLN G 87 -19.18 34.97 4.55
CA GLN G 87 -19.36 36.01 5.53
C GLN G 87 -18.06 36.69 5.89
N GLU G 88 -18.19 37.90 6.39
CA GLU G 88 -17.06 38.65 6.88
C GLU G 88 -17.48 39.42 8.13
N ILE G 89 -16.68 39.30 9.18
CA ILE G 89 -16.97 39.96 10.44
C ILE G 89 -16.08 41.15 10.64
N VAL G 90 -16.65 42.30 10.81
CA VAL G 90 -15.84 43.50 11.00
C VAL G 90 -15.44 43.64 12.46
N LEU G 91 -14.15 43.88 12.71
CA LEU G 91 -13.66 44.02 14.07
C LEU G 91 -13.48 45.48 14.43
N GLU G 92 -13.77 45.80 15.68
CA GLU G 92 -13.65 47.16 16.17
C GLU G 92 -12.39 47.36 17.00
N ASN G 93 -11.57 48.33 16.59
CA ASN G 93 -10.34 48.70 17.27
C ASN G 93 -9.36 47.56 17.53
N VAL G 94 -9.19 46.68 16.56
CA VAL G 94 -8.24 45.61 16.74
C VAL G 94 -7.03 45.86 15.88
N THR G 95 -5.94 46.25 16.50
CA THR G 95 -4.73 46.62 15.78
C THR G 95 -3.90 45.38 15.50
N GLU G 96 -4.46 44.50 14.71
CA GLU G 96 -3.90 43.21 14.35
C GLU G 96 -2.62 43.35 13.53
N ASN G 97 -1.57 42.63 13.91
CA ASN G 97 -0.31 42.68 13.17
C ASN G 97 -0.19 41.67 12.05
N PHE G 98 0.08 42.20 10.87
CA PHE G 98 0.25 41.40 9.67
C PHE G 98 1.69 41.52 9.15
N ASN G 99 2.16 40.46 8.52
CA ASN G 99 3.49 40.45 7.91
C ASN G 99 3.49 39.55 6.71
N MET G 100 3.43 40.10 5.52
CA MET G 100 3.34 39.21 4.37
C MET G 100 4.62 38.42 4.14
N TRP G 101 5.74 38.99 4.50
CA TRP G 101 7.01 38.35 4.21
C TRP G 101 7.23 37.08 5.00
N LYS G 102 6.66 37.01 6.18
CA LYS G 102 6.83 35.85 7.04
C LYS G 102 5.54 35.03 7.11
N ASN G 103 4.59 35.32 6.24
CA ASN G 103 3.31 34.68 6.27
C ASN G 103 3.37 33.24 5.81
N ASN G 104 3.01 32.34 6.70
CA ASN G 104 3.11 30.91 6.46
C ASN G 104 2.07 30.36 5.50
N MET G 105 1.15 31.20 5.07
CA MET G 105 0.15 30.75 4.13
C MET G 105 0.81 30.65 2.78
N VAL G 106 1.89 31.41 2.57
CA VAL G 106 2.54 31.41 1.28
C VAL G 106 3.26 30.10 1.13
N GLU G 107 3.96 29.70 2.18
CA GLU G 107 4.70 28.48 2.12
C GLU G 107 3.76 27.29 2.01
N GLN G 108 2.60 27.33 2.68
CA GLN G 108 1.70 26.22 2.53
C GLN G 108 1.17 26.16 1.11
N MET G 109 0.87 27.32 0.50
CA MET G 109 0.36 27.29 -0.86
C MET G 109 1.42 26.77 -1.80
N HIS G 110 2.66 27.18 -1.59
CA HIS G 110 3.75 26.74 -2.45
C HIS G 110 3.87 25.25 -2.41
N GLU G 111 3.87 24.68 -1.21
CA GLU G 111 4.06 23.24 -1.13
C GLU G 111 2.91 22.48 -1.75
N ASP G 112 1.68 22.97 -1.61
CA ASP G 112 0.58 22.26 -2.24
C ASP G 112 0.65 22.35 -3.75
N ILE G 113 1.13 23.47 -4.29
CA ILE G 113 1.28 23.59 -5.73
C ILE G 113 2.30 22.60 -6.24
N ILE G 114 3.43 22.49 -5.55
CA ILE G 114 4.44 21.57 -6.00
C ILE G 114 3.92 20.16 -5.91
N SER G 115 3.25 19.83 -4.82
CA SER G 115 2.75 18.49 -4.66
C SER G 115 1.78 18.12 -5.73
N LEU G 116 0.83 19.01 -6.04
CA LEU G 116 -0.12 18.66 -7.06
C LEU G 116 0.53 18.54 -8.41
N TRP G 117 1.44 19.44 -8.73
CA TRP G 117 2.10 19.38 -10.00
C TRP G 117 2.73 18.01 -10.17
N ASP G 118 3.48 17.56 -9.16
CA ASP G 118 4.13 16.28 -9.30
C ASP G 118 3.15 15.12 -9.29
N GLN G 119 2.10 15.21 -8.47
CA GLN G 119 1.15 14.12 -8.41
C GLN G 119 0.47 13.93 -9.74
N SER G 120 0.13 15.03 -10.39
CA SER G 120 -0.52 15.04 -11.68
C SER G 120 0.36 14.50 -12.79
N LEU G 121 1.62 14.93 -12.81
CA LEU G 121 2.57 14.50 -13.83
C LEU G 121 3.03 13.07 -13.64
N LYS G 122 3.23 12.63 -12.41
CA LYS G 122 3.71 11.28 -12.15
C LYS G 122 3.08 10.15 -12.98
N PRO G 123 1.75 9.94 -13.04
CA PRO G 123 1.11 8.87 -13.80
C PRO G 123 1.00 9.16 -15.31
N CYS G 124 2.17 9.25 -15.97
CA CYS G 124 2.39 9.61 -17.37
C CYS G 124 3.60 8.90 -17.96
N VAL G 125 3.72 9.05 -19.27
CA VAL G 125 4.76 8.46 -20.09
C VAL G 125 6.13 9.05 -19.81
N LYS G 126 7.12 8.18 -19.59
CA LYS G 126 8.48 8.62 -19.34
C LYS G 126 9.16 8.75 -20.66
N LEU G 127 10.07 9.69 -20.79
CA LEU G 127 10.78 9.84 -22.04
C LEU G 127 12.19 9.30 -22.06
N THR G 128 12.56 8.54 -21.04
CA THR G 128 13.87 7.96 -20.96
C THR G 128 14.27 7.24 -22.27
N PRO G 129 13.40 6.42 -22.92
CA PRO G 129 13.69 5.70 -24.14
C PRO G 129 14.22 6.56 -25.29
N LEU G 130 13.97 7.87 -25.26
CA LEU G 130 14.42 8.80 -26.29
C LEU G 130 15.84 9.38 -26.09
N CYS G 131 16.51 9.07 -24.96
CA CYS G 131 17.83 9.58 -24.59
C CYS G 131 18.92 8.77 -25.28
N VAL G 132 18.96 8.96 -26.58
CA VAL G 132 19.88 8.31 -27.50
C VAL G 132 20.56 9.39 -28.28
N THR G 133 21.64 9.07 -28.96
CA THR G 133 22.26 10.11 -29.72
C THR G 133 21.32 10.52 -30.82
N LEU G 134 21.12 11.80 -30.95
CA LEU G 134 20.28 12.31 -31.99
C LEU G 134 21.17 12.73 -33.13
N ASN G 135 20.76 12.42 -34.37
CA ASN G 135 21.44 12.83 -35.61
C ASN G 135 20.69 14.06 -36.16
N CYS G 136 21.25 15.28 -35.94
CA CYS G 136 20.52 16.52 -36.21
C CYS G 136 21.09 17.33 -37.37
N THR G 137 20.17 17.84 -38.15
CA THR G 137 20.38 18.71 -39.30
C THR G 137 19.47 19.96 -39.21
N ASN G 138 19.50 20.83 -40.25
CA ASN G 138 18.69 22.05 -40.34
C ASN G 138 17.22 21.69 -40.58
N ALA G 139 16.30 22.37 -39.84
CA ALA G 139 14.86 22.25 -40.02
C ALA G 139 14.49 23.20 -41.16
N THR G 140 13.88 22.64 -42.21
CA THR G 140 13.62 23.32 -43.47
C THR G 140 12.16 23.54 -43.75
N ALA G 141 11.36 23.75 -42.72
CA ALA G 141 9.94 23.96 -42.92
C ALA G 141 9.67 25.19 -43.81
N SER G 142 10.51 26.22 -43.68
CA SER G 142 10.39 27.45 -44.45
C SER G 142 10.93 27.32 -45.86
N ASN G 143 10.59 28.28 -46.71
CA ASN G 143 11.04 28.31 -48.10
C ASN G 143 12.54 28.56 -48.21
N SER G 144 13.09 29.18 -47.17
CA SER G 144 14.49 29.54 -47.05
C SER G 144 15.35 28.35 -46.64
N SER G 145 14.68 27.26 -46.25
CA SER G 145 15.25 26.03 -45.70
C SER G 145 15.79 26.23 -44.28
N ILE G 146 15.53 27.38 -43.68
CA ILE G 146 15.92 27.65 -42.30
C ILE G 146 14.79 28.18 -41.45
N ILE G 147 14.57 27.59 -40.26
CA ILE G 147 13.58 28.16 -39.34
C ILE G 147 14.20 28.66 -38.04
N GLU G 148 15.52 28.78 -38.07
CA GLU G 148 16.37 29.39 -37.05
C GLU G 148 16.41 28.80 -35.65
N GLY G 149 15.26 28.68 -35.01
CA GLY G 149 15.18 28.22 -33.62
C GLY G 149 15.00 26.73 -33.44
N MET G 150 14.94 25.97 -34.54
CA MET G 150 14.70 24.54 -34.43
C MET G 150 15.63 23.71 -35.28
N LYS G 151 15.83 22.48 -34.83
CA LYS G 151 16.62 21.52 -35.57
C LYS G 151 15.79 20.27 -35.86
N ASN G 152 16.12 19.57 -36.97
CA ASN G 152 15.51 18.32 -37.42
C ASN G 152 16.38 17.14 -36.98
N CYS G 153 15.92 16.37 -35.96
CA CYS G 153 16.70 15.30 -35.33
C CYS G 153 16.11 13.92 -35.59
N SER G 154 16.99 13.00 -35.95
CA SER G 154 16.64 11.61 -36.19
C SER G 154 17.23 10.70 -35.13
N PHE G 155 16.53 9.64 -34.80
CA PHE G 155 17.01 8.69 -33.81
C PHE G 155 16.44 7.27 -33.96
N ASN G 156 17.18 6.26 -33.42
CA ASN G 156 16.80 4.84 -33.40
C ASN G 156 16.17 4.46 -32.05
N ILE G 157 14.82 4.26 -32.02
CA ILE G 157 14.07 3.96 -30.79
C ILE G 157 13.26 2.67 -30.85
N THR G 158 13.29 1.94 -29.73
CA THR G 158 12.58 0.68 -29.53
C THR G 158 11.09 0.92 -29.59
N THR G 159 10.39 0.08 -30.31
CA THR G 159 8.94 0.19 -30.49
C THR G 159 8.23 -0.76 -29.56
N GLU G 160 6.93 -1.03 -29.81
CA GLU G 160 6.15 -1.91 -28.93
C GLU G 160 6.70 -3.35 -28.98
N LEU G 161 7.50 -3.64 -30.00
CA LEU G 161 8.19 -4.91 -30.10
C LEU G 161 9.54 -4.62 -29.49
N ARG G 162 9.86 -5.28 -28.39
CA ARG G 162 11.07 -4.93 -27.67
C ARG G 162 12.34 -5.33 -28.39
N ASP G 163 12.22 -6.20 -29.39
CA ASP G 163 13.36 -6.62 -30.16
C ASP G 163 13.55 -5.80 -31.44
N LYS G 164 12.75 -4.74 -31.64
CA LYS G 164 12.86 -3.95 -32.85
C LYS G 164 13.04 -2.47 -32.56
N ARG G 165 13.92 -1.84 -33.34
CA ARG G 165 14.13 -0.40 -33.23
C ARG G 165 13.89 0.22 -34.58
N GLU G 166 13.33 1.40 -34.59
CA GLU G 166 13.08 2.10 -35.83
C GLU G 166 13.59 3.51 -35.85
N LYS G 167 13.96 3.98 -37.04
CA LYS G 167 14.41 5.35 -37.19
C LYS G 167 13.21 6.27 -37.27
N LYS G 168 13.17 7.19 -36.34
CA LYS G 168 12.11 8.17 -36.19
C LYS G 168 12.71 9.55 -36.18
N ASN G 169 11.90 10.57 -36.44
CA ASN G 169 12.44 11.91 -36.36
C ASN G 169 11.42 12.91 -35.88
N ALA G 170 11.91 14.04 -35.41
CA ALA G 170 11.08 15.14 -34.94
C ALA G 170 11.84 16.46 -34.94
N LEU G 171 11.09 17.54 -34.90
CA LEU G 171 11.72 18.84 -34.80
C LEU G 171 11.77 19.23 -33.33
N PHE G 172 12.89 19.79 -32.91
CA PHE G 172 13.08 20.25 -31.54
C PHE G 172 13.63 21.63 -31.46
N TYR G 173 13.33 22.35 -30.39
CA TYR G 173 13.94 23.66 -30.27
C TYR G 173 15.38 23.59 -29.86
N LYS G 174 16.17 24.52 -30.38
CA LYS G 174 17.58 24.58 -30.05
C LYS G 174 17.83 24.74 -28.57
N LEU G 175 16.94 25.39 -27.87
CA LEU G 175 17.12 25.61 -26.46
C LEU G 175 17.20 24.31 -25.67
N ASP G 176 16.60 23.23 -26.18
CA ASP G 176 16.60 21.96 -25.48
C ASP G 176 17.53 20.89 -26.04
N ILE G 177 18.36 21.24 -27.02
CA ILE G 177 19.23 20.23 -27.62
C ILE G 177 20.70 20.53 -27.33
N VAL G 178 21.40 19.55 -26.79
CA VAL G 178 22.79 19.71 -26.39
C VAL G 178 23.79 19.03 -27.30
N GLN G 179 24.76 19.78 -27.79
CA GLN G 179 25.75 19.20 -28.68
C GLN G 179 26.70 18.32 -27.88
N LEU G 180 26.97 17.11 -28.37
CA LEU G 180 27.86 16.21 -27.65
C LEU G 180 29.34 16.56 -27.77
N ASP G 181 29.76 17.10 -28.91
CA ASP G 181 31.15 17.52 -29.09
C ASP G 181 31.21 18.61 -30.14
N GLY G 182 32.37 19.16 -30.39
CA GLY G 182 32.47 20.22 -31.38
C GLY G 182 32.42 19.66 -32.78
N ASN G 183 32.03 20.49 -33.74
CA ASN G 183 32.02 20.10 -35.14
C ASN G 183 31.27 18.78 -35.34
N SER G 184 30.12 18.64 -34.71
CA SER G 184 29.37 17.40 -34.79
C SER G 184 27.87 17.54 -34.82
N SER G 185 27.25 16.61 -35.54
CA SER G 185 25.82 16.44 -35.75
C SER G 185 25.18 15.59 -34.66
N GLN G 186 26.01 15.15 -33.72
CA GLN G 186 25.58 14.27 -32.65
C GLN G 186 25.13 15.08 -31.41
N TYR G 187 23.86 14.93 -31.04
CA TYR G 187 23.22 15.68 -29.96
C TYR G 187 22.46 14.85 -28.93
N ARG G 188 22.20 15.43 -27.76
CA ARG G 188 21.36 14.74 -26.78
C ARG G 188 20.28 15.67 -26.24
N LEU G 189 19.24 15.10 -25.65
CA LEU G 189 18.21 15.92 -25.02
C LEU G 189 18.81 16.59 -23.79
N ILE G 190 18.51 17.88 -23.61
CA ILE G 190 19.04 18.62 -22.51
C ILE G 190 18.55 18.11 -21.22
N ASN G 191 19.47 18.04 -20.28
CA ASN G 191 19.25 17.59 -18.92
C ASN G 191 18.90 16.12 -18.74
N CYS G 192 18.93 15.24 -19.81
CA CYS G 192 18.59 13.83 -19.62
C CYS G 192 19.59 13.16 -18.69
N ASN G 193 20.85 13.45 -18.85
CA ASN G 193 21.84 12.73 -18.07
C ASN G 193 21.84 13.11 -16.60
N THR G 194 21.08 14.13 -16.23
CA THR G 194 21.01 14.56 -14.86
C THR G 194 19.58 14.51 -14.30
N SER G 195 18.59 14.05 -15.08
CA SER G 195 17.21 14.14 -14.59
C SER G 195 16.23 13.17 -15.20
N ALA G 196 15.09 13.00 -14.52
CA ALA G 196 14.01 12.20 -15.08
C ALA G 196 13.06 13.08 -15.87
N ILE G 197 12.96 12.84 -17.18
CA ILE G 197 12.09 13.68 -18.00
C ILE G 197 10.78 12.94 -18.26
N THR G 198 9.67 13.55 -17.84
CA THR G 198 8.34 12.95 -17.95
C THR G 198 7.46 13.79 -18.86
N GLN G 199 6.74 13.15 -19.76
CA GLN G 199 5.85 13.86 -20.68
C GLN G 199 4.57 14.25 -20.03
N ALA G 200 4.17 15.50 -20.21
CA ALA G 200 2.88 15.92 -19.70
C ALA G 200 1.83 15.22 -20.53
N CYS G 201 0.73 14.79 -19.91
CA CYS G 201 -0.35 14.08 -20.56
C CYS G 201 -1.49 15.03 -20.98
N PRO G 202 -1.92 15.03 -22.25
CA PRO G 202 -3.03 15.82 -22.81
C PRO G 202 -4.36 15.57 -22.11
N LYS G 203 -4.46 14.44 -21.41
CA LYS G 203 -5.65 14.03 -20.69
C LYS G 203 -5.95 14.94 -19.49
N VAL G 204 -4.95 15.68 -19.02
CA VAL G 204 -5.14 16.53 -17.86
C VAL G 204 -4.90 17.98 -18.19
N SER G 205 -5.86 18.80 -17.78
CA SER G 205 -5.75 20.22 -18.03
C SER G 205 -5.12 21.02 -16.91
N PHE G 206 -4.32 21.99 -17.31
CA PHE G 206 -3.69 22.92 -16.40
C PHE G 206 -4.05 24.32 -16.80
N GLU G 207 -4.71 25.05 -15.92
CA GLU G 207 -5.11 26.42 -16.21
C GLU G 207 -5.26 27.06 -14.84
N PRO G 208 -5.14 28.37 -14.71
CA PRO G 208 -5.22 29.10 -13.47
C PRO G 208 -6.60 29.33 -12.90
N ILE G 209 -7.21 28.27 -12.42
CA ILE G 209 -8.52 28.32 -11.79
C ILE G 209 -8.36 28.95 -10.42
N PRO G 210 -9.09 30.00 -10.04
CA PRO G 210 -8.94 30.63 -8.74
C PRO G 210 -9.31 29.67 -7.64
N ILE G 211 -8.48 29.58 -6.63
CA ILE G 211 -8.70 28.72 -5.48
C ILE G 211 -8.76 29.49 -4.19
N HIS G 212 -9.75 29.19 -3.39
CA HIS G 212 -9.91 29.85 -2.10
C HIS G 212 -9.29 28.96 -1.05
N TYR G 213 -8.49 29.52 -0.14
CA TYR G 213 -7.97 28.66 0.93
C TYR G 213 -8.79 28.88 2.17
N CYS G 214 -9.25 27.78 2.80
CA CYS G 214 -10.18 27.77 3.92
C CYS G 214 -9.56 27.15 5.17
N ALA G 215 -9.89 27.77 6.30
CA ALA G 215 -9.43 27.28 7.59
C ALA G 215 -10.25 26.08 8.05
N PRO G 216 -9.64 25.11 8.76
CA PRO G 216 -10.28 24.00 9.41
C PRO G 216 -10.98 24.48 10.66
N ALA G 217 -11.91 23.69 11.18
CA ALA G 217 -12.57 24.09 12.41
C ALA G 217 -11.54 24.30 13.50
N GLY G 218 -11.74 25.34 14.30
CA GLY G 218 -10.83 25.70 15.39
C GLY G 218 -9.89 26.83 14.97
N PHE G 219 -9.92 27.16 13.68
CA PHE G 219 -9.11 28.21 13.09
C PHE G 219 -9.90 29.24 12.32
N ALA G 220 -9.29 30.40 12.16
CA ALA G 220 -9.91 31.47 11.40
C ALA G 220 -8.86 32.25 10.64
N ILE G 221 -9.29 32.92 9.57
CA ILE G 221 -8.37 33.71 8.80
C ILE G 221 -8.69 35.18 9.00
N LEU G 222 -7.72 35.95 9.39
CA LEU G 222 -8.01 37.35 9.56
C LEU G 222 -7.59 38.01 8.29
N LYS G 223 -8.38 38.98 7.86
CA LYS G 223 -8.12 39.73 6.64
C LYS G 223 -7.86 41.20 6.97
N CYS G 224 -6.89 41.83 6.27
CA CYS G 224 -6.55 43.25 6.38
C CYS G 224 -7.27 44.04 5.29
N ASN G 225 -8.04 45.05 5.70
CA ASN G 225 -8.75 45.91 4.77
C ASN G 225 -8.19 47.35 4.63
N ASN G 226 -6.92 47.58 5.03
CA ASN G 226 -6.22 48.85 4.92
C ASN G 226 -5.57 48.95 3.52
N LYS G 227 -6.09 49.89 2.70
CA LYS G 227 -5.76 50.14 1.30
C LYS G 227 -4.30 50.52 1.09
N THR G 228 -3.66 50.99 2.14
CA THR G 228 -2.28 51.41 2.10
C THR G 228 -1.46 50.63 3.13
N PHE G 229 -1.91 49.42 3.50
CA PHE G 229 -1.21 48.65 4.52
C PHE G 229 0.30 48.51 4.30
N THR G 230 0.67 48.19 3.09
CA THR G 230 2.07 48.09 2.69
C THR G 230 2.93 47.02 3.37
N GLY G 231 2.54 45.77 3.26
CA GLY G 231 3.37 44.65 3.72
C GLY G 231 3.42 44.30 5.19
N THR G 232 3.87 45.22 6.01
CA THR G 232 3.99 44.92 7.44
C THR G 232 3.47 45.97 8.40
N GLY G 233 3.15 45.50 9.60
CA GLY G 233 2.77 46.36 10.71
C GLY G 233 1.32 46.15 11.06
N PRO G 234 0.78 46.91 12.01
CA PRO G 234 -0.59 46.78 12.44
C PRO G 234 -1.46 47.26 11.31
N CYS G 235 -2.60 46.59 11.13
CA CYS G 235 -3.64 46.93 10.19
C CYS G 235 -4.76 47.39 11.09
N ASN G 236 -5.16 48.64 10.97
CA ASN G 236 -6.16 49.14 11.93
C ASN G 236 -7.64 49.04 11.51
N ASN G 237 -7.90 48.36 10.38
CA ASN G 237 -9.21 48.06 9.83
C ASN G 237 -9.16 46.63 9.31
N VAL G 238 -9.60 45.67 10.16
CA VAL G 238 -9.50 44.23 9.93
C VAL G 238 -10.81 43.53 10.12
N SER G 239 -10.88 42.33 9.58
CA SER G 239 -12.07 41.51 9.65
C SER G 239 -11.76 40.03 9.68
N THR G 240 -12.75 39.23 10.05
CA THR G 240 -12.56 37.79 10.10
C THR G 240 -13.35 37.05 9.03
N VAL G 241 -12.66 36.16 8.33
CA VAL G 241 -13.25 35.35 7.29
C VAL G 241 -12.92 33.88 7.49
N GLN G 242 -13.66 33.00 6.83
CA GLN G 242 -13.32 31.58 6.88
C GLN G 242 -12.44 31.08 5.72
N CYS G 243 -12.54 31.75 4.53
CA CYS G 243 -11.86 31.43 3.28
C CYS G 243 -11.31 32.71 2.68
N THR G 244 -10.19 32.60 1.99
CA THR G 244 -9.60 33.71 1.27
C THR G 244 -10.38 33.88 0.00
N HIS G 245 -10.14 34.96 -0.72
CA HIS G 245 -10.78 35.12 -2.01
C HIS G 245 -10.11 34.12 -2.91
N GLY G 246 -10.59 33.98 -4.14
CA GLY G 246 -9.97 33.00 -5.00
C GLY G 246 -8.71 33.54 -5.63
N ILE G 247 -7.61 32.83 -5.44
CA ILE G 247 -6.34 33.22 -6.00
C ILE G 247 -5.96 32.30 -7.12
N LYS G 248 -5.72 32.88 -8.27
CA LYS G 248 -5.36 32.12 -9.44
C LYS G 248 -3.89 31.74 -9.34
N PRO G 249 -3.51 30.45 -9.42
CA PRO G 249 -2.15 29.97 -9.32
C PRO G 249 -1.38 30.19 -10.61
N VAL G 250 -1.19 31.46 -10.94
CA VAL G 250 -0.48 31.88 -12.13
C VAL G 250 1.00 31.94 -11.82
N VAL G 251 1.81 31.35 -12.68
CA VAL G 251 3.24 31.31 -12.47
C VAL G 251 3.98 32.14 -13.50
N SER G 252 4.78 33.09 -13.04
CA SER G 252 5.58 33.93 -13.92
C SER G 252 6.85 34.44 -13.24
N THR G 253 7.78 34.95 -14.04
CA THR G 253 9.07 35.42 -13.48
C THR G 253 9.41 36.90 -13.36
N GLN G 254 8.76 37.79 -14.10
CA GLN G 254 9.15 39.21 -14.04
C GLN G 254 7.97 40.12 -13.87
N LEU G 255 6.92 39.80 -14.58
CA LEU G 255 5.71 40.56 -14.56
C LEU G 255 4.68 39.62 -14.00
N LEU G 256 3.93 40.09 -13.02
CA LEU G 256 2.89 39.33 -12.37
C LEU G 256 1.65 39.51 -13.20
N LEU G 257 1.11 38.38 -13.64
CA LEU G 257 -0.04 38.39 -14.52
C LEU G 257 -1.30 37.89 -13.82
N ASN G 258 -2.47 38.40 -14.25
CA ASN G 258 -3.83 37.99 -13.87
C ASN G 258 -4.07 37.97 -12.34
N GLY G 259 -3.52 38.95 -11.60
CA GLY G 259 -3.66 39.08 -10.14
C GLY G 259 -4.63 40.18 -9.76
N SER G 260 -4.56 40.57 -8.51
CA SER G 260 -5.41 41.62 -7.98
C SER G 260 -4.83 42.97 -8.32
N LEU G 261 -5.66 43.98 -8.39
CA LEU G 261 -5.17 45.33 -8.56
C LEU G 261 -5.18 46.01 -7.20
N ALA G 262 -4.25 46.92 -7.00
CA ALA G 262 -4.12 47.69 -5.77
C ALA G 262 -5.25 48.69 -5.61
N GLU G 263 -5.65 48.95 -4.36
CA GLU G 263 -6.60 50.02 -4.12
C GLU G 263 -5.91 51.38 -4.25
N GLY G 264 -4.67 51.46 -3.76
CA GLY G 264 -3.89 52.68 -3.82
C GLY G 264 -3.39 52.74 -5.25
N GLU G 265 -3.03 53.91 -5.77
CA GLU G 265 -2.63 53.96 -7.17
C GLU G 265 -1.53 52.95 -7.51
N ILE G 266 -0.47 52.99 -6.73
CA ILE G 266 0.60 52.03 -6.77
C ILE G 266 1.08 51.84 -5.36
N ILE G 267 1.30 50.61 -4.96
CA ILE G 267 1.84 50.35 -3.64
C ILE G 267 3.12 49.56 -3.75
N ILE G 268 4.17 50.04 -3.11
CA ILE G 268 5.43 49.33 -3.18
C ILE G 268 5.70 48.60 -1.90
N ARG G 269 5.81 47.28 -1.99
CA ARG G 269 5.99 46.46 -0.82
C ARG G 269 7.34 45.75 -0.77
N SER G 270 8.01 45.84 0.35
CA SER G 270 9.29 45.16 0.55
C SER G 270 9.52 44.95 2.04
N GLU G 271 10.42 44.05 2.41
CA GLU G 271 10.74 43.91 3.83
C GLU G 271 11.45 45.15 4.35
N ASN G 272 12.31 45.68 3.50
CA ASN G 272 13.09 46.87 3.76
C ASN G 272 13.50 47.46 2.43
N ILE G 273 12.85 48.52 2.01
CA ILE G 273 13.13 49.04 0.68
C ILE G 273 14.55 49.58 0.54
N THR G 274 15.20 49.89 1.66
CA THR G 274 16.53 50.43 1.63
C THR G 274 17.58 49.32 1.67
N ASP G 275 17.13 48.08 1.76
CA ASP G 275 17.99 46.91 1.78
C ASP G 275 18.07 46.31 0.37
N ASN G 276 19.21 46.44 -0.28
CA ASN G 276 19.30 46.01 -1.67
C ASN G 276 19.35 44.50 -1.84
N GLY G 277 19.29 43.76 -0.75
CA GLY G 277 19.27 42.32 -0.84
C GLY G 277 17.84 41.79 -0.94
N LYS G 278 16.83 42.67 -0.92
CA LYS G 278 15.46 42.16 -0.96
C LYS G 278 14.65 42.66 -2.14
N THR G 279 13.78 41.76 -2.59
CA THR G 279 12.84 41.92 -3.69
C THR G 279 11.73 42.90 -3.37
N ILE G 280 11.41 43.74 -4.35
CA ILE G 280 10.36 44.73 -4.24
C ILE G 280 9.15 44.33 -5.08
N LEU G 281 8.00 44.25 -4.46
CA LEU G 281 6.81 43.89 -5.23
C LEU G 281 6.00 45.15 -5.46
N VAL G 282 5.73 45.46 -6.71
CA VAL G 282 4.99 46.67 -7.00
C VAL G 282 3.62 46.35 -7.52
N HIS G 283 2.57 46.77 -6.81
CA HIS G 283 1.21 46.45 -7.27
C HIS G 283 0.57 47.67 -7.85
N LEU G 284 -0.07 47.47 -8.99
CA LEU G 284 -0.68 48.56 -9.73
C LEU G 284 -2.19 48.59 -9.49
N ASN G 285 -2.86 49.78 -9.57
CA ASN G 285 -4.33 49.86 -9.54
C ASN G 285 -4.98 49.73 -10.94
N GLU G 286 -4.17 49.68 -12.03
CA GLU G 286 -4.58 49.59 -13.42
C GLU G 286 -3.94 48.39 -14.05
N SER G 287 -4.68 47.72 -14.91
CA SER G 287 -4.20 46.60 -15.66
C SER G 287 -3.44 47.05 -16.89
N VAL G 288 -2.30 46.43 -17.17
CA VAL G 288 -1.57 46.75 -18.40
C VAL G 288 -1.71 45.58 -19.34
N LYS G 289 -2.30 45.79 -20.51
CA LYS G 289 -2.53 44.66 -21.39
C LYS G 289 -1.36 44.30 -22.27
N ILE G 290 -1.06 43.00 -22.26
CA ILE G 290 -0.04 42.37 -23.07
C ILE G 290 -0.64 41.16 -23.85
N GLU G 291 -0.43 41.13 -25.16
CA GLU G 291 -0.94 40.04 -25.99
C GLU G 291 0.22 39.23 -26.59
N CYS G 292 0.40 37.97 -26.14
CA CYS G 292 1.51 37.10 -26.53
C CYS G 292 1.08 36.08 -27.57
N THR G 293 1.78 36.12 -28.67
CA THR G 293 1.44 35.34 -29.82
C THR G 293 2.52 34.42 -30.35
N ARG G 294 2.06 33.25 -30.76
CA ARG G 294 2.85 32.25 -31.44
C ARG G 294 2.15 32.04 -32.77
N PRO G 295 2.50 32.81 -33.80
CA PRO G 295 1.82 32.91 -35.07
C PRO G 295 2.14 31.77 -36.00
N ASN G 296 1.90 30.56 -35.57
CA ASN G 296 2.21 29.43 -36.44
C ASN G 296 1.30 28.28 -36.08
N ASN G 297 1.42 27.15 -36.80
CA ASN G 297 0.64 25.93 -36.63
C ASN G 297 1.58 24.71 -36.69
N LYS G 298 1.75 24.00 -35.56
CA LYS G 298 2.57 22.80 -35.47
C LYS G 298 1.77 21.56 -35.83
N THR G 299 2.38 20.71 -36.61
CA THR G 299 1.80 19.44 -36.95
C THR G 299 2.43 18.43 -36.05
N ARG G 300 1.60 17.79 -35.26
CA ARG G 300 2.06 16.83 -34.28
C ARG G 300 2.15 15.44 -34.85
N THR G 301 3.16 14.72 -34.41
CA THR G 301 3.32 13.32 -34.76
C THR G 301 3.36 12.51 -33.49
N SER G 302 3.33 11.20 -33.64
CA SER G 302 3.33 10.34 -32.46
C SER G 302 4.20 9.12 -32.65
N ILE G 303 5.11 8.96 -31.71
CA ILE G 303 6.04 7.85 -31.70
C ILE G 303 5.72 6.87 -30.61
N ARG G 304 5.44 5.64 -31.00
CA ARG G 304 5.12 4.65 -30.00
C ARG G 304 6.40 4.22 -29.35
N ILE G 305 6.40 4.13 -28.03
CA ILE G 305 7.62 3.72 -27.33
C ILE G 305 7.42 2.51 -26.41
N GLY G 306 6.16 2.09 -26.21
CA GLY G 306 5.90 0.95 -25.32
C GLY G 306 4.42 0.56 -25.27
N PRO G 307 4.03 -0.32 -24.34
CA PRO G 307 2.70 -0.91 -24.21
C PRO G 307 1.70 0.10 -23.70
N GLY G 308 1.22 0.92 -24.63
CA GLY G 308 0.30 2.02 -24.34
C GLY G 308 1.07 3.31 -24.08
N GLN G 309 2.35 3.30 -24.39
CA GLN G 309 3.20 4.45 -24.17
C GLN G 309 3.55 5.13 -25.48
N ALA G 310 3.37 6.46 -25.53
CA ALA G 310 3.68 7.21 -26.74
C ALA G 310 4.22 8.60 -26.44
N PHE G 311 5.13 9.02 -27.29
CA PHE G 311 5.76 10.31 -27.30
C PHE G 311 5.23 11.26 -28.33
N TYR G 312 4.96 12.47 -27.90
CA TYR G 312 4.44 13.45 -28.85
C TYR G 312 5.49 14.45 -29.22
N ALA G 313 5.55 14.75 -30.50
CA ALA G 313 6.56 15.67 -30.99
C ALA G 313 6.14 16.43 -32.21
N THR G 314 6.82 17.52 -32.49
CA THR G 314 6.49 18.27 -33.68
C THR G 314 7.07 17.56 -34.88
N GLY G 315 6.23 17.29 -35.87
CA GLY G 315 6.68 16.63 -37.07
C GLY G 315 7.00 17.65 -38.16
N GLN G 316 6.19 18.71 -38.19
CA GLN G 316 6.33 19.78 -39.19
C GLN G 316 5.77 21.12 -38.70
N VAL G 317 6.26 22.20 -39.27
CA VAL G 317 5.79 23.57 -38.99
C VAL G 317 5.21 24.22 -40.27
N ILE G 318 3.97 24.70 -40.22
CA ILE G 318 3.37 25.26 -41.43
C ILE G 318 3.92 26.56 -42.03
N GLY G 319 4.17 27.61 -41.24
CA GLY G 319 4.68 28.81 -41.89
C GLY G 319 4.64 30.03 -40.98
N ASP G 320 5.21 31.15 -41.45
CA ASP G 320 5.32 32.41 -40.67
C ASP G 320 6.39 32.23 -39.60
N ILE G 321 7.63 32.48 -40.01
CA ILE G 321 8.83 32.21 -39.24
C ILE G 321 9.00 32.91 -37.87
N ARG G 322 8.42 34.07 -37.63
CA ARG G 322 8.66 34.66 -36.33
C ARG G 322 8.21 33.65 -35.27
N GLU G 323 9.12 33.28 -34.37
CA GLU G 323 8.79 32.23 -33.42
C GLU G 323 7.73 32.61 -32.41
N ALA G 324 7.90 33.74 -31.76
CA ALA G 324 6.92 34.23 -30.82
C ALA G 324 7.21 35.69 -30.58
N TYR G 325 6.19 36.40 -30.16
CA TYR G 325 6.35 37.79 -29.78
C TYR G 325 5.23 38.24 -28.88
N CYS G 326 5.44 39.33 -28.10
CA CYS G 326 4.37 39.93 -27.29
C CYS G 326 4.19 41.40 -27.60
N ASN G 327 2.93 41.78 -27.73
CA ASN G 327 2.48 43.15 -27.97
C ASN G 327 2.04 43.80 -26.65
N ILE G 328 2.83 44.75 -26.12
CA ILE G 328 2.50 45.44 -24.87
C ILE G 328 2.21 46.88 -25.24
N SER G 329 1.08 47.42 -24.78
CA SER G 329 0.75 48.81 -25.18
C SER G 329 1.85 49.79 -24.83
N GLU G 330 2.26 50.62 -25.80
CA GLU G 330 3.36 51.55 -25.56
C GLU G 330 2.99 52.67 -24.65
N SER G 331 1.82 53.26 -24.89
CA SER G 331 1.46 54.39 -24.07
C SER G 331 1.10 53.95 -22.68
N THR G 332 0.55 52.74 -22.56
CA THR G 332 0.16 52.29 -21.25
C THR G 332 1.42 52.08 -20.46
N TRP G 333 2.41 51.45 -21.08
CA TRP G 333 3.64 51.18 -20.39
C TRP G 333 4.32 52.47 -19.98
N ASN G 334 4.39 53.45 -20.87
CA ASN G 334 5.10 54.65 -20.48
C ASN G 334 4.46 55.30 -19.27
N GLU G 335 3.13 55.34 -19.24
CA GLU G 335 2.51 55.95 -18.09
C GLU G 335 2.71 55.12 -16.85
N THR G 336 2.61 53.81 -16.99
CA THR G 336 2.71 52.92 -15.86
C THR G 336 4.06 53.01 -15.23
N LEU G 337 5.11 53.01 -16.04
CA LEU G 337 6.43 53.01 -15.48
C LEU G 337 6.69 54.35 -14.80
N GLY G 338 6.22 55.45 -15.40
CA GLY G 338 6.43 56.75 -14.77
C GLY G 338 5.75 56.81 -13.40
N LYS G 339 4.57 56.21 -13.28
CA LYS G 339 3.83 56.19 -12.02
C LYS G 339 4.60 55.39 -10.97
N VAL G 340 5.23 54.29 -11.39
CA VAL G 340 6.01 53.49 -10.45
C VAL G 340 7.14 54.33 -9.93
N VAL G 341 7.79 55.08 -10.81
CA VAL G 341 8.86 55.93 -10.37
C VAL G 341 8.38 57.00 -9.42
N LYS G 342 7.24 57.61 -9.69
CA LYS G 342 6.74 58.61 -8.78
C LYS G 342 6.67 58.03 -7.36
N GLN G 343 6.22 56.78 -7.24
CA GLN G 343 6.18 56.17 -5.93
C GLN G 343 7.58 55.85 -5.39
N LEU G 344 8.51 55.44 -6.26
CA LEU G 344 9.88 55.14 -5.80
C LEU G 344 10.53 56.39 -5.26
N ARG G 345 10.21 57.54 -5.81
CA ARG G 345 10.80 58.82 -5.40
C ARG G 345 10.52 59.16 -3.95
N LYS G 346 9.53 58.52 -3.32
CA LYS G 346 9.23 58.79 -1.93
C LYS G 346 10.10 57.96 -1.01
N HIS G 347 10.89 57.05 -1.58
CA HIS G 347 11.77 56.20 -0.83
C HIS G 347 13.18 56.50 -1.30
N PHE G 348 13.24 56.94 -2.54
CA PHE G 348 14.47 57.25 -3.24
C PHE G 348 14.38 58.62 -3.87
N PRO G 349 14.49 59.70 -3.10
CA PRO G 349 14.27 61.07 -3.53
C PRO G 349 15.45 61.60 -4.33
N HIS G 350 15.65 61.00 -5.48
CA HIS G 350 16.76 61.30 -6.37
C HIS G 350 16.23 61.47 -7.78
N LYS G 351 16.89 62.34 -8.52
CA LYS G 351 16.55 62.53 -9.91
C LYS G 351 17.24 61.50 -10.76
N ASN G 352 16.71 61.30 -11.94
CA ASN G 352 17.27 60.39 -12.92
C ASN G 352 17.44 58.95 -12.45
N ILE G 353 16.47 58.41 -11.71
CA ILE G 353 16.51 57.01 -11.28
C ILE G 353 16.39 56.16 -12.54
N THR G 354 17.14 55.05 -12.63
CA THR G 354 17.09 54.26 -13.87
C THR G 354 16.64 52.82 -13.76
N PHE G 355 16.29 52.28 -14.93
CA PHE G 355 15.96 50.88 -15.09
C PHE G 355 16.86 50.23 -16.11
N GLN G 356 17.22 49.00 -15.81
CA GLN G 356 18.03 48.16 -16.67
C GLN G 356 17.46 46.75 -16.77
N PRO G 357 17.77 45.98 -17.83
CA PRO G 357 17.41 44.58 -18.04
C PRO G 357 18.01 43.66 -16.99
N SER G 358 17.41 42.48 -16.85
CA SER G 358 17.95 41.50 -15.91
C SER G 358 19.40 41.27 -16.29
N SER G 359 20.27 41.22 -15.30
CA SER G 359 21.71 41.13 -15.51
C SER G 359 22.30 39.84 -16.01
N GLY G 360 21.62 38.72 -15.82
CA GLY G 360 22.22 37.47 -16.27
C GLY G 360 21.62 36.28 -15.60
N GLY G 361 22.10 35.10 -15.99
CA GLY G 361 21.58 33.85 -15.49
C GLY G 361 20.86 33.18 -16.62
N ASP G 362 20.13 32.10 -16.35
CA ASP G 362 19.47 31.40 -17.43
C ASP G 362 18.11 32.04 -17.74
N LEU G 363 17.36 31.44 -18.64
CA LEU G 363 16.13 32.05 -19.09
C LEU G 363 15.12 32.27 -17.98
N GLU G 364 15.14 31.45 -16.95
CA GLU G 364 14.18 31.56 -15.87
C GLU G 364 14.33 32.89 -15.14
N VAL G 365 15.51 33.50 -15.16
CA VAL G 365 15.72 34.77 -14.46
C VAL G 365 16.05 35.94 -15.39
N THR G 366 16.33 35.67 -16.67
CA THR G 366 16.61 36.74 -17.60
C THR G 366 15.42 37.10 -18.45
N THR G 367 14.42 36.22 -18.51
CA THR G 367 13.27 36.47 -19.35
C THR G 367 11.98 36.37 -18.58
N HIS G 368 10.91 36.81 -19.24
CA HIS G 368 9.60 36.74 -18.70
C HIS G 368 8.99 35.43 -19.08
N SER G 369 8.89 34.55 -18.10
CA SER G 369 8.38 33.24 -18.34
C SER G 369 6.94 33.14 -17.98
N PHE G 370 6.18 32.47 -18.83
CA PHE G 370 4.78 32.16 -18.58
C PHE G 370 4.26 31.02 -19.44
N ASN G 371 3.18 30.40 -19.01
CA ASN G 371 2.49 29.38 -19.78
C ASN G 371 1.39 30.07 -20.56
N CYS G 372 1.54 30.13 -21.88
CA CYS G 372 0.63 30.86 -22.75
C CYS G 372 -0.56 30.02 -23.21
N GLY G 373 -0.60 28.75 -22.83
CA GLY G 373 -1.65 27.88 -23.32
C GLY G 373 -1.10 26.55 -23.84
N GLY G 374 -0.22 25.95 -23.04
CA GLY G 374 0.42 24.67 -23.36
C GLY G 374 1.86 24.85 -23.82
N GLU G 375 2.21 26.07 -24.18
CA GLU G 375 3.56 26.41 -24.58
C GLU G 375 4.17 27.32 -23.56
N PHE G 376 5.46 27.14 -23.35
CA PHE G 376 6.19 27.92 -22.39
C PHE G 376 7.05 28.94 -23.06
N PHE G 377 6.66 30.17 -22.83
CA PHE G 377 7.27 31.34 -23.42
C PHE G 377 8.32 31.89 -22.52
N TYR G 378 9.42 32.31 -23.11
CA TYR G 378 10.53 32.99 -22.46
C TYR G 378 10.83 34.27 -23.22
N CYS G 379 10.16 35.39 -22.85
CA CYS G 379 10.15 36.65 -23.62
C CYS G 379 11.16 37.66 -23.07
N ASN G 380 11.78 38.39 -23.99
CA ASN G 380 12.78 39.40 -23.67
C ASN G 380 12.18 40.78 -23.37
N THR G 381 12.27 41.19 -22.10
CA THR G 381 11.68 42.42 -21.59
C THR G 381 12.67 43.55 -21.51
N SER G 382 13.82 43.41 -22.16
CA SER G 382 14.84 44.46 -22.16
C SER G 382 14.36 45.68 -22.90
N GLY G 383 13.30 45.52 -23.67
CA GLY G 383 12.68 46.59 -24.41
C GLY G 383 11.80 47.44 -23.51
N LEU G 384 11.56 46.99 -22.27
CA LEU G 384 10.73 47.73 -21.34
C LEU G 384 11.58 48.33 -20.23
N PHE G 385 12.47 47.53 -19.68
CA PHE G 385 13.26 47.99 -18.56
C PHE G 385 14.55 48.62 -19.00
N ASN G 386 14.42 49.69 -19.76
CA ASN G 386 15.57 50.44 -20.24
C ASN G 386 15.20 51.90 -20.36
N SER G 387 15.37 52.62 -19.26
CA SER G 387 14.99 54.03 -19.24
C SER G 387 15.61 54.81 -18.09
N THR G 388 15.58 56.14 -18.22
CA THR G 388 15.99 57.05 -17.15
C THR G 388 14.83 57.99 -16.82
N TRP G 389 14.49 58.12 -15.52
CA TRP G 389 13.40 58.93 -15.00
C TRP G 389 13.98 59.85 -13.93
N ASP G 405 2.16 52.50 -31.65
CA ASP G 405 1.23 52.38 -30.52
C ASP G 405 1.55 51.21 -29.54
N SER G 406 2.48 50.31 -29.91
CA SER G 406 2.88 49.13 -29.11
C SER G 406 4.36 48.81 -29.23
N ILE G 407 4.81 48.05 -28.25
CA ILE G 407 6.16 47.57 -28.16
C ILE G 407 6.15 46.07 -28.38
N THR G 408 7.01 45.60 -29.28
CA THR G 408 7.07 44.17 -29.50
C THR G 408 8.26 43.59 -28.79
N LEU G 409 7.99 42.58 -27.99
CA LEU G 409 9.02 41.87 -27.26
C LEU G 409 9.32 40.56 -27.99
N PRO G 410 10.55 40.31 -28.48
CA PRO G 410 10.95 39.08 -29.12
C PRO G 410 10.76 38.02 -28.08
N CYS G 411 10.34 36.78 -28.46
CA CYS G 411 10.11 35.72 -27.48
C CYS G 411 10.43 34.33 -28.06
N ARG G 412 10.96 33.45 -27.21
CA ARG G 412 11.25 32.07 -27.63
C ARG G 412 10.44 31.01 -26.89
N ILE G 413 10.32 29.85 -27.52
CA ILE G 413 9.57 28.73 -26.96
C ILE G 413 10.45 27.56 -26.54
N LYS G 414 10.23 27.06 -25.34
CA LYS G 414 11.01 25.94 -24.82
C LYS G 414 10.09 24.72 -24.59
N GLN G 415 10.62 23.48 -24.70
CA GLN G 415 9.80 22.27 -24.53
C GLN G 415 10.07 21.50 -23.23
N ILE G 416 11.32 21.46 -22.81
CA ILE G 416 11.63 20.74 -21.57
C ILE G 416 11.77 21.76 -20.48
N ILE G 417 10.83 21.72 -19.57
CA ILE G 417 10.68 22.74 -18.57
C ILE G 417 11.04 22.26 -17.18
N ASN G 418 11.92 22.99 -16.51
CA ASN G 418 12.29 22.62 -15.15
C ASN G 418 11.16 22.85 -14.18
N MET G 419 10.37 23.89 -14.47
CA MET G 419 9.22 24.34 -13.67
C MET G 419 9.56 24.93 -12.34
N TRP G 420 10.22 24.15 -11.52
CA TRP G 420 10.52 24.57 -10.18
C TRP G 420 12.01 24.60 -9.94
N GLN G 421 12.36 25.01 -8.74
CA GLN G 421 13.75 25.09 -8.28
C GLN G 421 14.42 23.73 -8.12
N GLU G 422 13.62 22.68 -8.06
CA GLU G 422 14.10 21.31 -7.94
C GLU G 422 14.23 20.79 -9.36
N VAL G 423 15.44 20.43 -9.77
CA VAL G 423 15.68 20.06 -11.16
C VAL G 423 16.14 18.62 -11.40
N GLY G 424 15.82 17.70 -10.50
CA GLY G 424 16.18 16.29 -10.68
C GLY G 424 15.17 15.57 -11.58
N ARG G 425 14.16 16.31 -11.97
CA ARG G 425 13.07 15.89 -12.82
C ARG G 425 12.72 17.06 -13.70
N ALA G 426 12.12 16.79 -14.83
CA ALA G 426 11.68 17.86 -15.72
C ALA G 426 10.46 17.42 -16.46
N MET G 427 9.68 18.40 -16.90
CA MET G 427 8.49 18.10 -17.63
C MET G 427 8.64 18.40 -19.11
N TYR G 428 8.16 17.49 -19.94
CA TYR G 428 8.18 17.75 -21.37
C TYR G 428 6.82 18.15 -21.88
N ALA G 429 6.78 19.32 -22.49
CA ALA G 429 5.54 19.85 -22.99
C ALA G 429 5.34 19.37 -24.42
N PRO G 430 4.26 18.64 -24.73
CA PRO G 430 3.98 18.12 -26.04
C PRO G 430 3.66 19.36 -26.84
N PRO G 431 3.80 19.36 -28.15
CA PRO G 431 3.52 20.48 -29.01
C PRO G 431 2.05 20.77 -29.04
N ILE G 432 1.72 22.03 -29.25
CA ILE G 432 0.34 22.41 -29.36
C ILE G 432 -0.01 22.75 -30.80
N GLN G 433 -1.02 22.07 -31.31
CA GLN G 433 -1.50 22.25 -32.67
C GLN G 433 -2.23 23.57 -32.78
N GLY G 434 -2.19 24.19 -33.94
CA GLY G 434 -2.87 25.47 -34.13
C GLY G 434 -1.96 26.59 -33.62
N ASN G 435 -2.45 27.85 -33.64
CA ASN G 435 -1.73 29.05 -33.19
C ASN G 435 -2.24 29.44 -31.79
N ILE G 436 -1.39 30.22 -31.05
CA ILE G 436 -1.69 30.75 -29.71
C ILE G 436 -1.67 32.26 -29.65
N THR G 437 -2.73 32.83 -29.10
CA THR G 437 -2.86 34.26 -28.86
C THR G 437 -3.33 34.47 -27.44
N CYS G 438 -2.39 34.54 -26.51
CA CYS G 438 -2.69 34.61 -25.10
C CYS G 438 -2.85 36.05 -24.66
N VAL G 439 -4.02 36.39 -24.18
CA VAL G 439 -4.28 37.75 -23.77
C VAL G 439 -4.32 37.83 -22.27
N SER G 440 -3.44 38.62 -21.70
CA SER G 440 -3.36 38.71 -20.26
C SER G 440 -2.97 40.12 -19.87
N ASN G 441 -3.17 40.49 -18.58
CA ASN G 441 -2.76 41.79 -18.04
C ASN G 441 -1.75 41.65 -16.91
N ILE G 442 -0.87 42.66 -16.81
CA ILE G 442 0.13 42.83 -15.79
C ILE G 442 -0.55 43.56 -14.66
N THR G 443 -0.51 42.96 -13.50
CA THR G 443 -1.14 43.51 -12.33
C THR G 443 -0.09 44.01 -11.35
N GLY G 444 1.15 43.60 -11.59
CA GLY G 444 2.26 44.04 -10.76
C GLY G 444 3.59 43.66 -11.35
N LEU G 445 4.62 44.30 -10.85
CA LEU G 445 5.98 44.09 -11.33
C LEU G 445 6.86 43.56 -10.22
N ILE G 446 7.87 42.77 -10.57
CA ILE G 446 8.84 42.38 -9.55
C ILE G 446 10.16 43.06 -9.84
N LEU G 447 10.63 43.86 -8.91
CA LEU G 447 11.89 44.56 -9.10
C LEU G 447 12.92 44.26 -8.04
N THR G 448 14.17 44.34 -8.43
CA THR G 448 15.28 44.26 -7.49
C THR G 448 16.12 45.49 -7.77
N ARG G 449 17.04 45.81 -6.87
CA ARG G 449 17.88 46.98 -7.08
C ARG G 449 19.35 46.64 -6.92
N ASP G 450 20.24 47.39 -7.62
CA ASP G 450 21.69 47.25 -7.56
C ASP G 450 22.22 47.82 -6.24
N ASN G 455 25.27 57.61 -4.98
CA ASN G 455 24.96 57.77 -6.40
C ASN G 455 23.46 57.46 -6.58
N THR G 456 22.94 57.56 -7.82
CA THR G 456 21.54 57.28 -8.20
C THR G 456 21.38 55.79 -8.50
N GLU G 457 20.41 55.16 -7.85
CA GLU G 457 20.20 53.72 -7.98
C GLU G 457 19.52 53.28 -9.28
N THR G 458 19.82 52.03 -9.63
CA THR G 458 19.30 51.27 -10.76
C THR G 458 18.43 50.08 -10.35
N PHE G 459 17.28 49.95 -11.01
CA PHE G 459 16.34 48.86 -10.79
C PHE G 459 16.30 47.89 -11.96
N ARG G 460 16.09 46.62 -11.66
CA ARG G 460 16.03 45.59 -12.69
C ARG G 460 14.86 44.66 -12.47
N PRO G 461 14.33 44.02 -13.51
CA PRO G 461 13.29 43.02 -13.46
C PRO G 461 13.88 41.68 -13.03
N GLY G 462 14.31 41.66 -11.79
CA GLY G 462 14.90 40.47 -11.18
C GLY G 462 13.80 39.72 -10.49
N GLY G 463 14.12 38.90 -9.50
CA GLY G 463 13.04 38.15 -8.88
C GLY G 463 13.51 37.22 -7.78
N GLY G 464 12.55 36.49 -7.22
CA GLY G 464 12.75 35.57 -6.11
C GLY G 464 12.71 34.10 -6.52
N ASP G 465 12.14 33.28 -5.62
CA ASP G 465 12.05 31.83 -5.69
C ASP G 465 10.70 31.33 -6.16
N MET G 466 9.99 32.21 -6.83
CA MET G 466 8.66 32.01 -7.37
C MET G 466 7.60 31.93 -6.29
N ARG G 467 7.95 32.25 -5.02
CA ARG G 467 6.94 32.27 -3.98
C ARG G 467 6.29 33.62 -3.90
N ASP G 468 6.95 34.57 -4.55
CA ASP G 468 6.55 35.97 -4.63
C ASP G 468 5.22 36.07 -5.32
N ASN G 469 4.98 35.10 -6.19
CA ASN G 469 3.80 35.03 -6.97
C ASN G 469 2.57 34.78 -6.15
N TRP G 470 2.71 34.16 -4.97
CA TRP G 470 1.52 33.95 -4.19
C TRP G 470 1.53 34.90 -3.03
N ARG G 471 2.72 35.33 -2.63
CA ARG G 471 2.85 36.28 -1.55
C ARG G 471 2.18 37.59 -1.93
N SER G 472 2.23 37.91 -3.22
CA SER G 472 1.64 39.10 -3.79
C SER G 472 0.11 39.11 -3.68
N GLU G 473 -0.50 37.98 -3.40
CA GLU G 473 -1.94 37.92 -3.21
C GLU G 473 -2.23 37.69 -1.72
N LEU G 474 -1.42 36.86 -1.09
CA LEU G 474 -1.55 36.53 0.32
C LEU G 474 -0.80 37.50 1.20
N TYR G 475 -1.20 38.76 1.15
CA TYR G 475 -0.58 39.79 1.97
C TYR G 475 -1.62 40.40 2.87
N LYS G 476 -2.86 40.01 2.65
CA LYS G 476 -3.98 40.49 3.40
C LYS G 476 -4.46 39.47 4.37
N TYR G 477 -3.97 38.26 4.30
CA TYR G 477 -4.53 37.23 5.15
C TYR G 477 -3.54 36.63 6.09
N LYS G 478 -3.98 36.28 7.29
CA LYS G 478 -3.17 35.53 8.24
C LYS G 478 -4.02 34.49 8.97
N VAL G 479 -3.40 33.40 9.38
CA VAL G 479 -4.12 32.36 10.11
C VAL G 479 -3.92 32.44 11.61
N VAL G 480 -5.04 32.38 12.34
CA VAL G 480 -4.99 32.37 13.78
C VAL G 480 -5.77 31.20 14.35
N LYS G 481 -5.33 30.71 15.49
CA LYS G 481 -5.96 29.66 16.24
C LYS G 481 -6.95 30.24 17.20
N ILE G 482 -8.14 29.67 17.25
CA ILE G 482 -9.15 30.14 18.17
C ILE G 482 -8.87 29.57 19.54
N GLU G 483 -8.88 30.43 20.55
CA GLU G 483 -8.64 30.03 21.94
C GLU G 483 -9.86 30.38 22.80
N PRO G 484 -10.92 29.55 22.80
CA PRO G 484 -12.22 29.79 23.39
C PRO G 484 -12.25 29.76 24.90
N LEU G 485 -11.21 29.29 25.56
CA LEU G 485 -11.28 29.23 27.01
C LEU G 485 -10.58 30.42 27.63
N GLY G 486 -11.28 31.13 28.50
CA GLY G 486 -10.73 32.30 29.14
C GLY G 486 -9.87 31.90 30.33
N VAL G 487 -9.38 32.89 31.08
CA VAL G 487 -8.51 32.53 32.20
C VAL G 487 -9.05 32.94 33.55
N ALA G 488 -9.27 34.24 33.79
CA ALA G 488 -9.71 34.57 35.14
C ALA G 488 -10.33 35.95 35.38
N PRO G 489 -11.42 36.32 34.74
CA PRO G 489 -12.17 37.52 35.07
C PRO G 489 -12.88 37.26 36.38
N THR G 490 -13.24 38.28 37.13
CA THR G 490 -13.95 37.98 38.37
C THR G 490 -15.33 38.56 38.49
N ALA G 491 -16.17 37.80 39.19
CA ALA G 491 -17.53 38.14 39.55
C ALA G 491 -17.98 37.10 40.58
N CYS G 492 -18.93 37.42 41.52
CA CYS G 492 -19.52 36.44 42.46
C CYS G 492 -18.46 35.73 43.37
N LYS G 493 -18.95 34.80 44.18
CA LYS G 493 -18.15 33.94 45.01
C LYS G 493 -18.26 32.56 44.38
N ARG G 494 -18.80 31.58 45.09
CA ARG G 494 -18.93 30.25 44.49
C ARG G 494 -20.31 29.74 44.78
N ARG G 495 -20.86 28.99 43.82
CA ARG G 495 -22.20 28.43 43.98
C ARG G 495 -22.16 27.19 44.83
N VAL G 496 -21.99 27.41 46.11
CA VAL G 496 -21.88 26.30 47.04
C VAL G 496 -23.29 25.80 47.37
N VAL G 497 -23.52 24.47 47.20
CA VAL G 497 -24.81 23.78 47.45
C VAL G 497 -25.93 24.44 46.62
N THR H 18 -18.58 46.29 28.06
CA THR H 18 -18.27 45.59 29.30
C THR H 18 -18.27 44.03 29.15
N MET H 19 -18.25 43.53 27.87
CA MET H 19 -18.27 42.11 27.45
C MET H 19 -19.54 41.39 27.86
N GLY H 20 -20.57 42.15 28.21
CA GLY H 20 -21.86 41.60 28.59
C GLY H 20 -22.53 40.94 27.42
N ALA H 21 -22.64 41.68 26.32
CA ALA H 21 -23.29 41.17 25.11
C ALA H 21 -22.56 39.97 24.57
N ALA H 22 -21.25 39.96 24.73
CA ALA H 22 -20.37 38.91 24.26
C ALA H 22 -20.70 37.58 24.91
N SER H 23 -21.33 37.59 26.07
CA SER H 23 -21.63 36.34 26.74
C SER H 23 -22.66 35.56 25.95
N MET H 24 -23.40 36.22 25.09
CA MET H 24 -24.46 35.55 24.36
C MET H 24 -23.96 34.98 23.06
N THR H 25 -22.66 35.10 22.78
CA THR H 25 -22.10 34.57 21.56
C THR H 25 -21.24 33.38 21.91
N LEU H 26 -21.20 33.00 23.19
CA LEU H 26 -20.31 31.93 23.59
C LEU H 26 -20.71 30.63 22.91
N THR H 27 -22.03 30.44 22.79
CA THR H 27 -22.64 29.28 22.14
C THR H 27 -22.27 29.21 20.68
N VAL H 28 -22.27 30.35 20.04
CA VAL H 28 -22.01 30.43 18.63
C VAL H 28 -20.59 30.02 18.37
N GLN H 29 -19.67 30.49 19.18
CA GLN H 29 -18.32 30.06 18.94
C GLN H 29 -18.13 28.58 19.27
N ALA H 30 -18.73 28.10 20.36
CA ALA H 30 -18.54 26.70 20.74
C ALA H 30 -19.07 25.73 19.69
N ARG H 31 -20.17 26.06 19.04
CA ARG H 31 -20.77 25.16 18.08
C ARG H 31 -20.01 25.14 16.76
N ASN H 32 -19.02 26.02 16.59
CA ASN H 32 -18.27 26.04 15.35
C ASN H 32 -17.01 25.22 15.46
N LEU H 33 -16.80 24.58 16.62
CA LEU H 33 -15.59 23.79 16.80
C LEU H 33 -15.71 22.41 16.17
N LEU H 34 -16.94 21.88 16.10
CA LEU H 34 -17.18 20.58 15.49
C LEU H 34 -18.15 20.79 14.33
N SER H 35 -17.73 20.51 13.07
CA SER H 35 -18.52 20.68 11.83
C SER H 35 -19.41 21.94 11.84
N ASP H 57 -3.87 10.92 -4.24
CA ASP H 57 -4.25 11.78 -3.13
C ASP H 57 -4.07 11.10 -1.73
N THR H 58 -3.11 10.15 -1.59
CA THR H 58 -2.78 9.48 -0.31
C THR H 58 -2.21 10.49 0.68
N HIS H 59 -1.34 11.36 0.17
CA HIS H 59 -0.71 12.39 0.98
C HIS H 59 -1.78 13.31 1.52
N TRP H 60 -2.70 13.70 0.63
CA TRP H 60 -3.80 14.57 0.97
C TRP H 60 -4.66 13.90 2.03
N GLY H 61 -4.97 12.61 1.84
CA GLY H 61 -5.79 11.89 2.80
C GLY H 61 -5.17 11.92 4.20
N ILE H 62 -3.84 11.79 4.30
CA ILE H 62 -3.23 11.87 5.62
C ILE H 62 -3.40 13.27 6.19
N LYS H 63 -3.17 14.30 5.38
CA LYS H 63 -3.32 15.65 5.88
C LYS H 63 -4.75 15.92 6.36
N GLN H 64 -5.74 15.43 5.63
CA GLN H 64 -7.12 15.66 6.03
C GLN H 64 -7.47 14.92 7.30
N LEU H 65 -6.97 13.69 7.46
CA LEU H 65 -7.24 12.99 8.69
C LEU H 65 -6.57 13.66 9.85
N GLN H 66 -5.37 14.18 9.66
CA GLN H 66 -4.73 14.84 10.77
C GLN H 66 -5.51 16.07 11.18
N ALA H 67 -6.02 16.82 10.21
CA ALA H 67 -6.78 18.02 10.56
C ALA H 67 -8.04 17.67 11.33
N ARG H 68 -8.73 16.59 10.92
CA ARG H 68 -9.95 16.21 11.61
C ARG H 68 -9.68 15.73 13.01
N VAL H 69 -8.61 14.94 13.17
CA VAL H 69 -8.29 14.41 14.46
C VAL H 69 -7.90 15.52 15.40
N LEU H 70 -7.10 16.47 14.94
CA LEU H 70 -6.72 17.53 15.82
C LEU H 70 -7.91 18.37 16.21
N ALA H 71 -8.85 18.62 15.30
CA ALA H 71 -9.99 19.42 15.74
C ALA H 71 -10.69 18.72 16.90
N VAL H 72 -10.79 17.39 16.82
CA VAL H 72 -11.40 16.65 17.89
C VAL H 72 -10.57 16.71 19.14
N GLU H 73 -9.26 16.56 19.04
CA GLU H 73 -8.43 16.61 20.23
C GLU H 73 -8.53 17.96 20.92
N HIS H 74 -8.60 19.05 20.16
CA HIS H 74 -8.67 20.35 20.80
C HIS H 74 -10.00 20.50 21.51
N TYR H 75 -11.06 20.03 20.88
CA TYR H 75 -12.36 20.09 21.48
C TYR H 75 -12.38 19.34 22.79
N LEU H 76 -11.88 18.11 22.75
CA LEU H 76 -11.90 17.30 23.95
C LEU H 76 -10.97 17.82 25.00
N ARG H 77 -9.83 18.39 24.62
CA ARG H 77 -8.95 18.90 25.65
C ARG H 77 -9.65 19.98 26.45
N ASP H 78 -10.42 20.84 25.79
CA ASP H 78 -11.11 21.88 26.54
C ASP H 78 -12.22 21.30 27.38
N GLN H 79 -12.92 20.31 26.86
CA GLN H 79 -14.00 19.77 27.66
C GLN H 79 -13.47 19.01 28.86
N GLN H 80 -12.34 18.32 28.69
CA GLN H 80 -11.75 17.56 29.77
C GLN H 80 -11.30 18.50 30.86
N LEU H 81 -10.75 19.65 30.48
CA LEU H 81 -10.28 20.61 31.44
C LEU H 81 -11.45 21.24 32.20
N LEU H 82 -12.53 21.57 31.50
CA LEU H 82 -13.67 22.13 32.20
C LEU H 82 -14.23 21.07 33.14
N GLY H 83 -14.18 19.83 32.71
CA GLY H 83 -14.64 18.72 33.53
C GLY H 83 -13.85 18.60 34.83
N ILE H 84 -12.52 18.59 34.74
CA ILE H 84 -11.72 18.43 35.96
C ILE H 84 -11.93 19.59 36.92
N TRP H 85 -12.24 20.77 36.41
CA TRP H 85 -12.50 21.94 37.24
C TRP H 85 -13.91 21.97 37.82
N GLY H 86 -14.75 21.03 37.42
CA GLY H 86 -16.15 21.00 37.86
C GLY H 86 -17.12 21.93 37.10
N CYS H 87 -16.80 22.32 35.84
CA CYS H 87 -17.58 23.21 34.98
C CYS H 87 -18.21 22.47 33.81
N SER H 88 -18.26 21.16 33.86
CA SER H 88 -18.83 20.46 32.73
C SER H 88 -20.28 20.89 32.55
N GLY H 89 -20.67 21.13 31.31
CA GLY H 89 -22.03 21.53 30.99
C GLY H 89 -22.26 23.03 31.05
N LYS H 90 -21.26 23.80 31.42
CA LYS H 90 -21.43 25.24 31.50
C LYS H 90 -20.53 26.05 30.62
N LEU H 91 -21.09 27.08 30.00
CA LEU H 91 -20.27 28.01 29.24
C LEU H 91 -19.74 29.04 30.22
N ILE H 92 -20.50 29.30 31.28
CA ILE H 92 -20.09 30.22 32.30
C ILE H 92 -20.21 29.52 33.67
N CYS H 93 -19.15 29.50 34.50
CA CYS H 93 -19.13 28.88 35.84
C CYS H 93 -18.25 29.65 36.81
N THR H 94 -18.47 29.43 38.11
CA THR H 94 -17.66 30.11 39.11
C THR H 94 -16.94 29.13 40.02
N THR H 95 -15.84 29.60 40.58
CA THR H 95 -15.01 28.86 41.49
C THR H 95 -14.60 29.58 42.74
N ASN H 96 -13.81 28.89 43.54
CA ASN H 96 -13.20 29.44 44.73
C ASN H 96 -11.69 29.32 44.68
N VAL H 97 -11.08 30.43 44.34
CA VAL H 97 -9.63 30.55 44.25
C VAL H 97 -9.30 31.84 44.96
N PRO H 98 -8.08 32.02 45.46
CA PRO H 98 -7.61 33.21 46.12
C PRO H 98 -7.53 34.50 45.30
N TRP H 99 -7.52 34.43 43.96
CA TRP H 99 -7.39 35.66 43.16
C TRP H 99 -6.30 36.57 43.80
N ASN H 100 -5.08 35.99 43.91
CA ASN H 100 -3.89 36.44 44.61
C ASN H 100 -3.35 37.81 44.13
N SER H 101 -3.04 38.68 45.12
CA SER H 101 -2.52 40.05 45.03
C SER H 101 -1.12 40.10 44.43
N THR H 102 -0.47 38.95 44.35
CA THR H 102 0.85 38.86 43.74
C THR H 102 0.76 39.04 42.22
N TRP H 103 -0.46 38.98 41.66
CA TRP H 103 -0.64 39.20 40.25
C TRP H 103 -1.92 39.96 39.94
N SER H 104 -2.87 39.89 40.85
CA SER H 104 -4.14 40.56 40.68
C SER H 104 -4.14 41.96 41.28
N ASN H 105 -4.35 42.98 40.46
CA ASN H 105 -4.38 44.34 40.98
C ASN H 105 -5.82 44.70 41.31
N LYS H 106 -6.07 45.92 41.77
CA LYS H 106 -7.42 46.31 42.13
C LYS H 106 -8.30 46.50 40.91
N THR H 107 -9.50 45.95 40.97
CA THR H 107 -10.45 46.06 39.88
C THR H 107 -11.28 47.33 39.98
N LEU H 108 -11.93 47.65 38.89
CA LEU H 108 -12.75 48.83 38.76
C LEU H 108 -14.20 48.52 38.45
N SER H 109 -15.06 49.51 38.65
CA SER H 109 -16.49 49.39 38.42
C SER H 109 -16.85 49.35 36.94
N GLU H 110 -16.62 48.17 36.35
CA GLU H 110 -16.83 47.81 34.94
C GLU H 110 -15.95 48.56 33.93
N ILE H 111 -14.77 48.99 34.37
CA ILE H 111 -13.78 49.63 33.50
C ILE H 111 -12.63 48.66 33.25
N TRP H 112 -12.16 48.12 34.37
CA TRP H 112 -11.08 47.14 34.49
C TRP H 112 -11.55 45.90 33.78
N ASP H 113 -12.85 45.64 33.97
CA ASP H 113 -13.51 44.51 33.35
C ASP H 113 -13.74 45.05 31.94
N ASN H 114 -12.63 44.97 31.20
CA ASN H 114 -12.23 45.55 29.93
C ASN H 114 -13.14 45.30 28.78
N MET H 115 -13.08 46.20 27.83
CA MET H 115 -13.90 46.09 26.66
C MET H 115 -13.39 44.99 25.70
N THR H 116 -12.09 44.71 25.73
CA THR H 116 -11.46 43.78 24.79
C THR H 116 -10.83 42.51 25.42
N TRP H 117 -11.26 41.37 24.91
CA TRP H 117 -10.80 40.06 25.40
C TRP H 117 -9.35 39.81 25.06
N LEU H 118 -8.90 40.44 24.00
CA LEU H 118 -7.54 40.30 23.53
C LEU H 118 -6.60 41.07 24.46
N GLN H 119 -7.12 42.00 25.28
CA GLN H 119 -6.24 42.69 26.20
C GLN H 119 -6.05 41.76 27.38
N TRP H 120 -7.12 41.08 27.78
CA TRP H 120 -6.99 40.16 28.90
C TRP H 120 -6.06 39.02 28.55
N ASP H 121 -6.02 38.68 27.26
CA ASP H 121 -5.16 37.64 26.75
C ASP H 121 -3.68 38.04 26.88
N LYS H 122 -3.40 39.32 27.16
CA LYS H 122 -2.06 39.81 27.34
C LYS H 122 -1.77 40.12 28.82
N GLU H 123 -2.82 40.45 29.58
CA GLU H 123 -2.67 40.84 30.99
C GLU H 123 -2.98 39.78 32.06
N ILE H 124 -4.01 38.96 31.85
CA ILE H 124 -4.44 37.97 32.85
C ILE H 124 -3.76 36.66 32.53
N SER H 125 -3.66 36.38 31.24
CA SER H 125 -3.14 35.14 30.67
C SER H 125 -1.73 34.82 31.09
N ASN H 126 -1.05 35.81 31.61
CA ASN H 126 0.32 35.74 32.08
C ASN H 126 0.44 34.78 33.24
N TYR H 127 -0.70 34.53 33.89
CA TYR H 127 -0.81 33.68 35.05
C TYR H 127 -1.60 32.39 34.77
N THR H 128 -1.86 32.09 33.49
CA THR H 128 -2.70 30.93 33.16
C THR H 128 -2.18 29.66 33.81
N GLN H 129 -0.87 29.50 33.77
CA GLN H 129 -0.19 28.32 34.26
C GLN H 129 -0.30 28.14 35.78
N ILE H 130 -0.66 29.19 36.52
CA ILE H 130 -0.83 29.05 37.95
C ILE H 130 -2.32 28.93 38.25
N ILE H 131 -3.14 29.68 37.50
CA ILE H 131 -4.57 29.74 37.70
C ILE H 131 -5.21 28.42 37.40
N TYR H 132 -4.82 27.78 36.32
CA TYR H 132 -5.44 26.52 35.99
C TYR H 132 -5.12 25.50 37.07
N GLY H 133 -3.91 25.54 37.61
CA GLY H 133 -3.53 24.66 38.71
C GLY H 133 -4.39 24.93 39.95
N LEU H 134 -4.65 26.21 40.24
CA LEU H 134 -5.49 26.54 41.38
C LEU H 134 -6.90 26.03 41.18
N LEU H 135 -7.41 26.10 39.95
CA LEU H 135 -8.75 25.63 39.69
C LEU H 135 -8.83 24.13 39.91
N GLU H 136 -7.82 23.37 39.48
CA GLU H 136 -7.88 21.94 39.70
C GLU H 136 -7.80 21.63 41.19
N GLU H 137 -6.97 22.37 41.92
CA GLU H 137 -6.84 22.08 43.33
C GLU H 137 -8.09 22.45 44.08
N SER H 138 -8.73 23.54 43.71
CA SER H 138 -9.94 23.90 44.42
C SER H 138 -10.96 22.78 44.22
N GLN H 139 -11.08 22.22 43.01
CA GLN H 139 -12.01 21.12 42.84
C GLN H 139 -11.54 19.90 43.63
N ASN H 140 -10.22 19.67 43.72
CA ASN H 140 -9.75 18.51 44.46
C ASN H 140 -10.13 18.67 45.93
N GLN H 141 -10.08 19.92 46.43
CA GLN H 141 -10.45 20.20 47.80
C GLN H 141 -11.93 19.97 48.01
N GLN H 142 -12.75 20.32 47.02
CA GLN H 142 -14.16 20.08 47.16
C GLN H 142 -14.40 18.59 47.24
N GLU H 143 -13.67 17.81 46.45
CA GLU H 143 -13.90 16.39 46.51
C GLU H 143 -13.47 15.88 47.86
N LYS H 144 -12.34 16.38 48.38
CA LYS H 144 -11.85 15.91 49.67
C LYS H 144 -12.84 16.20 50.78
N ASN H 145 -13.47 17.36 50.70
CA ASN H 145 -14.44 17.75 51.69
C ASN H 145 -15.69 16.88 51.60
N GLU H 146 -16.01 16.38 50.40
CA GLU H 146 -17.17 15.54 50.19
C GLU H 146 -16.94 14.28 49.34
N THR H 147 -15.88 13.49 49.57
CA THR H 147 -15.73 12.23 48.81
C THR H 147 -16.77 11.27 49.36
N ASP H 148 -16.44 10.69 50.50
CA ASP H 148 -17.33 9.77 51.17
C ASP H 148 -17.38 9.95 52.70
N ASN H 149 -16.88 11.08 53.19
CA ASN H 149 -16.87 11.34 54.62
C ASN H 149 -18.19 11.90 55.16
N LEU H 150 -18.89 12.62 54.31
CA LEU H 150 -20.14 13.28 54.59
C LEU H 150 -21.17 12.89 53.58
N THR H 151 -22.43 12.88 54.00
CA THR H 151 -23.51 12.57 53.07
C THR H 151 -23.35 11.15 52.55
N CYS H 152 -24.35 10.64 51.81
CA CYS H 152 -24.40 9.28 51.27
C CYS H 152 -25.00 9.30 49.88
#